data_6KOB
#
_entry.id   6KOB
#
_cell.length_a   110.889
_cell.length_b   158.070
_cell.length_c   147.009
_cell.angle_alpha   90.000
_cell.angle_beta   107.470
_cell.angle_gamma   90.000
#
_symmetry.space_group_name_H-M   'P 1 21 1'
#
loop_
_entity.id
_entity.type
_entity.pdbx_description
1 polymer 'AA3-600 quinol oxidase subunit I'
2 polymer 'Quinol oxidase subunit 2'
3 polymer 'AA3-600 quinol oxidase subunit IIII'
4 polymer 'AA3-600 quinol oxidase subunit IV,Quinol oxidase subunit 4'
5 non-polymer HEME-A
6 non-polymer 'COPPER (II) ION'
7 non-polymer MENAQUINONE-7
#
loop_
_entity_poly.entity_id
_entity_poly.type
_entity_poly.pdbx_seq_one_letter_code
_entity_poly.pdbx_strand_id
1 'polypeptide(L)'
;MKFKWDEFFVTGDPLILGAQVSIALSTIAIIFVLTYFKKWKWLWSEWITTVDHKKLGIMYIISAVIMLFRGGVDGLMMRA
QLALPNNSFLDSNHYNEIFTTHGTIMIIFMAMPFLIGLINVVVPLQIGARDVAFPYLNNLSFWTFFVGAMLFNISFVIGG
SPNAGWTSYMPLASNDMSPGPGENYYLLGLQIAGIGTLMTGINFMVTILKMRTKGMTLMRMPMFTWTTLITMVIIVFAFP
VLTVALALLSFDRLFGAHFFTLEAGGMPMLWANLFWIWGHPEVYIVILPAFGIFSEIISSFARKQLFGYKAMVGSIIAIS
VLSFLVWTHHFFTMGNSASVNSFFSITTMAISIPTGVKIFNWLFTMYKGRISFTTPMLWALAFIPNFVIGGVTGVMLAMA
AADYQYHNTYFLVSHFHYVLIAGTVFACFAGFIFWYPKMFGHKLNERIGKWFFWIFMIGFNICFFPQYFLGLQGMPRRIY
TYGPNDGWTTLNFISTVGAFMMGVGFLILCYNIYYSFRYSTREISGDSWGVGRTLDWATSSAIPPHYNFAVLPEVKSQDA
FLHMKEEKTELYPESKFKKIHMPSNSGRPFFMSVAFGLAGFGLVFEWYWMGVVGLIGVLLCMVLRSFEYDNGYYISVDEI
KETERKISEHHHHHH
;
A,E
2 'polypeptide(L)'
;CSNASVLDPKGPVAEQQSDLILLSIGFMLFIVGVVFVLFTIILVKYRDRKGKDNGSYNPEIHGNTFLEVVWTVIPILIVI
ALSVPTVQTIYSLEKAPEATKDKEPLVVYATSVDWKWVFSYPEQDIETVNYLNIPVDRPILFKISSADSMASLWIPQLGG
QKYAMAGMLMDQYLQADKVGTYEGRNANFTGEHFADQEFDVNAVTEKDFNSWVKKTQNEAPKLTKEKYDELMLPENVDEL
TFSSTHLKYVDHGQDAEYAMEARKRLGYQAVSPHSKTDPFENVKKNEFKKSDDTEE
;
B,F
3 'polypeptide(L)'
;MEHAEHGNSNAPMEYQSETGRLNILGFWIFLGAEIVLFSTLFATFFVLKNRTAGGVLPDELFEVNLVMIMTFLLLISSFT
CGIAVHEMRRGSLKGVVIWTIITLLLGAGFVGCEINEFVHYVHEGAALSTSAFWSGFFVLLGTHGTHVTIGIFWITGILI
QLKKRGLTPQTSSKIFISSLYWHFLDVVWIFIFTGVYLMGLGGL
;
C,G
4 'polypeptide(L)'
;(UNK)(UNK)(UNK)(UNK)(UNK)(UNK)(UNK)(UNK)(UNK)(UNK)(UNK)(UNK)(UNK)(UNK)(UNK)(UNK)
(UNK)(UNK)(UNK)(UNK)(UNK)(UNK)(UNK)(UNK)(UNK)(UNK)(UNK)(UNK)(UNK)(UNK)(UNK)(UNK)
(UNK)(UNK)(UNK)(UNK)(UNK)(UNK)(UNK)(UNK)(UNK)(UNK)(UNK)(UNK)(UNK)(UNK)(UNK)FGFAF
IQAALQLLMFMHMTESENGTIQVGNTLFGFFGAIVIVLGSIWIFAAHYHHGDHMDGNPPGGAEHSEHSGHNE
;
D,H
#
loop_
_chem_comp.id
_chem_comp.type
_chem_comp.name
_chem_comp.formula
CU non-polymer 'COPPER (II) ION' 'Cu 2'
HEA non-polymer HEME-A 'C49 H56 Fe N4 O6'
MQ7 non-polymer MENAQUINONE-7 'C46 H64 O2'
#
# COMPACT_ATOMS: atom_id res chain seq x y z
N PRO A 14 -3.60 -19.09 -18.40
CA PRO A 14 -4.68 -18.27 -18.96
C PRO A 14 -5.09 -18.72 -20.36
N LEU A 15 -4.13 -19.25 -21.14
CA LEU A 15 -4.44 -19.70 -22.49
C LEU A 15 -5.34 -20.94 -22.46
N ILE A 16 -5.09 -21.84 -21.53
CA ILE A 16 -5.93 -23.05 -21.44
C ILE A 16 -7.33 -22.69 -20.99
N LEU A 17 -7.46 -21.79 -20.01
CA LEU A 17 -8.75 -21.40 -19.48
C LEU A 17 -9.60 -20.60 -20.45
N GLY A 18 -9.13 -20.39 -21.68
CA GLY A 18 -9.90 -19.67 -22.67
C GLY A 18 -10.74 -20.60 -23.52
N ALA A 19 -10.32 -21.85 -23.65
CA ALA A 19 -11.07 -22.82 -24.44
C ALA A 19 -12.26 -23.38 -23.66
N GLN A 20 -12.08 -23.64 -22.37
CA GLN A 20 -13.14 -24.26 -21.59
C GLN A 20 -14.33 -23.34 -21.39
N VAL A 21 -14.09 -22.02 -21.29
CA VAL A 21 -15.20 -21.09 -21.13
C VAL A 21 -16.08 -21.07 -22.37
N SER A 22 -15.50 -21.36 -23.54
CA SER A 22 -16.30 -21.52 -24.75
C SER A 22 -17.00 -22.87 -24.78
N ILE A 23 -16.33 -23.91 -24.26
CA ILE A 23 -16.96 -25.22 -24.19
C ILE A 23 -18.05 -25.23 -23.13
N ALA A 24 -17.84 -24.52 -22.02
CA ALA A 24 -18.88 -24.39 -21.01
C ALA A 24 -20.11 -23.69 -21.56
N LEU A 25 -19.90 -22.66 -22.39
CA LEU A 25 -21.02 -22.02 -23.07
C LEU A 25 -21.64 -22.92 -24.12
N SER A 26 -20.85 -23.81 -24.72
CA SER A 26 -21.38 -24.73 -25.72
C SER A 26 -22.31 -25.75 -25.10
N THR A 27 -21.89 -26.34 -23.97
CA THR A 27 -22.74 -27.33 -23.30
C THR A 27 -24.07 -26.72 -22.88
N ILE A 28 -24.06 -25.47 -22.41
CA ILE A 28 -25.30 -24.80 -22.08
C ILE A 28 -26.11 -24.52 -23.34
N ALA A 29 -25.44 -24.15 -24.43
CA ALA A 29 -26.13 -23.92 -25.69
C ALA A 29 -26.66 -25.22 -26.29
N ILE A 30 -25.96 -26.34 -26.04
CA ILE A 30 -26.43 -27.63 -26.53
C ILE A 30 -27.72 -28.03 -25.82
N ILE A 31 -27.84 -27.68 -24.54
CA ILE A 31 -29.04 -28.04 -23.78
C ILE A 31 -30.28 -27.35 -24.35
N PHE A 32 -30.12 -26.11 -24.81
CA PHE A 32 -31.26 -25.36 -25.32
C PHE A 32 -31.80 -25.97 -26.60
N VAL A 33 -30.92 -26.32 -27.53
CA VAL A 33 -31.35 -26.80 -28.84
C VAL A 33 -31.79 -28.26 -28.77
N LEU A 34 -30.94 -29.13 -28.25
CA LEU A 34 -31.23 -30.56 -28.31
C LEU A 34 -32.27 -30.99 -27.29
N THR A 35 -32.22 -30.44 -26.08
CA THR A 35 -33.07 -30.91 -24.99
C THR A 35 -34.28 -30.03 -24.73
N TYR A 36 -34.16 -28.71 -24.90
CA TYR A 36 -35.24 -27.80 -24.54
C TYR A 36 -36.20 -27.52 -25.69
N PHE A 37 -36.59 -28.55 -26.45
CA PHE A 37 -37.73 -28.39 -27.33
C PHE A 37 -39.00 -28.10 -26.54
N LYS A 38 -39.17 -28.77 -25.40
CA LYS A 38 -40.25 -28.54 -24.45
C LYS A 38 -40.00 -29.38 -23.21
N LYS A 39 -39.56 -28.74 -22.12
CA LYS A 39 -39.15 -29.46 -20.93
C LYS A 39 -40.04 -29.20 -19.71
N TRP A 40 -40.99 -28.27 -19.80
CA TRP A 40 -41.94 -28.04 -18.72
C TRP A 40 -43.07 -29.07 -18.80
N LYS A 41 -42.68 -30.34 -18.74
CA LYS A 41 -43.62 -31.45 -18.76
C LYS A 41 -42.96 -32.73 -18.29
N TRP A 42 -41.65 -32.84 -18.52
CA TRP A 42 -40.87 -33.97 -18.05
C TRP A 42 -39.74 -33.56 -17.11
N LEU A 43 -38.97 -32.54 -17.47
CA LEU A 43 -37.88 -32.10 -16.61
C LEU A 43 -38.41 -31.40 -15.36
N TRP A 44 -39.33 -30.46 -15.54
CA TRP A 44 -39.88 -29.74 -14.39
C TRP A 44 -40.94 -30.53 -13.65
N SER A 45 -41.51 -31.57 -14.26
CA SER A 45 -42.55 -32.36 -13.61
C SER A 45 -41.98 -33.59 -12.93
N GLU A 46 -41.57 -34.59 -13.73
CA GLU A 46 -41.06 -35.84 -13.18
C GLU A 46 -39.61 -35.75 -12.73
N TRP A 47 -39.00 -34.57 -12.78
CA TRP A 47 -37.61 -34.42 -12.36
C TRP A 47 -37.45 -33.06 -11.69
N ILE A 48 -36.19 -32.61 -11.56
CA ILE A 48 -35.85 -31.35 -10.92
C ILE A 48 -36.45 -31.27 -9.52
N THR A 49 -37.76 -30.98 -9.46
CA THR A 49 -38.46 -30.85 -8.19
C THR A 49 -39.24 -32.10 -7.83
N THR A 50 -38.84 -33.26 -8.34
CA THR A 50 -39.52 -34.50 -8.02
C THR A 50 -39.31 -34.89 -6.56
N VAL A 51 -40.21 -35.74 -6.06
CA VAL A 51 -40.20 -36.14 -4.67
C VAL A 51 -39.74 -37.58 -4.47
N ASP A 52 -39.97 -38.46 -5.44
CA ASP A 52 -39.56 -39.86 -5.33
C ASP A 52 -38.08 -39.98 -5.01
N HIS A 53 -37.78 -40.71 -3.92
CA HIS A 53 -36.39 -40.88 -3.50
C HIS A 53 -35.57 -41.61 -4.54
N LYS A 54 -36.21 -42.45 -5.37
CA LYS A 54 -35.48 -43.20 -6.38
C LYS A 54 -34.89 -42.27 -7.43
N LYS A 55 -35.61 -41.22 -7.80
CA LYS A 55 -35.11 -40.28 -8.80
C LYS A 55 -34.10 -39.31 -8.21
N LEU A 56 -34.23 -38.97 -6.93
CA LEU A 56 -33.28 -38.06 -6.30
C LEU A 56 -31.89 -38.68 -6.23
N GLY A 57 -31.80 -39.92 -5.76
CA GLY A 57 -30.53 -40.61 -5.70
C GLY A 57 -29.88 -40.83 -7.06
N ILE A 58 -30.67 -40.87 -8.12
CA ILE A 58 -30.12 -40.96 -9.46
C ILE A 58 -29.39 -39.67 -9.83
N MET A 59 -30.02 -38.53 -9.56
CA MET A 59 -29.38 -37.24 -9.83
C MET A 59 -28.18 -36.99 -8.92
N TYR A 60 -28.09 -37.70 -7.79
CA TYR A 60 -26.93 -37.56 -6.92
C TYR A 60 -25.68 -38.19 -7.54
N ILE A 61 -25.78 -39.45 -7.95
CA ILE A 61 -24.60 -40.14 -8.45
C ILE A 61 -24.26 -39.71 -9.87
N ILE A 62 -25.25 -39.28 -10.65
CA ILE A 62 -24.96 -38.80 -12.00
C ILE A 62 -24.23 -37.46 -11.94
N SER A 63 -24.33 -36.75 -10.81
CA SER A 63 -23.52 -35.56 -10.62
C SER A 63 -22.11 -35.92 -10.18
N ALA A 64 -21.97 -36.95 -9.34
CA ALA A 64 -20.65 -37.37 -8.90
C ALA A 64 -19.84 -37.95 -10.05
N VAL A 65 -20.49 -38.65 -10.99
CA VAL A 65 -19.79 -39.11 -12.18
C VAL A 65 -19.36 -37.92 -13.03
N ILE A 66 -20.18 -36.87 -13.06
CA ILE A 66 -19.79 -35.65 -13.76
C ILE A 66 -18.59 -35.01 -13.08
N MET A 67 -18.59 -34.97 -11.75
CA MET A 67 -17.44 -34.45 -11.02
C MET A 67 -16.23 -35.38 -11.11
N LEU A 68 -16.44 -36.65 -11.42
CA LEU A 68 -15.32 -37.57 -11.58
C LEU A 68 -14.47 -37.20 -12.79
N PHE A 69 -15.08 -36.70 -13.86
CA PHE A 69 -14.32 -36.27 -15.02
C PHE A 69 -13.66 -34.92 -14.80
N ARG A 70 -14.33 -34.02 -14.06
CA ARG A 70 -13.71 -32.75 -13.70
C ARG A 70 -12.51 -32.98 -12.78
N GLY A 71 -12.71 -33.77 -11.72
CA GLY A 71 -11.60 -34.16 -10.87
C GLY A 71 -10.61 -35.10 -11.51
N GLY A 72 -10.98 -35.71 -12.64
CA GLY A 72 -10.09 -36.61 -13.35
C GLY A 72 -9.08 -35.87 -14.20
N VAL A 73 -9.54 -34.95 -15.05
CA VAL A 73 -8.62 -34.17 -15.87
C VAL A 73 -7.72 -33.32 -14.98
N ASP A 74 -8.24 -32.84 -13.85
CA ASP A 74 -7.40 -32.08 -12.91
C ASP A 74 -6.38 -32.99 -12.25
N GLY A 75 -6.81 -34.17 -11.79
CA GLY A 75 -5.89 -35.09 -11.14
C GLY A 75 -4.86 -35.68 -12.09
N LEU A 76 -5.22 -35.83 -13.37
CA LEU A 76 -4.27 -36.37 -14.34
C LEU A 76 -3.20 -35.35 -14.71
N MET A 77 -3.62 -34.11 -15.01
CA MET A 77 -2.67 -33.08 -15.38
C MET A 77 -1.78 -32.68 -14.21
N MET A 78 -2.18 -32.95 -12.98
CA MET A 78 -1.30 -32.76 -11.83
C MET A 78 -0.08 -33.66 -11.95
N ARG A 79 -0.31 -34.97 -12.07
CA ARG A 79 0.79 -35.91 -12.17
C ARG A 79 1.47 -35.83 -13.54
N ALA A 80 0.74 -35.41 -14.57
CA ALA A 80 1.37 -35.13 -15.85
C ALA A 80 2.35 -33.97 -15.73
N GLN A 81 1.98 -32.96 -14.94
CA GLN A 81 2.93 -31.90 -14.61
C GLN A 81 4.08 -32.45 -13.75
N LEU A 82 3.77 -33.37 -12.85
CA LEU A 82 4.78 -33.98 -11.97
C LEU A 82 5.34 -35.27 -12.55
N ALA A 83 5.61 -35.31 -13.86
CA ALA A 83 6.21 -36.49 -14.45
C ALA A 83 7.69 -36.59 -14.12
N LEU A 84 8.42 -35.49 -14.25
CA LEU A 84 9.84 -35.44 -13.95
C LEU A 84 10.18 -34.00 -13.58
N PRO A 85 11.36 -33.78 -12.98
CA PRO A 85 11.78 -32.41 -12.66
C PRO A 85 11.84 -31.48 -13.86
N ASN A 86 12.13 -30.20 -13.59
CA ASN A 86 12.12 -29.11 -14.57
C ASN A 86 11.07 -29.28 -15.66
N ASN A 87 9.86 -29.68 -15.26
CA ASN A 87 8.74 -29.81 -16.19
C ASN A 87 7.93 -28.52 -16.21
N SER A 88 7.56 -28.08 -17.40
CA SER A 88 6.87 -26.79 -17.55
C SER A 88 5.46 -26.96 -18.11
N PHE A 89 4.67 -27.83 -17.50
CA PHE A 89 3.26 -27.95 -17.87
C PHE A 89 2.42 -26.90 -17.15
N LEU A 90 2.43 -26.93 -15.82
CA LEU A 90 1.69 -25.98 -15.00
C LEU A 90 2.67 -25.12 -14.21
N ASP A 91 2.36 -23.82 -14.13
CA ASP A 91 3.19 -22.91 -13.34
C ASP A 91 2.82 -23.00 -11.86
N SER A 92 3.23 -22.00 -11.08
CA SER A 92 2.97 -22.04 -9.64
C SER A 92 1.49 -21.84 -9.36
N ASN A 93 0.90 -20.74 -9.84
CA ASN A 93 -0.47 -20.40 -9.51
C ASN A 93 -1.51 -21.26 -10.23
N HIS A 94 -1.09 -22.25 -11.04
CA HIS A 94 -2.02 -23.19 -11.65
C HIS A 94 -1.99 -24.54 -10.97
N TYR A 95 -0.80 -25.09 -10.72
CA TYR A 95 -0.69 -26.30 -9.91
C TYR A 95 -1.25 -26.09 -8.51
N ASN A 96 -1.31 -24.84 -8.03
CA ASN A 96 -1.90 -24.55 -6.74
C ASN A 96 -3.42 -24.54 -6.79
N GLU A 97 -4.00 -24.13 -7.92
CA GLU A 97 -5.45 -24.11 -8.08
C GLU A 97 -6.00 -25.46 -8.52
N ILE A 98 -5.23 -26.21 -9.30
CA ILE A 98 -5.73 -27.48 -9.83
C ILE A 98 -5.76 -28.55 -8.74
N PHE A 99 -4.70 -28.62 -7.94
CA PHE A 99 -4.66 -29.64 -6.88
C PHE A 99 -5.64 -29.31 -5.76
N THR A 100 -5.93 -28.03 -5.53
CA THR A 100 -6.93 -27.65 -4.54
C THR A 100 -8.34 -28.02 -5.02
N THR A 101 -8.65 -27.69 -6.27
CA THR A 101 -9.94 -28.07 -6.85
C THR A 101 -10.10 -29.58 -6.88
N HIS A 102 -9.02 -30.31 -7.15
CA HIS A 102 -9.09 -31.76 -7.24
C HIS A 102 -9.52 -32.37 -5.91
N GLY A 103 -8.91 -31.92 -4.81
CA GLY A 103 -9.26 -32.48 -3.51
C GLY A 103 -10.65 -32.09 -3.04
N THR A 104 -11.05 -30.86 -3.32
CA THR A 104 -12.36 -30.38 -2.88
C THR A 104 -13.50 -30.95 -3.71
N ILE A 105 -13.27 -31.23 -4.99
CA ILE A 105 -14.31 -31.86 -5.81
C ILE A 105 -14.60 -33.26 -5.30
N MET A 106 -13.58 -33.97 -4.83
CA MET A 106 -13.80 -35.22 -4.13
C MET A 106 -14.27 -34.94 -2.71
N ILE A 107 -14.63 -36.02 -2.01
CA ILE A 107 -15.07 -35.97 -0.61
C ILE A 107 -16.33 -35.12 -0.47
N ILE A 108 -16.27 -33.87 -0.91
CA ILE A 108 -17.38 -32.94 -0.76
C ILE A 108 -18.37 -33.06 -1.91
N PHE A 109 -17.89 -32.96 -3.15
CA PHE A 109 -18.75 -32.93 -4.32
C PHE A 109 -18.72 -34.21 -5.14
N MET A 110 -17.99 -35.24 -4.69
CA MET A 110 -17.96 -36.52 -5.39
C MET A 110 -18.34 -37.67 -4.46
N ALA A 111 -17.55 -37.94 -3.42
CA ALA A 111 -17.84 -39.07 -2.53
C ALA A 111 -19.11 -38.81 -1.71
N MET A 112 -19.39 -37.55 -1.38
CA MET A 112 -20.62 -37.26 -0.63
C MET A 112 -21.87 -37.45 -1.48
N PRO A 113 -21.97 -36.92 -2.70
CA PRO A 113 -23.16 -37.20 -3.51
C PRO A 113 -23.23 -38.61 -4.05
N PHE A 114 -22.10 -39.31 -4.11
CA PHE A 114 -22.09 -40.69 -4.61
C PHE A 114 -22.53 -41.66 -3.52
N LEU A 115 -22.09 -41.44 -2.29
CA LEU A 115 -22.50 -42.31 -1.19
C LEU A 115 -23.96 -42.08 -0.81
N ILE A 116 -24.34 -40.82 -0.60
CA ILE A 116 -25.74 -40.52 -0.29
C ILE A 116 -26.62 -40.91 -1.45
N GLY A 117 -26.13 -40.80 -2.68
CA GLY A 117 -26.89 -41.27 -3.83
C GLY A 117 -27.17 -42.76 -3.77
N LEU A 118 -26.19 -43.54 -3.33
CA LEU A 118 -26.41 -44.96 -3.08
C LEU A 118 -27.16 -45.20 -1.78
N ILE A 119 -27.29 -44.19 -0.92
CA ILE A 119 -28.08 -44.29 0.29
C ILE A 119 -29.52 -43.82 0.05
N ASN A 120 -29.69 -42.75 -0.71
CA ASN A 120 -31.03 -42.23 -1.04
C ASN A 120 -31.77 -43.12 -2.03
N VAL A 121 -31.29 -44.33 -2.31
CA VAL A 121 -31.92 -45.21 -3.28
C VAL A 121 -32.04 -46.61 -2.70
N VAL A 122 -30.95 -47.11 -2.12
CA VAL A 122 -30.91 -48.49 -1.63
C VAL A 122 -31.47 -48.60 -0.22
N VAL A 123 -31.18 -47.61 0.63
CA VAL A 123 -31.64 -47.68 2.02
C VAL A 123 -33.16 -47.66 2.14
N PRO A 124 -33.89 -46.75 1.48
CA PRO A 124 -35.36 -46.75 1.63
C PRO A 124 -36.04 -47.99 1.07
N LEU A 125 -35.39 -48.73 0.17
CA LEU A 125 -35.99 -49.97 -0.31
C LEU A 125 -35.76 -51.12 0.67
N GLN A 126 -34.56 -51.23 1.23
CA GLN A 126 -34.22 -52.31 2.14
C GLN A 126 -34.90 -52.19 3.50
N ILE A 127 -35.63 -51.09 3.75
CA ILE A 127 -36.38 -50.95 5.00
C ILE A 127 -37.87 -51.20 4.81
N GLY A 128 -38.36 -51.25 3.57
CA GLY A 128 -39.76 -51.52 3.30
C GLY A 128 -40.65 -50.31 3.29
N ALA A 129 -40.15 -49.15 3.70
CA ALA A 129 -40.96 -47.94 3.75
C ALA A 129 -41.21 -47.40 2.35
N ARG A 130 -42.17 -46.47 2.27
CA ARG A 130 -42.46 -45.77 1.02
C ARG A 130 -41.28 -44.91 0.59
N ASP A 131 -41.25 -43.67 1.07
CA ASP A 131 -40.12 -42.78 0.80
C ASP A 131 -39.29 -42.59 2.06
N VAL A 132 -38.83 -41.36 2.30
CA VAL A 132 -38.07 -41.05 3.51
C VAL A 132 -38.98 -40.29 4.47
N ALA A 133 -38.41 -39.83 5.59
CA ALA A 133 -39.20 -39.15 6.60
C ALA A 133 -39.80 -37.86 6.06
N PHE A 134 -38.96 -37.01 5.46
CA PHE A 134 -39.39 -35.74 4.90
C PHE A 134 -38.96 -35.69 3.44
N PRO A 135 -39.70 -36.35 2.54
CA PRO A 135 -39.31 -36.34 1.13
C PRO A 135 -39.35 -34.96 0.48
N TYR A 136 -39.87 -33.95 1.19
CA TYR A 136 -39.87 -32.57 0.69
C TYR A 136 -38.56 -31.86 0.98
N LEU A 137 -38.07 -31.96 2.22
CA LEU A 137 -36.78 -31.37 2.55
C LEU A 137 -35.64 -32.10 1.87
N ASN A 138 -35.81 -33.39 1.58
CA ASN A 138 -34.80 -34.13 0.83
C ASN A 138 -34.72 -33.68 -0.61
N ASN A 139 -35.78 -33.07 -1.14
CA ASN A 139 -35.73 -32.52 -2.49
C ASN A 139 -34.74 -31.36 -2.58
N LEU A 140 -34.88 -30.37 -1.70
CA LEU A 140 -33.95 -29.25 -1.71
C LEU A 140 -32.56 -29.70 -1.28
N SER A 141 -32.46 -30.76 -0.48
CA SER A 141 -31.16 -31.27 -0.05
C SER A 141 -30.30 -31.75 -1.22
N PHE A 142 -30.90 -31.93 -2.40
CA PHE A 142 -30.12 -32.19 -3.60
C PHE A 142 -29.69 -30.90 -4.28
N TRP A 143 -30.64 -29.99 -4.50
CA TRP A 143 -30.31 -28.71 -5.13
C TRP A 143 -29.46 -27.83 -4.22
N THR A 144 -29.63 -27.97 -2.90
CA THR A 144 -28.78 -27.23 -1.97
C THR A 144 -27.31 -27.61 -2.15
N PHE A 145 -27.05 -28.88 -2.50
CA PHE A 145 -25.70 -29.27 -2.88
C PHE A 145 -25.40 -28.86 -4.32
N PHE A 146 -26.39 -28.94 -5.20
CA PHE A 146 -26.14 -28.68 -6.62
C PHE A 146 -25.81 -27.22 -6.87
N VAL A 147 -26.50 -26.30 -6.19
CA VAL A 147 -26.15 -24.89 -6.32
C VAL A 147 -24.80 -24.62 -5.66
N GLY A 148 -24.44 -25.41 -4.64
CA GLY A 148 -23.10 -25.34 -4.10
C GLY A 148 -22.06 -25.98 -5.00
N ALA A 149 -22.47 -26.92 -5.86
CA ALA A 149 -21.56 -27.49 -6.84
C ALA A 149 -21.34 -26.55 -8.02
N MET A 150 -22.43 -25.95 -8.53
CA MET A 150 -22.29 -24.96 -9.59
C MET A 150 -21.52 -23.73 -9.11
N LEU A 151 -21.68 -23.36 -7.84
CA LEU A 151 -20.89 -22.28 -7.27
C LEU A 151 -19.39 -22.61 -7.34
N PHE A 152 -19.01 -23.78 -6.83
CA PHE A 152 -17.60 -24.14 -6.80
C PHE A 152 -17.07 -24.42 -8.20
N ASN A 153 -17.94 -24.83 -9.13
CA ASN A 153 -17.48 -25.13 -10.49
C ASN A 153 -17.37 -23.89 -11.35
N ILE A 154 -18.18 -22.86 -11.09
CA ILE A 154 -18.11 -21.64 -11.88
C ILE A 154 -16.83 -20.84 -11.62
N SER A 155 -16.05 -21.22 -10.61
CA SER A 155 -14.75 -20.61 -10.34
C SER A 155 -13.70 -20.96 -11.39
N PHE A 156 -14.10 -21.64 -12.46
CA PHE A 156 -13.16 -22.06 -13.49
C PHE A 156 -12.62 -20.87 -14.27
N VAL A 157 -13.51 -20.08 -14.86
CA VAL A 157 -13.10 -18.94 -15.69
C VAL A 157 -13.76 -17.66 -15.19
N ILE A 158 -14.94 -17.79 -14.58
CA ILE A 158 -15.70 -16.62 -14.15
C ILE A 158 -14.93 -15.84 -13.08
N GLY A 159 -14.33 -16.55 -12.12
CA GLY A 159 -13.57 -15.90 -11.08
C GLY A 159 -12.17 -16.46 -10.92
N GLY A 160 -11.97 -17.26 -9.87
CA GLY A 160 -10.67 -17.85 -9.63
C GLY A 160 -10.75 -19.02 -8.66
N SER A 161 -10.22 -20.16 -9.07
CA SER A 161 -10.23 -21.33 -8.21
C SER A 161 -9.32 -21.10 -7.00
N PRO A 162 -9.69 -21.61 -5.83
CA PRO A 162 -8.82 -21.44 -4.65
C PRO A 162 -7.51 -22.20 -4.82
N ASN A 163 -6.48 -21.70 -4.13
CA ASN A 163 -5.13 -22.24 -4.26
C ASN A 163 -4.48 -22.40 -2.89
N ALA A 164 -5.26 -22.84 -1.91
CA ALA A 164 -4.75 -23.03 -0.55
C ALA A 164 -4.91 -24.47 -0.07
N GLY A 165 -5.31 -25.39 -0.93
CA GLY A 165 -5.57 -26.76 -0.55
C GLY A 165 -6.99 -26.97 -0.06
N TRP A 166 -7.37 -28.25 0.05
CA TRP A 166 -8.70 -28.57 0.55
C TRP A 166 -8.85 -28.18 2.01
N THR A 167 -7.76 -28.18 2.77
CA THR A 167 -7.80 -27.66 4.13
C THR A 167 -7.93 -26.13 4.11
N SER A 168 -7.05 -25.46 3.37
CA SER A 168 -7.06 -24.01 3.21
C SER A 168 -6.96 -23.30 4.57
N TYR A 169 -5.76 -23.35 5.12
CA TYR A 169 -5.49 -22.69 6.39
C TYR A 169 -5.68 -21.19 6.27
N MET A 170 -6.03 -20.55 7.40
CA MET A 170 -6.38 -19.13 7.36
C MET A 170 -5.19 -18.22 7.08
N PRO A 171 -4.04 -18.36 7.73
CA PRO A 171 -2.94 -17.40 7.48
C PRO A 171 -2.52 -17.28 6.01
N LEU A 172 -2.93 -18.22 5.16
CA LEU A 172 -2.70 -18.09 3.73
C LEU A 172 -4.03 -18.14 2.99
N ALA A 173 -5.00 -17.34 3.45
CA ALA A 173 -6.34 -17.36 2.88
C ALA A 173 -7.01 -16.00 2.76
N SER A 174 -6.64 -15.01 3.57
CA SER A 174 -7.30 -13.72 3.53
C SER A 174 -6.54 -12.73 2.63
N ASN A 175 -5.68 -11.93 3.23
CA ASN A 175 -4.90 -10.94 2.47
C ASN A 175 -3.54 -11.48 2.04
N ASP A 176 -2.92 -12.35 2.85
CA ASP A 176 -1.67 -12.96 2.46
C ASP A 176 -1.84 -13.83 1.22
N MET A 177 -3.04 -14.42 1.04
CA MET A 177 -3.36 -15.15 -0.18
C MET A 177 -3.39 -14.19 -1.37
N SER A 178 -4.41 -13.30 -1.39
CA SER A 178 -4.63 -12.11 -2.20
C SER A 178 -5.79 -12.22 -3.19
N PRO A 179 -6.01 -13.34 -3.90
CA PRO A 179 -7.17 -13.41 -4.80
C PRO A 179 -8.48 -13.26 -4.04
N GLY A 180 -9.26 -12.26 -4.43
CA GLY A 180 -10.54 -12.01 -3.84
C GLY A 180 -11.53 -13.14 -4.02
N PRO A 181 -11.91 -13.43 -5.27
CA PRO A 181 -12.90 -14.50 -5.51
C PRO A 181 -12.27 -15.88 -5.56
N GLY A 182 -11.33 -16.15 -4.66
CA GLY A 182 -10.70 -17.46 -4.59
C GLY A 182 -11.24 -18.31 -3.45
N GLU A 183 -10.88 -17.95 -2.22
CA GLU A 183 -11.38 -18.67 -1.05
C GLU A 183 -12.87 -18.44 -0.82
N ASN A 184 -13.44 -17.40 -1.43
CA ASN A 184 -14.87 -17.12 -1.25
C ASN A 184 -15.72 -18.25 -1.82
N TYR A 185 -15.34 -18.79 -2.98
CA TYR A 185 -16.06 -19.92 -3.55
C TYR A 185 -16.01 -21.12 -2.61
N TYR A 186 -14.82 -21.43 -2.08
CA TYR A 186 -14.70 -22.51 -1.11
C TYR A 186 -15.52 -22.24 0.15
N LEU A 187 -15.73 -20.96 0.49
CA LEU A 187 -16.48 -20.62 1.69
C LEU A 187 -17.98 -20.72 1.45
N LEU A 188 -18.48 -20.06 0.42
CA LEU A 188 -19.91 -20.07 0.15
C LEU A 188 -20.37 -21.35 -0.55
N GLY A 189 -19.46 -22.01 -1.28
CA GLY A 189 -19.84 -23.24 -1.95
C GLY A 189 -20.14 -24.37 -0.98
N LEU A 190 -19.27 -24.55 0.02
CA LEU A 190 -19.50 -25.61 0.99
C LEU A 190 -20.52 -25.22 2.05
N GLN A 191 -20.66 -23.91 2.32
CA GLN A 191 -21.63 -23.46 3.32
C GLN A 191 -23.05 -23.81 2.90
N ILE A 192 -23.35 -23.70 1.61
CA ILE A 192 -24.68 -24.09 1.12
C ILE A 192 -24.81 -25.60 1.13
N ALA A 193 -23.83 -26.31 0.58
CA ALA A 193 -23.87 -27.76 0.56
C ALA A 193 -23.90 -28.35 1.97
N GLY A 194 -23.39 -27.63 2.95
CA GLY A 194 -23.48 -28.10 4.32
C GLY A 194 -24.89 -28.08 4.86
N ILE A 195 -25.73 -27.17 4.36
CA ILE A 195 -27.13 -27.13 4.78
C ILE A 195 -27.89 -28.32 4.20
N GLY A 196 -27.67 -28.62 2.92
CA GLY A 196 -28.35 -29.76 2.32
C GLY A 196 -27.89 -31.09 2.88
N THR A 197 -26.58 -31.22 3.15
CA THR A 197 -26.07 -32.46 3.71
C THR A 197 -26.51 -32.65 5.15
N LEU A 198 -26.65 -31.55 5.91
CA LEU A 198 -27.13 -31.66 7.28
C LEU A 198 -28.56 -32.19 7.31
N MET A 199 -29.39 -31.74 6.37
CA MET A 199 -30.76 -32.24 6.30
C MET A 199 -30.81 -33.67 5.80
N THR A 200 -29.81 -34.08 5.01
CA THR A 200 -29.75 -35.47 4.57
C THR A 200 -29.48 -36.42 5.72
N GLY A 201 -28.74 -35.96 6.73
CA GLY A 201 -28.51 -36.77 7.91
C GLY A 201 -29.64 -36.72 8.93
N ILE A 202 -30.50 -35.71 8.84
CA ILE A 202 -31.67 -35.63 9.71
C ILE A 202 -32.85 -36.41 9.13
N ASN A 203 -32.99 -36.40 7.81
CA ASN A 203 -34.07 -37.15 7.16
C ASN A 203 -33.91 -38.64 7.40
N PHE A 204 -32.71 -39.17 7.19
CA PHE A 204 -32.49 -40.61 7.30
C PHE A 204 -32.36 -41.09 8.74
N MET A 205 -32.09 -40.18 9.68
CA MET A 205 -32.06 -40.58 11.09
C MET A 205 -33.46 -40.89 11.61
N VAL A 206 -34.48 -40.23 11.05
CA VAL A 206 -35.86 -40.52 11.44
C VAL A 206 -36.51 -41.52 10.49
N THR A 207 -36.08 -41.57 9.23
CA THR A 207 -36.63 -42.54 8.29
C THR A 207 -36.34 -43.97 8.76
N ILE A 208 -35.15 -44.20 9.32
CA ILE A 208 -34.75 -45.53 9.76
C ILE A 208 -35.17 -45.80 11.19
N LEU A 209 -35.76 -44.83 11.88
CA LEU A 209 -36.17 -45.00 13.27
C LEU A 209 -37.68 -45.09 13.46
N LYS A 210 -38.47 -44.46 12.59
CA LYS A 210 -39.92 -44.44 12.76
C LYS A 210 -40.71 -44.89 11.54
N MET A 211 -40.04 -45.30 10.45
CA MET A 211 -40.74 -45.68 9.23
C MET A 211 -40.44 -47.13 8.82
N ARG A 212 -39.80 -47.91 9.68
CA ARG A 212 -39.53 -49.30 9.35
C ARG A 212 -40.82 -50.09 9.25
N THR A 213 -40.78 -51.17 8.47
CA THR A 213 -41.93 -52.05 8.34
C THR A 213 -42.07 -52.93 9.58
N LYS A 214 -43.26 -53.52 9.74
CA LYS A 214 -43.50 -54.43 10.85
C LYS A 214 -42.60 -55.66 10.73
N GLY A 215 -41.99 -56.05 11.84
CA GLY A 215 -41.08 -57.16 11.87
C GLY A 215 -39.62 -56.80 11.70
N MET A 216 -39.32 -55.67 11.06
CA MET A 216 -37.94 -55.23 10.89
C MET A 216 -37.38 -54.79 12.24
N THR A 217 -36.81 -55.73 12.99
CA THR A 217 -36.25 -55.42 14.29
C THR A 217 -35.06 -54.48 14.16
N LEU A 218 -34.76 -53.77 15.27
CA LEU A 218 -33.71 -52.77 15.23
C LEU A 218 -32.33 -53.40 15.15
N MET A 219 -32.10 -54.48 15.90
CA MET A 219 -30.78 -55.08 15.95
C MET A 219 -30.41 -55.81 14.65
N ARG A 220 -31.39 -56.11 13.79
CA ARG A 220 -31.13 -56.84 12.55
C ARG A 220 -31.94 -56.17 11.44
N MET A 221 -31.28 -55.38 10.60
CA MET A 221 -32.01 -54.66 9.57
C MET A 221 -31.27 -54.33 8.27
N PRO A 222 -30.13 -54.96 7.93
CA PRO A 222 -29.20 -55.92 8.55
C PRO A 222 -27.95 -55.24 9.14
N MET A 223 -27.06 -54.74 8.28
CA MET A 223 -25.83 -54.11 8.75
C MET A 223 -25.46 -52.92 7.87
N PHE A 224 -25.72 -53.00 6.57
CA PHE A 224 -25.47 -51.86 5.69
C PHE A 224 -26.36 -50.68 6.08
N THR A 225 -27.65 -50.94 6.27
CA THR A 225 -28.55 -49.90 6.77
C THR A 225 -28.18 -49.47 8.17
N TRP A 226 -27.45 -50.29 8.92
CA TRP A 226 -26.92 -49.88 10.22
C TRP A 226 -25.79 -48.89 10.04
N THR A 227 -24.92 -49.12 9.06
CA THR A 227 -23.86 -48.16 8.77
C THR A 227 -24.43 -46.83 8.29
N THR A 228 -25.49 -46.87 7.49
CA THR A 228 -26.19 -45.65 7.11
C THR A 228 -26.77 -44.94 8.33
N LEU A 229 -27.27 -45.72 9.30
CA LEU A 229 -27.74 -45.13 10.54
C LEU A 229 -26.61 -44.42 11.27
N ILE A 230 -25.42 -45.00 11.28
CA ILE A 230 -24.27 -44.36 11.91
C ILE A 230 -23.76 -43.22 11.03
N THR A 231 -23.87 -43.35 9.72
CA THR A 231 -23.43 -42.30 8.81
C THR A 231 -24.21 -41.01 9.06
N MET A 232 -25.52 -41.11 9.19
CA MET A 232 -26.37 -39.95 9.38
C MET A 232 -26.40 -39.48 10.83
N VAL A 233 -25.76 -40.20 11.75
CA VAL A 233 -25.63 -39.71 13.13
C VAL A 233 -24.46 -38.74 13.24
N ILE A 234 -23.33 -39.06 12.58
CA ILE A 234 -22.19 -38.17 12.63
C ILE A 234 -22.46 -36.91 11.83
N ILE A 235 -23.28 -36.99 10.79
CA ILE A 235 -23.61 -35.81 9.99
C ILE A 235 -24.32 -34.77 10.86
N VAL A 236 -25.23 -35.22 11.72
CA VAL A 236 -25.99 -34.28 12.55
C VAL A 236 -25.08 -33.56 13.54
N PHE A 237 -24.05 -34.23 14.05
CA PHE A 237 -23.19 -33.66 15.08
C PHE A 237 -21.84 -33.20 14.55
N ALA A 238 -21.52 -33.46 13.29
CA ALA A 238 -20.27 -33.02 12.69
C ALA A 238 -20.55 -32.40 11.31
N PHE A 239 -21.29 -31.29 11.34
CA PHE A 239 -21.61 -30.49 10.16
C PHE A 239 -22.08 -29.11 10.60
N PRO A 240 -22.82 -28.98 11.70
CA PRO A 240 -22.99 -27.63 12.29
C PRO A 240 -21.66 -26.97 12.62
N VAL A 241 -20.63 -27.74 12.93
CA VAL A 241 -19.29 -27.18 13.09
C VAL A 241 -18.84 -26.54 11.79
N LEU A 242 -18.92 -27.29 10.68
CA LEU A 242 -18.57 -26.75 9.37
C LEU A 242 -19.45 -25.57 8.99
N THR A 243 -20.68 -25.53 9.52
CA THR A 243 -21.60 -24.46 9.17
C THR A 243 -21.13 -23.12 9.74
N VAL A 244 -20.54 -23.13 10.94
CA VAL A 244 -20.05 -21.90 11.56
C VAL A 244 -18.56 -21.72 11.28
N ALA A 245 -17.83 -22.83 11.15
CA ALA A 245 -16.40 -22.74 10.85
C ALA A 245 -16.17 -21.98 9.55
N LEU A 246 -17.03 -22.20 8.56
CA LEU A 246 -16.98 -21.39 7.34
C LEU A 246 -17.63 -20.03 7.56
N ALA A 247 -18.70 -19.98 8.36
CA ALA A 247 -19.36 -18.71 8.63
C ALA A 247 -18.43 -17.74 9.36
N LEU A 248 -17.62 -18.27 10.29
CA LEU A 248 -16.58 -17.45 10.90
C LEU A 248 -15.56 -16.99 9.87
N LEU A 249 -15.11 -17.93 9.02
CA LEU A 249 -14.15 -17.57 7.98
C LEU A 249 -14.79 -16.69 6.91
N SER A 250 -16.08 -16.87 6.62
CA SER A 250 -16.76 -16.00 5.67
C SER A 250 -16.89 -14.59 6.22
N PHE A 251 -16.90 -14.42 7.55
CA PHE A 251 -16.92 -13.09 8.14
C PHE A 251 -15.54 -12.44 8.10
N ASP A 252 -14.47 -13.24 8.16
CA ASP A 252 -13.13 -12.68 8.09
C ASP A 252 -12.85 -12.11 6.71
N ARG A 253 -13.20 -12.86 5.67
CA ARG A 253 -12.91 -12.43 4.30
C ARG A 253 -13.78 -11.23 3.90
N LEU A 254 -15.09 -11.35 4.09
CA LEU A 254 -16.04 -10.36 3.56
C LEU A 254 -16.35 -9.28 4.60
N PHE A 255 -17.11 -9.65 5.64
CA PHE A 255 -17.62 -8.69 6.61
C PHE A 255 -16.55 -8.13 7.54
N GLY A 256 -15.27 -8.42 7.32
CA GLY A 256 -14.20 -7.83 8.10
C GLY A 256 -14.18 -8.27 9.55
N ALA A 257 -14.09 -9.58 9.79
CA ALA A 257 -13.95 -10.12 11.13
C ALA A 257 -12.51 -10.54 11.36
N HIS A 258 -12.15 -10.65 12.64
CA HIS A 258 -10.78 -10.99 13.01
C HIS A 258 -10.74 -12.23 13.90
N PHE A 259 -11.43 -13.29 13.49
CA PHE A 259 -11.40 -14.54 14.25
C PHE A 259 -10.03 -15.19 14.16
N PHE A 260 -9.46 -15.26 12.96
CA PHE A 260 -8.16 -15.90 12.77
C PHE A 260 -7.23 -15.05 11.91
N THR A 261 -7.52 -13.76 11.76
CA THR A 261 -6.64 -12.89 10.99
C THR A 261 -5.35 -12.61 11.75
N LEU A 262 -4.24 -12.59 11.01
CA LEU A 262 -2.94 -12.37 11.64
C LEU A 262 -2.78 -10.94 12.12
N GLU A 263 -3.47 -9.99 11.49
CA GLU A 263 -3.30 -8.57 11.78
C GLU A 263 -3.79 -8.22 13.18
N ALA A 264 -5.10 -8.33 13.41
CA ALA A 264 -5.66 -7.91 14.70
C ALA A 264 -5.29 -8.82 15.86
N GLY A 265 -4.40 -9.80 15.68
CA GLY A 265 -3.94 -10.64 16.77
C GLY A 265 -4.62 -11.99 16.88
N GLY A 266 -5.74 -12.19 16.17
CA GLY A 266 -6.49 -13.43 16.25
C GLY A 266 -5.68 -14.70 16.06
N MET A 267 -6.11 -15.77 16.73
CA MET A 267 -5.39 -17.05 16.68
C MET A 267 -5.42 -17.63 15.27
N PRO A 268 -4.28 -17.80 14.60
CA PRO A 268 -4.30 -18.42 13.27
C PRO A 268 -4.62 -19.91 13.32
N MET A 269 -4.21 -20.62 14.37
CA MET A 269 -4.45 -22.04 14.49
C MET A 269 -5.85 -22.39 14.98
N LEU A 270 -6.64 -21.40 15.41
CA LEU A 270 -7.99 -21.69 15.91
C LEU A 270 -8.89 -22.24 14.82
N TRP A 271 -8.73 -21.77 13.58
CA TRP A 271 -9.53 -22.29 12.49
C TRP A 271 -9.16 -23.72 12.12
N ALA A 272 -7.94 -24.16 12.49
CA ALA A 272 -7.53 -25.52 12.16
C ALA A 272 -8.29 -26.54 13.00
N ASN A 273 -8.52 -26.26 14.28
CA ASN A 273 -9.21 -27.22 15.13
C ASN A 273 -10.70 -27.29 14.80
N LEU A 274 -11.30 -26.17 14.41
CA LEU A 274 -12.71 -26.19 14.02
C LEU A 274 -12.91 -26.99 12.75
N PHE A 275 -11.98 -26.88 11.80
CA PHE A 275 -12.10 -27.61 10.55
C PHE A 275 -11.87 -29.11 10.77
N TRP A 276 -10.96 -29.46 11.68
CA TRP A 276 -10.66 -30.86 11.93
C TRP A 276 -11.59 -31.49 12.97
N ILE A 277 -12.20 -30.69 13.84
CA ILE A 277 -13.30 -31.21 14.64
C ILE A 277 -14.43 -31.69 13.73
N TRP A 278 -14.63 -30.99 12.61
CA TRP A 278 -15.52 -31.50 11.57
C TRP A 278 -14.81 -32.47 10.64
N GLY A 279 -13.49 -32.35 10.50
CA GLY A 279 -12.74 -33.11 9.52
C GLY A 279 -12.76 -34.61 9.70
N HIS A 280 -12.20 -35.09 10.82
CA HIS A 280 -12.05 -36.53 11.02
C HIS A 280 -13.38 -37.24 11.26
N PRO A 281 -14.34 -36.65 11.99
CA PRO A 281 -15.68 -37.26 12.03
C PRO A 281 -16.33 -37.38 10.66
N GLU A 282 -16.18 -36.37 9.81
CA GLU A 282 -16.67 -36.49 8.43
C GLU A 282 -15.82 -37.46 7.62
N VAL A 283 -14.58 -37.70 8.03
CA VAL A 283 -13.73 -38.67 7.36
C VAL A 283 -14.33 -40.07 7.47
N TYR A 284 -15.05 -40.36 8.56
CA TYR A 284 -15.70 -41.65 8.70
C TYR A 284 -17.05 -41.69 7.99
N ILE A 285 -17.68 -40.52 7.81
CA ILE A 285 -18.92 -40.44 7.04
C ILE A 285 -18.70 -40.85 5.60
N VAL A 286 -17.45 -40.81 5.12
CA VAL A 286 -17.14 -41.27 3.78
C VAL A 286 -16.76 -42.76 3.77
N ILE A 287 -16.37 -43.32 4.91
CA ILE A 287 -16.01 -44.73 4.97
C ILE A 287 -17.10 -45.60 5.59
N LEU A 288 -18.07 -44.99 6.30
CA LEU A 288 -19.13 -45.79 6.91
C LEU A 288 -20.05 -46.40 5.86
N PRO A 289 -20.63 -45.63 4.92
CA PRO A 289 -21.43 -46.30 3.86
C PRO A 289 -20.58 -47.13 2.93
N ALA A 290 -19.30 -46.78 2.76
CA ALA A 290 -18.39 -47.63 1.99
C ALA A 290 -18.25 -49.00 2.63
N PHE A 291 -18.19 -49.04 3.96
CA PHE A 291 -18.16 -50.31 4.67
C PHE A 291 -19.50 -51.04 4.54
N GLY A 292 -20.61 -50.30 4.59
CA GLY A 292 -21.92 -50.93 4.50
C GLY A 292 -22.20 -51.53 3.14
N ILE A 293 -21.90 -50.79 2.08
CA ILE A 293 -22.13 -51.30 0.73
C ILE A 293 -21.31 -52.57 0.50
N PHE A 294 -20.06 -52.59 0.96
CA PHE A 294 -19.24 -53.78 0.86
C PHE A 294 -19.68 -54.88 1.82
N SER A 295 -20.37 -54.53 2.91
CA SER A 295 -20.83 -55.55 3.85
C SER A 295 -21.89 -56.44 3.22
N GLU A 296 -22.79 -55.88 2.41
CA GLU A 296 -23.82 -56.68 1.77
C GLU A 296 -23.26 -57.47 0.60
N ILE A 297 -22.55 -56.82 -0.31
CA ILE A 297 -22.06 -57.48 -1.51
C ILE A 297 -21.12 -58.63 -1.17
N ILE A 298 -20.35 -58.50 -0.09
CA ILE A 298 -19.50 -59.61 0.35
C ILE A 298 -20.27 -60.68 1.11
N SER A 299 -21.50 -60.39 1.52
CA SER A 299 -22.34 -61.36 2.21
C SER A 299 -23.60 -61.70 1.43
N SER A 300 -23.73 -61.21 0.20
CA SER A 300 -24.87 -61.53 -0.65
C SER A 300 -24.51 -62.56 -1.71
N PHE A 301 -23.46 -62.31 -2.49
CA PHE A 301 -22.99 -63.30 -3.45
C PHE A 301 -22.23 -64.44 -2.81
N ALA A 302 -21.85 -64.30 -1.53
CA ALA A 302 -21.21 -65.39 -0.80
C ALA A 302 -22.22 -66.36 -0.20
N ARG A 303 -23.50 -66.00 -0.15
CA ARG A 303 -24.57 -66.88 0.31
C ARG A 303 -24.32 -67.37 1.74
N LYS A 304 -23.90 -66.46 2.62
CA LYS A 304 -23.65 -66.78 4.02
C LYS A 304 -24.30 -65.70 4.88
N GLN A 305 -24.11 -65.81 6.20
CA GLN A 305 -24.65 -64.87 7.16
C GLN A 305 -23.52 -64.05 7.77
N LEU A 306 -23.76 -62.75 7.93
CA LEU A 306 -22.78 -61.87 8.55
C LEU A 306 -22.51 -62.32 9.99
N PHE A 307 -21.61 -63.28 10.14
CA PHE A 307 -21.31 -63.86 11.44
C PHE A 307 -20.67 -62.82 12.34
N GLY A 308 -21.39 -62.40 13.37
CA GLY A 308 -20.90 -61.37 14.27
C GLY A 308 -21.74 -60.11 14.24
N TYR A 309 -22.51 -59.86 15.30
CA TYR A 309 -23.32 -58.66 15.41
C TYR A 309 -23.14 -57.99 16.76
N LYS A 310 -22.95 -58.79 17.81
CA LYS A 310 -22.66 -58.22 19.12
C LYS A 310 -21.29 -57.56 19.17
N ALA A 311 -20.42 -57.83 18.20
CA ALA A 311 -19.10 -57.23 18.14
C ALA A 311 -18.82 -56.58 16.80
N MET A 312 -19.82 -56.48 15.92
CA MET A 312 -19.70 -55.75 14.66
C MET A 312 -20.58 -54.51 14.64
N VAL A 313 -21.85 -54.64 15.03
CA VAL A 313 -22.67 -53.46 15.28
C VAL A 313 -22.26 -52.80 16.59
N GLY A 314 -21.87 -53.59 17.58
CA GLY A 314 -21.26 -53.03 18.77
C GLY A 314 -19.94 -52.33 18.48
N SER A 315 -19.26 -52.74 17.40
CA SER A 315 -18.07 -52.05 16.95
C SER A 315 -18.38 -50.84 16.08
N ILE A 316 -19.59 -50.76 15.52
CA ILE A 316 -19.96 -49.60 14.72
C ILE A 316 -20.41 -48.44 15.59
N ILE A 317 -20.78 -48.71 16.85
CA ILE A 317 -21.07 -47.63 17.79
C ILE A 317 -19.81 -47.09 18.43
N ALA A 318 -18.74 -47.88 18.49
CA ALA A 318 -17.49 -47.42 19.05
C ALA A 318 -16.91 -46.26 18.24
N ILE A 319 -16.68 -46.50 16.95
CA ILE A 319 -16.16 -45.45 16.07
C ILE A 319 -17.15 -44.32 15.85
N SER A 320 -18.39 -44.46 16.33
CA SER A 320 -19.36 -43.38 16.20
C SER A 320 -19.13 -42.30 17.24
N VAL A 321 -18.76 -42.69 18.46
CA VAL A 321 -18.55 -41.73 19.55
C VAL A 321 -17.05 -41.45 19.70
N LEU A 322 -16.22 -42.43 19.34
CA LEU A 322 -14.77 -42.28 19.44
C LEU A 322 -14.17 -41.56 18.23
N SER A 323 -15.00 -40.99 17.36
CA SER A 323 -14.50 -40.20 16.23
C SER A 323 -14.26 -38.75 16.59
N PHE A 324 -14.75 -38.30 17.74
CA PHE A 324 -14.55 -36.93 18.21
C PHE A 324 -13.50 -36.82 19.29
N LEU A 325 -12.80 -37.91 19.61
CA LEU A 325 -11.73 -37.91 20.59
C LEU A 325 -10.39 -38.25 19.96
N VAL A 326 -10.23 -37.90 18.68
CA VAL A 326 -9.10 -38.39 17.89
C VAL A 326 -8.71 -37.34 16.86
N TRP A 327 -9.61 -36.40 16.58
CA TRP A 327 -9.41 -35.41 15.53
C TRP A 327 -8.13 -34.60 15.71
N THR A 328 -7.55 -34.60 16.91
CA THR A 328 -6.32 -33.85 17.16
C THR A 328 -5.08 -34.66 16.76
N HIS A 329 -5.21 -35.53 15.76
CA HIS A 329 -4.04 -36.21 15.25
C HIS A 329 -3.49 -35.60 13.96
N HIS A 330 -4.29 -34.79 13.26
CA HIS A 330 -3.79 -34.04 12.12
C HIS A 330 -2.89 -32.90 12.54
N PHE A 331 -2.82 -32.58 13.83
CA PHE A 331 -1.94 -31.54 14.32
C PHE A 331 -0.57 -32.13 14.66
N PHE A 332 -0.32 -32.39 15.94
CA PHE A 332 0.92 -32.98 16.42
C PHE A 332 2.13 -32.14 16.09
N THR A 333 2.30 -31.79 14.81
CA THR A 333 3.48 -31.07 14.38
C THR A 333 3.55 -29.67 14.96
N MET A 334 2.41 -29.06 15.26
CA MET A 334 2.38 -27.68 15.73
C MET A 334 2.73 -27.54 17.21
N GLY A 335 3.48 -28.49 17.76
CA GLY A 335 3.96 -28.42 19.13
C GLY A 335 2.90 -28.14 20.16
N ASN A 336 2.12 -29.16 20.51
CA ASN A 336 1.07 -29.01 21.49
C ASN A 336 1.63 -29.28 22.89
N SER A 337 0.79 -29.63 23.85
CA SER A 337 1.22 -29.79 25.24
C SER A 337 1.80 -31.18 25.49
N ALA A 338 2.38 -31.80 24.47
CA ALA A 338 3.04 -33.11 24.58
C ALA A 338 2.08 -34.18 25.10
N SER A 339 1.60 -34.01 26.34
CA SER A 339 0.63 -34.96 26.89
C SER A 339 -0.62 -35.01 26.04
N VAL A 340 -1.09 -33.86 25.54
CA VAL A 340 -2.24 -33.84 24.66
C VAL A 340 -1.89 -34.39 23.28
N ASN A 341 -0.60 -34.41 22.93
CA ASN A 341 -0.15 -35.08 21.72
C ASN A 341 0.03 -36.58 21.90
N SER A 342 0.02 -37.06 23.15
CA SER A 342 -0.01 -38.48 23.44
C SER A 342 -1.41 -38.99 23.75
N PHE A 343 -2.29 -38.12 24.25
CA PHE A 343 -3.69 -38.51 24.46
C PHE A 343 -4.32 -38.94 23.15
N PHE A 344 -4.31 -38.05 22.15
CA PHE A 344 -4.88 -38.36 20.85
C PHE A 344 -3.98 -39.28 20.01
N SER A 345 -2.76 -39.57 20.49
CA SER A 345 -1.95 -40.58 19.83
C SER A 345 -2.30 -41.98 20.32
N ILE A 346 -2.52 -42.14 21.63
CA ILE A 346 -2.99 -43.40 22.17
C ILE A 346 -4.43 -43.66 21.74
N THR A 347 -5.27 -42.62 21.75
CA THR A 347 -6.67 -42.79 21.39
C THR A 347 -6.83 -43.18 19.93
N THR A 348 -6.00 -42.63 19.05
CA THR A 348 -6.07 -42.99 17.63
C THR A 348 -5.80 -44.47 17.43
N MET A 349 -4.94 -45.06 18.28
CA MET A 349 -4.74 -46.50 18.23
C MET A 349 -5.97 -47.26 18.68
N ALA A 350 -6.78 -46.64 19.54
CA ALA A 350 -8.03 -47.24 19.98
C ALA A 350 -9.16 -47.10 18.97
N ILE A 351 -8.89 -46.52 17.81
CA ILE A 351 -9.90 -46.44 16.75
C ILE A 351 -9.65 -47.45 15.64
N SER A 352 -8.41 -47.91 15.47
CA SER A 352 -8.11 -48.95 14.49
C SER A 352 -8.45 -50.35 14.99
N ILE A 353 -9.03 -50.47 16.17
CA ILE A 353 -9.45 -51.76 16.71
C ILE A 353 -10.94 -51.98 16.44
N PRO A 354 -11.83 -51.01 16.72
CA PRO A 354 -13.22 -51.18 16.27
C PRO A 354 -13.36 -51.23 14.76
N THR A 355 -12.44 -50.58 14.04
CA THR A 355 -12.39 -50.72 12.59
C THR A 355 -11.69 -52.01 12.18
N GLY A 356 -10.70 -52.44 12.96
CA GLY A 356 -9.95 -53.64 12.61
C GLY A 356 -10.76 -54.91 12.70
N VAL A 357 -11.70 -54.99 13.64
CA VAL A 357 -12.54 -56.18 13.75
C VAL A 357 -13.47 -56.31 12.55
N LYS A 358 -13.74 -55.22 11.84
CA LYS A 358 -14.65 -55.26 10.71
C LYS A 358 -14.02 -55.88 9.46
N ILE A 359 -12.69 -56.01 9.42
CA ILE A 359 -12.06 -56.73 8.32
C ILE A 359 -12.07 -58.23 8.58
N PHE A 360 -11.91 -58.65 9.84
CA PHE A 360 -12.03 -60.05 10.21
C PHE A 360 -13.46 -60.56 10.16
N ASN A 361 -14.43 -59.71 9.81
CA ASN A 361 -15.82 -60.12 9.70
C ASN A 361 -16.25 -60.39 8.26
N TRP A 362 -15.51 -59.91 7.27
CA TRP A 362 -15.82 -60.20 5.88
C TRP A 362 -15.14 -61.47 5.38
N LEU A 363 -13.96 -61.79 5.91
CA LEU A 363 -13.24 -62.97 5.47
C LEU A 363 -13.81 -64.25 6.07
N PHE A 364 -14.42 -64.18 7.25
CA PHE A 364 -15.08 -65.33 7.84
C PHE A 364 -16.58 -65.36 7.54
N THR A 365 -17.09 -64.35 6.85
CA THR A 365 -18.39 -64.44 6.18
C THR A 365 -18.24 -64.93 4.75
N MET A 366 -17.01 -65.00 4.24
CA MET A 366 -16.73 -65.47 2.89
C MET A 366 -16.18 -66.89 2.86
N TYR A 367 -15.82 -67.45 4.02
CA TYR A 367 -15.28 -68.79 4.11
C TYR A 367 -16.37 -69.79 4.49
N LYS A 368 -16.11 -71.06 4.18
CA LYS A 368 -17.06 -72.17 4.30
C LYS A 368 -18.18 -72.03 3.28
N GLY A 369 -18.62 -70.80 3.00
CA GLY A 369 -19.63 -70.58 1.99
C GLY A 369 -19.06 -70.47 0.60
N ARG A 370 -19.95 -70.64 -0.39
CA ARG A 370 -19.57 -70.57 -1.79
C ARG A 370 -19.39 -69.11 -2.22
N ILE A 371 -18.89 -68.93 -3.44
CA ILE A 371 -18.62 -67.60 -3.97
C ILE A 371 -18.59 -67.67 -5.48
N SER A 372 -18.85 -66.54 -6.13
CA SER A 372 -18.77 -66.43 -7.59
C SER A 372 -18.28 -65.03 -7.92
N PHE A 373 -17.12 -64.94 -8.57
CA PHE A 373 -16.45 -63.66 -8.79
C PHE A 373 -17.09 -62.96 -9.99
N THR A 374 -18.01 -62.04 -9.71
CA THR A 374 -18.58 -61.17 -10.73
C THR A 374 -17.92 -59.79 -10.64
N THR A 375 -18.46 -58.82 -11.37
CA THR A 375 -17.90 -57.48 -11.32
C THR A 375 -18.07 -56.83 -9.94
N PRO A 376 -19.26 -56.83 -9.32
CA PRO A 376 -19.34 -56.27 -7.96
C PRO A 376 -18.53 -57.02 -6.94
N MET A 377 -18.22 -58.30 -7.18
CA MET A 377 -17.35 -59.04 -6.27
C MET A 377 -15.92 -58.58 -6.39
N LEU A 378 -15.47 -58.27 -7.61
CA LEU A 378 -14.09 -57.81 -7.80
C LEU A 378 -13.85 -56.50 -7.06
N TRP A 379 -14.85 -55.63 -7.01
CA TRP A 379 -14.72 -54.41 -6.21
C TRP A 379 -14.63 -54.73 -4.73
N ALA A 380 -15.29 -55.80 -4.29
CA ALA A 380 -15.16 -56.24 -2.91
C ALA A 380 -13.92 -57.10 -2.70
N LEU A 381 -13.45 -57.77 -3.76
CA LEU A 381 -12.21 -58.55 -3.65
C LEU A 381 -11.00 -57.64 -3.43
N ALA A 382 -10.88 -56.60 -4.26
CA ALA A 382 -9.76 -55.68 -4.13
C ALA A 382 -9.89 -54.73 -2.96
N PHE A 383 -11.10 -54.57 -2.41
CA PHE A 383 -11.29 -53.67 -1.28
C PHE A 383 -10.64 -54.21 -0.01
N ILE A 384 -10.55 -55.52 0.13
CA ILE A 384 -10.04 -56.14 1.35
C ILE A 384 -8.54 -55.83 1.52
N PRO A 385 -7.67 -56.11 0.53
CA PRO A 385 -6.24 -55.84 0.75
C PRO A 385 -5.89 -54.37 0.65
N ASN A 386 -6.35 -53.70 -0.41
CA ASN A 386 -5.94 -52.33 -0.69
C ASN A 386 -6.28 -51.39 0.46
N PHE A 387 -7.44 -51.60 1.09
CA PHE A 387 -7.78 -50.77 2.25
C PHE A 387 -6.89 -51.10 3.44
N VAL A 388 -6.48 -52.35 3.58
CA VAL A 388 -5.58 -52.71 4.68
C VAL A 388 -4.18 -52.20 4.42
N ILE A 389 -3.70 -52.30 3.17
CA ILE A 389 -2.38 -51.78 2.83
C ILE A 389 -2.30 -50.29 3.11
N GLY A 390 -3.42 -49.57 2.98
CA GLY A 390 -3.47 -48.19 3.42
C GLY A 390 -3.68 -48.06 4.91
N GLY A 391 -4.37 -49.02 5.52
CA GLY A 391 -4.59 -48.97 6.95
C GLY A 391 -3.35 -49.32 7.75
N VAL A 392 -2.45 -50.12 7.17
CA VAL A 392 -1.21 -50.50 7.85
C VAL A 392 -0.20 -49.38 7.71
N THR A 393 -0.62 -48.25 7.15
CA THR A 393 0.20 -47.05 7.08
C THR A 393 -0.31 -45.92 7.96
N GLY A 394 -1.64 -45.75 8.05
CA GLY A 394 -2.19 -44.77 8.97
C GLY A 394 -1.95 -45.10 10.43
N VAL A 395 -1.74 -46.37 10.75
CA VAL A 395 -1.34 -46.74 12.11
C VAL A 395 -0.02 -46.06 12.46
N MET A 396 0.88 -45.93 11.49
CA MET A 396 2.12 -45.21 11.72
C MET A 396 1.88 -43.72 11.90
N LEU A 397 0.87 -43.16 11.23
CA LEU A 397 0.56 -41.74 11.37
C LEU A 397 0.07 -41.40 12.77
N ALA A 398 -0.56 -42.35 13.45
CA ALA A 398 -1.04 -42.11 14.81
C ALA A 398 0.10 -41.93 15.79
N MET A 399 1.25 -42.53 15.51
CA MET A 399 2.41 -42.40 16.38
C MET A 399 2.94 -40.98 16.33
N ALA A 400 2.51 -40.14 17.29
CA ALA A 400 2.89 -38.73 17.27
C ALA A 400 4.39 -38.55 17.44
N ALA A 401 5.06 -39.50 18.11
CA ALA A 401 6.51 -39.42 18.24
C ALA A 401 7.20 -39.52 16.89
N ALA A 402 6.59 -40.24 15.95
CA ALA A 402 7.13 -40.39 14.61
C ALA A 402 6.32 -39.65 13.55
N ASP A 403 5.18 -39.07 13.91
CA ASP A 403 4.39 -38.32 12.95
C ASP A 403 5.12 -37.07 12.47
N TYR A 404 6.03 -36.55 13.29
CA TYR A 404 6.77 -35.35 12.91
C TYR A 404 7.67 -35.60 11.70
N GLN A 405 8.11 -36.83 11.50
CA GLN A 405 9.01 -37.13 10.41
C GLN A 405 8.28 -37.21 9.07
N TYR A 406 7.15 -37.91 9.03
CA TYR A 406 6.40 -38.10 7.80
C TYR A 406 5.10 -37.31 7.78
N HIS A 407 5.08 -36.16 8.44
CA HIS A 407 3.95 -35.25 8.31
C HIS A 407 4.00 -34.60 6.92
N ASN A 408 2.86 -34.60 6.23
CA ASN A 408 2.76 -34.19 4.83
C ASN A 408 3.65 -35.13 4.02
N THR A 409 4.65 -34.63 3.28
CA THR A 409 5.58 -35.40 2.45
C THR A 409 5.00 -36.69 1.87
N TYR A 410 3.98 -36.58 1.03
CA TYR A 410 3.48 -37.65 0.17
C TYR A 410 3.15 -38.95 0.91
N PHE A 411 4.00 -39.40 1.83
CA PHE A 411 3.67 -40.56 2.65
C PHE A 411 2.33 -40.38 3.34
N LEU A 412 1.98 -39.15 3.70
CA LEU A 412 0.63 -38.84 4.13
C LEU A 412 -0.36 -39.02 2.99
N VAL A 413 -0.05 -38.46 1.82
CA VAL A 413 -0.93 -38.58 0.66
C VAL A 413 -1.04 -40.03 0.23
N SER A 414 0.07 -40.77 0.27
CA SER A 414 0.04 -42.17 -0.14
C SER A 414 -0.76 -43.04 0.81
N HIS A 415 -0.75 -42.71 2.11
CA HIS A 415 -1.56 -43.47 3.07
C HIS A 415 -3.04 -43.35 2.75
N PHE A 416 -3.54 -42.12 2.65
CA PHE A 416 -4.98 -41.90 2.58
C PHE A 416 -5.56 -42.28 1.22
N HIS A 417 -4.81 -42.02 0.13
CA HIS A 417 -5.27 -42.42 -1.19
C HIS A 417 -5.46 -43.92 -1.27
N TYR A 418 -4.67 -44.68 -0.50
CA TYR A 418 -4.92 -46.12 -0.38
C TYR A 418 -6.17 -46.39 0.45
N VAL A 419 -6.48 -45.53 1.41
CA VAL A 419 -7.57 -45.77 2.33
C VAL A 419 -8.92 -45.42 1.71
N LEU A 420 -8.99 -44.29 1.00
CA LEU A 420 -10.29 -43.81 0.53
C LEU A 420 -10.64 -44.27 -0.87
N ILE A 421 -9.66 -44.38 -1.77
CA ILE A 421 -9.97 -44.84 -3.13
C ILE A 421 -10.35 -46.32 -3.11
N ALA A 422 -9.69 -47.10 -2.25
CA ALA A 422 -10.09 -48.49 -2.09
C ALA A 422 -11.36 -48.63 -1.27
N GLY A 423 -11.56 -47.74 -0.29
CA GLY A 423 -12.74 -47.79 0.55
C GLY A 423 -14.01 -47.30 -0.12
N THR A 424 -14.03 -46.03 -0.48
CA THR A 424 -15.25 -45.38 -0.98
C THR A 424 -15.36 -45.43 -2.50
N VAL A 425 -14.28 -45.12 -3.22
CA VAL A 425 -14.34 -45.09 -4.67
C VAL A 425 -14.67 -46.46 -5.22
N PHE A 426 -14.13 -47.51 -4.61
CA PHE A 426 -14.54 -48.87 -4.99
C PHE A 426 -15.97 -49.14 -4.58
N ALA A 427 -16.38 -48.68 -3.39
CA ALA A 427 -17.77 -48.79 -2.99
C ALA A 427 -18.68 -47.95 -3.88
N CYS A 428 -18.19 -46.79 -4.33
CA CYS A 428 -18.94 -46.02 -5.31
C CYS A 428 -19.07 -46.77 -6.63
N PHE A 429 -18.08 -47.61 -6.96
CA PHE A 429 -18.15 -48.44 -8.15
C PHE A 429 -18.86 -49.75 -7.90
N ALA A 430 -18.76 -50.31 -6.68
CA ALA A 430 -19.48 -51.52 -6.34
C ALA A 430 -20.99 -51.28 -6.37
N GLY A 431 -21.46 -50.31 -5.60
CA GLY A 431 -22.87 -49.96 -5.62
C GLY A 431 -23.35 -49.42 -6.95
N PHE A 432 -22.43 -48.95 -7.79
CA PHE A 432 -22.81 -48.48 -9.12
C PHE A 432 -23.28 -49.62 -9.99
N ILE A 433 -22.55 -50.74 -9.98
CA ILE A 433 -22.88 -51.89 -10.83
C ILE A 433 -23.83 -52.85 -10.12
N PHE A 434 -23.57 -53.13 -8.83
CA PHE A 434 -24.38 -54.09 -8.11
C PHE A 434 -25.84 -53.64 -7.99
N TRP A 435 -26.08 -52.33 -8.00
CA TRP A 435 -27.43 -51.78 -7.93
C TRP A 435 -27.77 -50.95 -9.17
N TYR A 436 -27.20 -51.32 -10.32
CA TYR A 436 -27.52 -50.66 -11.59
C TYR A 436 -28.84 -51.15 -12.16
N PRO A 437 -29.17 -52.45 -12.10
CA PRO A 437 -30.52 -52.87 -12.54
C PRO A 437 -31.65 -52.15 -11.83
N LYS A 438 -31.41 -51.65 -10.62
CA LYS A 438 -32.41 -50.82 -9.96
C LYS A 438 -32.68 -49.55 -10.74
N MET A 439 -31.65 -49.00 -11.40
CA MET A 439 -31.79 -47.70 -12.03
C MET A 439 -32.45 -47.79 -13.41
N PHE A 440 -32.15 -48.83 -14.18
CA PHE A 440 -32.78 -49.04 -15.47
C PHE A 440 -32.69 -50.51 -15.83
N GLY A 441 -33.21 -50.85 -17.01
CA GLY A 441 -33.26 -52.24 -17.42
C GLY A 441 -31.87 -52.83 -17.64
N HIS A 442 -31.79 -54.15 -17.48
CA HIS A 442 -30.55 -54.91 -17.62
C HIS A 442 -29.46 -54.36 -16.70
N LYS A 443 -28.20 -54.60 -17.06
CA LYS A 443 -27.08 -54.14 -16.26
C LYS A 443 -25.87 -53.96 -17.18
N LEU A 444 -24.69 -53.83 -16.57
CA LEU A 444 -23.46 -53.64 -17.31
C LEU A 444 -22.96 -54.96 -17.88
N ASN A 445 -22.32 -54.88 -19.05
CA ASN A 445 -21.68 -56.05 -19.63
C ASN A 445 -20.51 -56.48 -18.74
N GLU A 446 -20.54 -57.74 -18.29
CA GLU A 446 -19.63 -58.17 -17.25
C GLU A 446 -18.20 -58.37 -17.76
N ARG A 447 -18.05 -59.03 -18.92
CA ARG A 447 -16.72 -59.43 -19.36
C ARG A 447 -15.84 -58.22 -19.65
N ILE A 448 -16.36 -57.24 -20.39
CA ILE A 448 -15.58 -56.02 -20.62
C ILE A 448 -15.55 -55.14 -19.39
N GLY A 449 -16.46 -55.37 -18.43
CA GLY A 449 -16.35 -54.70 -17.14
C GLY A 449 -15.16 -55.19 -16.33
N LYS A 450 -14.78 -56.46 -16.53
CA LYS A 450 -13.55 -56.96 -15.91
C LYS A 450 -12.32 -56.26 -16.46
N TRP A 451 -12.36 -55.83 -17.72
CA TRP A 451 -11.26 -55.04 -18.27
C TRP A 451 -11.08 -53.74 -17.51
N PHE A 452 -12.20 -53.11 -17.13
CA PHE A 452 -12.12 -51.88 -16.36
C PHE A 452 -11.55 -52.13 -14.97
N PHE A 453 -11.91 -53.27 -14.35
CA PHE A 453 -11.44 -53.55 -13.00
C PHE A 453 -9.93 -53.77 -12.96
N TRP A 454 -9.42 -54.62 -13.85
CA TRP A 454 -8.01 -55.01 -13.78
C TRP A 454 -7.09 -53.83 -14.00
N ILE A 455 -7.35 -53.04 -15.05
CA ILE A 455 -6.47 -51.91 -15.36
C ILE A 455 -6.56 -50.84 -14.27
N PHE A 456 -7.75 -50.60 -13.75
CA PHE A 456 -7.93 -49.63 -12.67
C PHE A 456 -7.35 -50.14 -11.35
N MET A 457 -7.22 -51.45 -11.18
CA MET A 457 -6.68 -52.00 -9.94
C MET A 457 -5.16 -51.99 -9.97
N ILE A 458 -4.55 -52.44 -11.07
CA ILE A 458 -3.09 -52.50 -11.13
C ILE A 458 -2.49 -51.11 -11.20
N GLY A 459 -3.17 -50.17 -11.85
CA GLY A 459 -2.68 -48.79 -11.88
C GLY A 459 -2.82 -48.05 -10.57
N PHE A 460 -3.68 -48.56 -9.67
CA PHE A 460 -3.85 -47.92 -8.38
C PHE A 460 -2.64 -48.17 -7.46
N ASN A 461 -2.00 -49.33 -7.58
CA ASN A 461 -0.86 -49.65 -6.72
C ASN A 461 0.41 -48.94 -7.19
N ILE A 462 0.68 -48.96 -8.50
CA ILE A 462 1.90 -48.38 -9.04
C ILE A 462 1.78 -46.85 -9.10
N CYS A 463 0.72 -46.31 -8.51
CA CYS A 463 0.52 -44.86 -8.44
C CYS A 463 0.82 -44.30 -7.06
N PHE A 464 0.44 -45.01 -5.99
CA PHE A 464 0.61 -44.51 -4.64
C PHE A 464 1.56 -45.34 -3.78
N PHE A 465 1.97 -46.52 -4.23
CA PHE A 465 2.96 -47.28 -3.48
C PHE A 465 4.35 -46.71 -3.72
N PRO A 466 4.71 -46.29 -4.95
CA PRO A 466 5.92 -45.48 -5.09
C PRO A 466 5.85 -44.16 -4.37
N GLN A 467 4.65 -43.65 -4.10
CA GLN A 467 4.52 -42.45 -3.27
C GLN A 467 4.93 -42.72 -1.83
N TYR A 468 4.77 -43.95 -1.35
CA TYR A 468 5.31 -44.33 -0.06
C TYR A 468 6.83 -44.19 -0.04
N PHE A 469 7.47 -44.48 -1.18
CA PHE A 469 8.91 -44.27 -1.28
C PHE A 469 9.23 -42.82 -1.64
N LEU A 470 8.39 -42.18 -2.46
CA LEU A 470 8.59 -40.76 -2.76
C LEU A 470 8.58 -39.93 -1.49
N GLY A 471 7.61 -40.17 -0.60
CA GLY A 471 7.52 -39.37 0.61
C GLY A 471 8.58 -39.68 1.64
N LEU A 472 8.93 -40.96 1.77
CA LEU A 472 9.95 -41.34 2.76
C LEU A 472 11.34 -40.90 2.33
N GLN A 473 11.61 -40.85 1.02
CA GLN A 473 12.93 -40.44 0.56
C GLN A 473 13.13 -38.94 0.74
N GLY A 474 12.08 -38.14 0.55
CA GLY A 474 12.18 -36.72 0.80
C GLY A 474 11.46 -35.84 -0.19
N MET A 475 10.30 -36.26 -0.67
CA MET A 475 9.50 -35.45 -1.57
C MET A 475 8.28 -34.92 -0.82
N PRO A 476 8.26 -33.65 -0.45
CA PRO A 476 7.09 -33.09 0.24
C PRO A 476 5.89 -33.01 -0.69
N ARG A 477 4.75 -32.65 -0.11
CA ARG A 477 3.51 -32.49 -0.86
C ARG A 477 3.34 -31.03 -1.27
N ARG A 478 2.43 -30.82 -2.23
CA ARG A 478 2.11 -29.48 -2.73
C ARG A 478 3.35 -28.81 -3.33
N ILE A 479 4.00 -29.52 -4.25
CA ILE A 479 5.24 -29.07 -4.88
C ILE A 479 5.15 -29.35 -6.38
N TYR A 480 5.49 -28.37 -7.20
CA TYR A 480 5.37 -28.49 -8.64
C TYR A 480 6.66 -28.95 -9.32
N THR A 481 7.79 -28.98 -8.62
CA THR A 481 9.02 -29.49 -9.20
C THR A 481 9.89 -30.05 -8.08
N TYR A 482 10.41 -31.26 -8.30
CA TYR A 482 11.18 -31.95 -7.27
C TYR A 482 12.67 -31.69 -7.41
N GLY A 483 13.22 -31.87 -8.61
CA GLY A 483 14.63 -31.65 -8.84
C GLY A 483 15.43 -32.93 -8.72
N PRO A 484 16.57 -32.98 -9.40
CA PRO A 484 17.43 -34.17 -9.33
C PRO A 484 18.00 -34.39 -7.94
N ASN A 485 17.22 -35.03 -7.07
CA ASN A 485 17.64 -35.29 -5.68
C ASN A 485 17.86 -36.79 -5.54
N ASP A 486 19.13 -37.20 -5.51
CA ASP A 486 19.53 -38.58 -5.28
C ASP A 486 18.88 -39.55 -6.28
N GLY A 487 18.66 -39.09 -7.51
CA GLY A 487 18.06 -39.94 -8.52
C GLY A 487 16.64 -40.36 -8.22
N TRP A 488 15.90 -39.55 -7.47
CA TRP A 488 14.51 -39.86 -7.11
C TRP A 488 13.52 -39.33 -8.15
N THR A 489 13.89 -39.37 -9.43
CA THR A 489 13.03 -38.91 -10.50
C THR A 489 12.09 -40.01 -10.98
N THR A 490 12.58 -41.24 -11.14
CA THR A 490 11.75 -42.32 -11.67
C THR A 490 10.60 -42.66 -10.74
N LEU A 491 10.79 -42.56 -9.43
CA LEU A 491 9.70 -42.83 -8.49
C LEU A 491 8.56 -41.84 -8.68
N ASN A 492 8.88 -40.59 -9.03
CA ASN A 492 7.85 -39.62 -9.35
C ASN A 492 7.22 -39.87 -10.71
N PHE A 493 7.97 -40.45 -11.64
CA PHE A 493 7.42 -40.77 -12.94
C PHE A 493 6.60 -42.06 -12.91
N ILE A 494 7.06 -43.06 -12.16
CA ILE A 494 6.30 -44.30 -12.02
C ILE A 494 4.95 -44.03 -11.38
N SER A 495 4.93 -43.14 -10.37
CA SER A 495 3.67 -42.73 -9.78
C SER A 495 2.76 -42.07 -10.81
N THR A 496 3.33 -41.33 -11.75
CA THR A 496 2.53 -40.70 -12.80
C THR A 496 2.03 -41.72 -13.82
N VAL A 497 2.87 -42.70 -14.16
CA VAL A 497 2.43 -43.76 -15.08
C VAL A 497 1.25 -44.52 -14.48
N GLY A 498 1.36 -44.92 -13.22
CA GLY A 498 0.22 -45.50 -12.54
C GLY A 498 -0.93 -44.52 -12.38
N ALA A 499 -0.62 -43.23 -12.24
CA ALA A 499 -1.67 -42.21 -12.21
C ALA A 499 -2.41 -42.16 -13.54
N PHE A 500 -1.68 -42.24 -14.64
CA PHE A 500 -2.31 -42.22 -15.97
C PHE A 500 -2.89 -43.57 -16.35
N MET A 501 -2.45 -44.65 -15.71
CA MET A 501 -3.02 -45.96 -15.98
C MET A 501 -4.45 -46.06 -15.45
N MET A 502 -4.71 -45.41 -14.30
CA MET A 502 -6.08 -45.33 -13.80
C MET A 502 -6.95 -44.46 -14.69
N GLY A 503 -6.34 -43.48 -15.37
CA GLY A 503 -7.09 -42.68 -16.32
C GLY A 503 -7.66 -43.53 -17.45
N VAL A 504 -6.86 -44.45 -17.98
CA VAL A 504 -7.36 -45.42 -18.93
C VAL A 504 -8.33 -46.35 -18.20
N GLY A 505 -9.59 -46.31 -18.59
CA GLY A 505 -10.63 -47.03 -17.89
C GLY A 505 -11.89 -46.22 -17.74
N PHE A 506 -11.73 -44.93 -17.41
CA PHE A 506 -12.89 -44.04 -17.36
C PHE A 506 -13.57 -43.95 -18.73
N LEU A 507 -12.81 -44.16 -19.80
CA LEU A 507 -13.41 -44.34 -21.12
C LEU A 507 -14.22 -45.65 -21.15
N ILE A 508 -13.64 -46.74 -20.65
CA ILE A 508 -14.35 -48.00 -20.58
C ILE A 508 -15.58 -47.88 -19.68
N LEU A 509 -15.44 -47.17 -18.55
CA LEU A 509 -16.57 -46.97 -17.66
C LEU A 509 -17.71 -46.24 -18.39
N CYS A 510 -17.37 -45.19 -19.14
CA CYS A 510 -18.40 -44.50 -19.92
C CYS A 510 -18.83 -45.31 -21.13
N TYR A 511 -17.93 -46.15 -21.67
CA TYR A 511 -18.31 -47.03 -22.76
C TYR A 511 -19.32 -48.08 -22.30
N ASN A 512 -19.20 -48.54 -21.06
CA ASN A 512 -20.15 -49.51 -20.53
C ASN A 512 -21.53 -48.91 -20.31
N ILE A 513 -21.60 -47.62 -19.95
CA ILE A 513 -22.89 -46.96 -19.77
C ILE A 513 -23.55 -46.68 -21.11
N TYR A 514 -22.79 -46.71 -22.21
CA TYR A 514 -23.36 -46.46 -23.52
C TYR A 514 -24.40 -47.52 -23.92
N TYR A 515 -24.37 -48.69 -23.28
CA TYR A 515 -25.36 -49.73 -23.53
C TYR A 515 -26.68 -49.30 -22.90
N SER A 516 -27.38 -48.42 -23.61
CA SER A 516 -28.65 -47.87 -23.13
C SER A 516 -29.52 -47.41 -24.29
N GLY A 530 -28.56 -62.98 -10.23
CA GLY A 530 -28.38 -62.29 -8.96
C GLY A 530 -28.70 -63.16 -7.76
N VAL A 531 -27.92 -62.98 -6.69
CA VAL A 531 -28.11 -63.74 -5.46
C VAL A 531 -28.49 -62.79 -4.34
N GLY A 532 -29.65 -62.16 -4.47
CA GLY A 532 -30.10 -61.21 -3.46
C GLY A 532 -30.45 -61.89 -2.15
N ARG A 533 -30.21 -61.17 -1.05
CA ARG A 533 -30.54 -61.67 0.28
C ARG A 533 -31.32 -60.66 1.11
N THR A 534 -31.67 -59.51 0.56
CA THR A 534 -32.47 -58.51 1.27
C THR A 534 -33.56 -58.03 0.32
N LEU A 535 -34.18 -56.90 0.65
CA LEU A 535 -35.28 -56.36 -0.15
C LEU A 535 -34.78 -55.68 -1.42
N ASP A 536 -33.62 -56.08 -1.91
CA ASP A 536 -33.07 -55.53 -3.15
C ASP A 536 -33.92 -55.93 -4.36
N TRP A 537 -33.88 -57.22 -4.71
CA TRP A 537 -34.63 -57.73 -5.84
C TRP A 537 -36.03 -58.20 -5.44
N ALA A 538 -36.45 -57.92 -4.21
CA ALA A 538 -37.80 -58.27 -3.77
C ALA A 538 -38.87 -57.37 -4.36
N THR A 539 -38.50 -56.39 -5.18
CA THR A 539 -39.46 -55.52 -5.82
C THR A 539 -40.32 -56.30 -6.82
N SER A 540 -41.40 -55.66 -7.27
CA SER A 540 -42.33 -56.32 -8.18
C SER A 540 -41.67 -56.64 -9.51
N SER A 541 -40.69 -55.84 -9.93
CA SER A 541 -39.99 -56.04 -11.20
C SER A 541 -38.74 -55.17 -11.19
N ALA A 542 -38.03 -55.15 -12.31
CA ALA A 542 -36.94 -54.22 -12.50
C ALA A 542 -37.50 -52.79 -12.58
N ILE A 543 -36.59 -51.81 -12.45
CA ILE A 543 -36.90 -50.41 -12.22
C ILE A 543 -38.19 -50.29 -11.40
N PRO A 544 -38.09 -50.41 -10.07
CA PRO A 544 -39.29 -50.53 -9.23
C PRO A 544 -40.21 -49.32 -9.39
N PRO A 545 -41.51 -49.49 -9.11
CA PRO A 545 -42.46 -48.40 -9.35
C PRO A 545 -42.34 -47.25 -8.35
N HIS A 546 -43.30 -46.33 -8.40
CA HIS A 546 -43.23 -45.15 -7.55
C HIS A 546 -43.57 -45.50 -6.10
N TYR A 547 -44.67 -46.22 -5.89
CA TYR A 547 -45.11 -46.54 -4.54
C TYR A 547 -44.20 -47.52 -3.82
N ASN A 548 -43.32 -48.21 -4.55
CA ASN A 548 -42.37 -49.22 -4.06
C ASN A 548 -42.95 -50.16 -3.01
N PHE A 549 -43.17 -51.42 -3.42
CA PHE A 549 -43.79 -52.46 -2.60
C PHE A 549 -45.25 -52.13 -2.35
N ALA A 550 -46.15 -52.90 -2.96
CA ALA A 550 -47.58 -52.67 -2.75
C ALA A 550 -47.99 -52.99 -1.31
N VAL A 551 -47.41 -54.04 -0.73
CA VAL A 551 -47.63 -54.39 0.66
C VAL A 551 -46.29 -54.34 1.39
N LEU A 552 -46.36 -54.09 2.70
CA LEU A 552 -45.13 -54.05 3.49
C LEU A 552 -44.74 -55.45 3.93
N PRO A 553 -43.49 -55.86 3.74
CA PRO A 553 -43.09 -57.21 4.13
C PRO A 553 -43.05 -57.38 5.64
N GLU A 554 -43.45 -58.57 6.09
CA GLU A 554 -43.42 -58.88 7.51
C GLU A 554 -42.01 -59.15 8.01
N VAL A 555 -41.14 -59.67 7.14
CA VAL A 555 -39.75 -59.96 7.47
C VAL A 555 -39.67 -60.89 8.69
N LYS A 556 -39.63 -60.29 9.88
CA LYS A 556 -39.52 -61.04 11.14
C LYS A 556 -38.31 -61.97 11.14
N SER A 557 -37.24 -61.55 10.47
CA SER A 557 -36.02 -62.35 10.40
C SER A 557 -34.86 -61.42 10.05
N GLN A 558 -33.65 -61.97 10.15
CA GLN A 558 -32.46 -61.17 9.86
C GLN A 558 -32.32 -60.90 8.36
N ASP A 559 -32.54 -61.92 7.54
CA ASP A 559 -32.49 -61.80 6.09
C ASP A 559 -33.85 -62.15 5.53
N ALA A 560 -34.53 -61.17 4.93
CA ALA A 560 -35.90 -61.36 4.48
C ALA A 560 -35.96 -62.16 3.18
N PHE A 561 -35.13 -61.82 2.20
CA PHE A 561 -35.28 -62.39 0.86
C PHE A 561 -35.02 -63.88 0.84
N LEU A 562 -33.96 -64.34 1.53
CA LEU A 562 -33.67 -65.77 1.54
C LEU A 562 -34.75 -66.55 2.29
N HIS A 563 -35.28 -65.97 3.38
CA HIS A 563 -36.38 -66.60 4.09
C HIS A 563 -37.71 -66.46 3.36
N MET A 564 -37.80 -65.59 2.36
CA MET A 564 -39.00 -65.43 1.55
C MET A 564 -38.79 -65.96 0.13
N LYS A 565 -38.02 -67.03 0.00
CA LYS A 565 -37.80 -67.66 -1.30
C LYS A 565 -37.92 -69.17 -1.17
N GLU A 566 -36.90 -69.81 -0.62
CA GLU A 566 -36.96 -71.27 -0.43
C GLU A 566 -37.96 -71.63 0.65
N GLU A 567 -37.93 -70.94 1.77
CA GLU A 567 -38.89 -71.14 2.85
C GLU A 567 -40.20 -70.46 2.48
N LYS A 568 -41.21 -71.25 2.16
CA LYS A 568 -42.53 -70.76 1.73
C LYS A 568 -42.32 -69.92 0.46
N THR A 569 -43.09 -68.85 0.26
CA THR A 569 -42.94 -68.01 -0.92
C THR A 569 -43.09 -66.53 -0.55
N GLU A 570 -44.31 -66.13 -0.20
CA GLU A 570 -44.64 -64.76 0.19
C GLU A 570 -44.44 -63.79 -0.97
N LEU A 571 -45.53 -63.20 -1.45
CA LEU A 571 -45.48 -62.31 -2.60
C LEU A 571 -46.35 -61.09 -2.30
N TYR A 572 -46.80 -60.41 -3.36
CA TYR A 572 -47.72 -59.28 -3.26
C TYR A 572 -49.08 -59.72 -3.80
N PRO A 573 -49.93 -60.33 -2.97
CA PRO A 573 -51.21 -60.83 -3.48
C PRO A 573 -52.21 -59.70 -3.73
N GLU A 574 -52.97 -59.84 -4.80
CA GLU A 574 -53.99 -58.86 -5.14
C GLU A 574 -55.10 -58.88 -4.10
N SER A 575 -55.96 -57.87 -4.17
CA SER A 575 -57.10 -57.68 -3.26
C SER A 575 -56.63 -57.30 -1.85
N LYS A 576 -55.32 -57.35 -1.62
CA LYS A 576 -54.73 -56.88 -0.37
C LYS A 576 -54.10 -55.49 -0.51
N PHE A 577 -54.31 -54.84 -1.66
CA PHE A 577 -53.78 -53.51 -1.88
C PHE A 577 -54.60 -52.48 -1.10
N LYS A 578 -54.15 -51.24 -1.13
CA LYS A 578 -54.84 -50.15 -0.44
C LYS A 578 -54.55 -48.84 -1.16
N LYS A 579 -54.68 -47.72 -0.45
CA LYS A 579 -54.58 -46.40 -1.06
C LYS A 579 -53.13 -46.03 -1.36
N ILE A 580 -52.95 -44.81 -1.87
CA ILE A 580 -51.64 -44.29 -2.25
C ILE A 580 -51.11 -43.40 -1.14
N HIS A 581 -49.89 -42.91 -1.32
CA HIS A 581 -49.24 -42.03 -0.33
C HIS A 581 -49.54 -40.56 -0.59
N MET A 582 -49.42 -40.12 -1.85
CA MET A 582 -49.67 -38.76 -2.30
C MET A 582 -48.76 -37.73 -1.61
N PRO A 583 -47.43 -37.80 -1.81
CA PRO A 583 -46.60 -36.64 -1.49
C PRO A 583 -46.06 -35.98 -2.76
N SER A 584 -46.90 -35.19 -3.42
CA SER A 584 -46.58 -34.72 -4.76
C SER A 584 -45.47 -33.67 -4.73
N ASN A 585 -45.14 -33.15 -5.91
CA ASN A 585 -44.00 -32.27 -6.07
C ASN A 585 -44.35 -30.82 -5.75
N SER A 586 -43.35 -30.07 -5.31
CA SER A 586 -43.45 -28.64 -5.06
C SER A 586 -42.23 -27.95 -5.66
N GLY A 587 -42.46 -26.90 -6.42
CA GLY A 587 -41.38 -26.22 -7.12
C GLY A 587 -40.56 -25.25 -6.30
N ARG A 588 -40.79 -25.18 -4.99
CA ARG A 588 -40.08 -24.26 -4.12
C ARG A 588 -38.62 -24.66 -3.88
N PRO A 589 -38.31 -25.94 -3.62
CA PRO A 589 -36.91 -26.31 -3.40
C PRO A 589 -35.96 -25.85 -4.50
N PHE A 590 -36.39 -25.85 -5.75
CA PHE A 590 -35.54 -25.34 -6.82
C PHE A 590 -35.35 -23.84 -6.69
N PHE A 591 -36.44 -23.10 -6.45
CA PHE A 591 -36.32 -21.66 -6.23
C PHE A 591 -35.64 -21.36 -4.89
N MET A 592 -35.78 -22.25 -3.91
CA MET A 592 -35.14 -22.04 -2.62
C MET A 592 -33.62 -22.16 -2.73
N SER A 593 -33.15 -23.14 -3.51
CA SER A 593 -31.71 -23.32 -3.67
C SER A 593 -31.11 -22.29 -4.62
N VAL A 594 -31.88 -21.79 -5.58
CA VAL A 594 -31.39 -20.73 -6.45
C VAL A 594 -31.14 -19.47 -5.65
N ALA A 595 -32.01 -19.17 -4.68
CA ALA A 595 -31.79 -18.01 -3.82
C ALA A 595 -30.50 -18.15 -3.03
N PHE A 596 -30.20 -19.36 -2.54
CA PHE A 596 -28.92 -19.59 -1.89
C PHE A 596 -27.77 -19.50 -2.89
N GLY A 597 -27.96 -20.05 -4.09
CA GLY A 597 -26.95 -19.92 -5.12
C GLY A 597 -26.76 -18.49 -5.61
N LEU A 598 -27.85 -17.71 -5.65
CA LEU A 598 -27.74 -16.32 -6.05
C LEU A 598 -27.08 -15.47 -4.97
N ALA A 599 -27.45 -15.70 -3.71
CA ALA A 599 -26.83 -14.97 -2.60
C ALA A 599 -25.37 -15.35 -2.44
N GLY A 600 -25.04 -16.62 -2.59
CA GLY A 600 -23.65 -17.04 -2.46
C GLY A 600 -22.78 -16.51 -3.58
N PHE A 601 -23.26 -16.60 -4.82
CA PHE A 601 -22.48 -16.13 -5.96
C PHE A 601 -22.27 -14.61 -5.89
N GLY A 602 -23.27 -13.87 -5.42
CA GLY A 602 -23.13 -12.43 -5.32
C GLY A 602 -22.07 -12.01 -4.32
N LEU A 603 -21.97 -12.73 -3.20
CA LEU A 603 -20.98 -12.38 -2.18
C LEU A 603 -19.57 -12.80 -2.60
N VAL A 604 -19.45 -13.81 -3.45
CA VAL A 604 -18.15 -14.34 -3.85
C VAL A 604 -17.56 -13.47 -4.95
N PHE A 605 -18.18 -13.49 -6.13
CA PHE A 605 -17.69 -12.73 -7.28
C PHE A 605 -17.69 -11.24 -6.97
N GLU A 606 -16.54 -10.72 -6.56
CA GLU A 606 -16.38 -9.33 -6.10
C GLU A 606 -17.31 -9.13 -4.91
N TRP A 607 -17.82 -7.92 -4.72
CA TRP A 607 -18.68 -7.57 -3.58
C TRP A 607 -17.99 -7.95 -2.26
N TYR A 608 -16.86 -7.27 -2.01
CA TYR A 608 -16.03 -7.60 -0.85
C TYR A 608 -16.74 -7.28 0.46
N TRP A 609 -17.09 -6.01 0.65
CA TRP A 609 -17.61 -5.57 1.95
C TRP A 609 -19.02 -6.12 2.17
N MET A 610 -19.95 -5.82 1.26
CA MET A 610 -21.32 -6.27 1.37
C MET A 610 -21.83 -6.67 0.00
N GLY A 611 -23.01 -7.30 -0.02
CA GLY A 611 -23.58 -7.76 -1.26
C GLY A 611 -24.93 -7.15 -1.59
N VAL A 612 -25.06 -6.62 -2.81
CA VAL A 612 -26.33 -6.07 -3.25
C VAL A 612 -27.35 -7.18 -3.48
N VAL A 613 -26.93 -8.25 -4.17
CA VAL A 613 -27.81 -9.38 -4.43
C VAL A 613 -27.68 -10.47 -3.37
N GLY A 614 -26.64 -10.44 -2.54
CA GLY A 614 -26.52 -11.40 -1.47
C GLY A 614 -27.60 -11.27 -0.42
N LEU A 615 -28.06 -10.04 -0.17
CA LEU A 615 -29.16 -9.83 0.76
C LEU A 615 -30.50 -10.25 0.15
N ILE A 616 -30.60 -10.20 -1.19
CA ILE A 616 -31.84 -10.61 -1.84
C ILE A 616 -32.04 -12.12 -1.72
N GLY A 617 -30.94 -12.89 -1.81
CA GLY A 617 -31.05 -14.33 -1.64
C GLY A 617 -31.58 -14.72 -0.27
N VAL A 618 -31.12 -14.04 0.77
CA VAL A 618 -31.69 -14.25 2.10
C VAL A 618 -33.14 -13.74 2.13
N LEU A 619 -33.42 -12.65 1.41
CA LEU A 619 -34.78 -12.15 1.33
C LEU A 619 -35.70 -13.17 0.64
N LEU A 620 -35.23 -13.77 -0.46
CA LEU A 620 -36.03 -14.78 -1.14
C LEU A 620 -36.14 -16.07 -0.33
N CYS A 621 -35.09 -16.39 0.44
CA CYS A 621 -35.14 -17.61 1.25
C CYS A 621 -36.13 -17.46 2.40
N MET A 622 -36.07 -16.34 3.13
CA MET A 622 -36.98 -16.13 4.25
C MET A 622 -38.42 -16.01 3.79
N VAL A 623 -38.64 -15.51 2.58
CA VAL A 623 -39.99 -15.51 2.02
C VAL A 623 -40.45 -16.93 1.74
N LEU A 624 -39.55 -17.78 1.23
CA LEU A 624 -39.90 -19.17 0.98
C LEU A 624 -39.99 -19.96 2.28
N ARG A 625 -39.26 -19.54 3.32
CA ARG A 625 -39.43 -20.17 4.63
C ARG A 625 -40.75 -19.78 5.27
N SER A 626 -41.35 -18.65 4.87
CA SER A 626 -42.73 -18.37 5.23
C SER A 626 -43.69 -19.22 4.40
N PHE A 627 -43.34 -19.47 3.14
CA PHE A 627 -44.08 -20.41 2.32
C PHE A 627 -43.94 -21.84 2.84
N GLU A 628 -42.89 -22.11 3.63
CA GLU A 628 -42.70 -23.45 4.19
C GLU A 628 -43.88 -23.84 5.06
N TYR A 629 -44.29 -22.95 5.97
CA TYR A 629 -45.43 -23.21 6.84
C TYR A 629 -46.66 -22.40 6.43
N ASP A 630 -46.83 -22.19 5.13
CA ASP A 630 -48.03 -21.58 4.60
C ASP A 630 -48.66 -22.43 3.49
N ASN A 631 -48.18 -23.65 3.31
CA ASN A 631 -48.69 -24.57 2.29
C ASN A 631 -49.28 -25.78 2.99
N GLY A 632 -50.54 -26.08 2.71
CA GLY A 632 -51.22 -27.20 3.31
C GLY A 632 -51.29 -28.37 2.34
N TYR A 633 -50.83 -29.53 2.81
CA TYR A 633 -50.80 -30.72 1.98
C TYR A 633 -51.11 -31.97 2.78
N GLN B 16 17.02 -38.68 14.02
CA GLN B 16 16.88 -40.08 13.67
C GLN B 16 16.61 -40.94 14.90
N GLN B 17 16.29 -40.29 16.02
CA GLN B 17 15.97 -41.03 17.23
C GLN B 17 14.66 -41.79 17.08
N SER B 18 13.68 -41.19 16.42
CA SER B 18 12.41 -41.84 16.12
C SER B 18 12.47 -42.67 14.83
N ASP B 19 13.61 -42.68 14.14
CA ASP B 19 13.75 -43.49 12.94
C ASP B 19 13.73 -44.98 13.26
N LEU B 20 14.24 -45.36 14.44
CA LEU B 20 14.15 -46.76 14.86
C LEU B 20 12.71 -47.23 14.98
N ILE B 21 11.80 -46.31 15.31
CA ILE B 21 10.37 -46.64 15.32
C ILE B 21 9.90 -46.96 13.91
N LEU B 22 10.40 -46.24 12.91
CA LEU B 22 9.94 -46.43 11.54
C LEU B 22 10.33 -47.81 11.01
N LEU B 23 11.60 -48.18 11.15
CA LEU B 23 12.06 -49.46 10.62
C LEU B 23 11.46 -50.64 11.39
N SER B 24 11.40 -50.55 12.72
CA SER B 24 10.87 -51.64 13.51
C SER B 24 9.38 -51.83 13.26
N ILE B 25 8.64 -50.74 13.06
CA ILE B 25 7.20 -50.85 12.84
C ILE B 25 6.92 -51.37 11.43
N GLY B 26 7.85 -51.16 10.50
CA GLY B 26 7.63 -51.63 9.14
C GLY B 26 7.41 -53.12 9.03
N PHE B 27 8.20 -53.90 9.77
CA PHE B 27 8.00 -55.35 9.75
C PHE B 27 6.74 -55.76 10.49
N MET B 28 6.30 -54.96 11.47
CA MET B 28 5.09 -55.30 12.20
C MET B 28 3.86 -55.30 11.29
N LEU B 29 3.80 -54.35 10.35
CA LEU B 29 2.71 -54.31 9.38
C LEU B 29 3.03 -55.10 8.12
N PHE B 30 4.31 -55.40 7.87
CA PHE B 30 4.64 -56.34 6.80
C PHE B 30 4.07 -57.72 7.09
N ILE B 31 4.09 -58.12 8.37
CA ILE B 31 3.45 -59.37 8.77
C ILE B 31 1.94 -59.30 8.57
N VAL B 32 1.33 -58.19 8.99
CA VAL B 32 -0.12 -58.03 8.83
C VAL B 32 -0.50 -58.04 7.35
N GLY B 33 0.36 -57.46 6.50
CA GLY B 33 0.09 -57.50 5.08
C GLY B 33 0.16 -58.90 4.50
N VAL B 34 1.06 -59.74 5.02
CA VAL B 34 1.14 -61.13 4.59
C VAL B 34 0.18 -62.03 5.36
N VAL B 35 -0.20 -61.65 6.58
CA VAL B 35 -1.20 -62.43 7.32
C VAL B 35 -2.51 -62.48 6.54
N PHE B 36 -2.92 -61.36 5.96
CA PHE B 36 -4.11 -61.34 5.12
C PHE B 36 -3.86 -61.92 3.74
N VAL B 37 -2.60 -62.16 3.37
CA VAL B 37 -2.32 -62.99 2.20
C VAL B 37 -2.56 -64.46 2.54
N LEU B 38 -2.25 -64.86 3.77
CA LEU B 38 -2.55 -66.21 4.22
C LEU B 38 -4.04 -66.38 4.49
N PHE B 39 -4.73 -65.32 4.92
CA PHE B 39 -6.14 -65.38 5.23
C PHE B 39 -7.03 -65.29 3.99
N THR B 40 -6.44 -65.20 2.80
CA THR B 40 -7.23 -65.12 1.56
C THR B 40 -6.74 -66.10 0.53
N ILE B 41 -5.44 -66.06 0.20
CA ILE B 41 -4.90 -66.86 -0.89
C ILE B 41 -4.87 -68.34 -0.52
N ILE B 42 -4.74 -68.66 0.77
CA ILE B 42 -4.69 -70.06 1.18
C ILE B 42 -6.00 -70.76 0.82
N LEU B 43 -7.12 -70.10 1.07
CA LEU B 43 -8.41 -70.69 0.72
C LEU B 43 -8.94 -69.92 -0.48
N VAL B 44 -10.22 -69.56 -0.44
CA VAL B 44 -10.87 -68.85 -1.53
C VAL B 44 -10.83 -69.68 -2.80
N LYS B 45 -9.61 -69.97 -3.29
CA LYS B 45 -9.46 -70.76 -4.50
C LYS B 45 -9.98 -72.17 -4.32
N TYR B 46 -9.72 -72.77 -3.15
CA TYR B 46 -10.18 -74.13 -2.89
C TYR B 46 -11.70 -74.20 -2.78
N ARG B 47 -12.34 -73.09 -2.39
CA ARG B 47 -13.77 -73.07 -2.13
C ARG B 47 -14.48 -72.31 -3.25
N ASP B 48 -14.49 -72.92 -4.44
CA ASP B 48 -15.23 -72.42 -5.59
C ASP B 48 -16.18 -73.49 -6.09
N ARG B 49 -17.20 -73.04 -6.83
CA ARG B 49 -18.19 -73.98 -7.35
C ARG B 49 -17.60 -74.90 -8.42
N LYS B 50 -16.64 -74.41 -9.19
CA LYS B 50 -16.01 -75.22 -10.23
C LYS B 50 -14.71 -75.84 -9.72
N THR B 65 -18.62 -66.31 17.43
CA THR B 65 -18.98 -65.81 18.75
C THR B 65 -17.83 -66.01 19.72
N PHE B 66 -17.15 -67.15 19.60
CA PHE B 66 -16.01 -67.45 20.47
C PHE B 66 -14.70 -66.97 19.87
N LEU B 67 -14.60 -66.89 18.55
CA LEU B 67 -13.37 -66.39 17.92
C LEU B 67 -13.23 -64.89 18.04
N GLU B 68 -14.36 -64.16 18.01
CA GLU B 68 -14.29 -62.71 18.13
C GLU B 68 -13.89 -62.29 19.54
N VAL B 69 -14.47 -62.92 20.56
CA VAL B 69 -14.14 -62.54 21.93
C VAL B 69 -12.72 -62.97 22.29
N VAL B 70 -12.25 -64.07 21.71
CA VAL B 70 -10.87 -64.49 21.94
C VAL B 70 -9.90 -63.67 21.10
N TRP B 71 -10.39 -63.00 20.05
CA TRP B 71 -9.57 -62.10 19.26
C TRP B 71 -9.29 -60.78 19.95
N THR B 72 -10.10 -60.42 20.96
CA THR B 72 -9.92 -59.19 21.72
C THR B 72 -8.74 -59.23 22.67
N VAL B 73 -7.86 -60.23 22.57
CA VAL B 73 -6.65 -60.29 23.37
C VAL B 73 -5.42 -59.85 22.59
N ILE B 74 -5.44 -59.93 21.26
CA ILE B 74 -4.30 -59.56 20.42
C ILE B 74 -4.34 -58.14 19.86
N PRO B 75 -5.51 -57.43 19.73
CA PRO B 75 -5.48 -56.16 19.00
C PRO B 75 -4.85 -55.04 19.82
N ILE B 76 -5.13 -55.01 21.12
CA ILE B 76 -4.41 -54.09 22.00
C ILE B 76 -2.94 -54.49 22.09
N LEU B 77 -2.66 -55.80 22.07
CA LEU B 77 -1.29 -56.29 22.11
C LEU B 77 -0.47 -55.74 20.94
N ILE B 78 -1.12 -55.37 19.83
CA ILE B 78 -0.39 -54.77 18.73
C ILE B 78 -0.21 -53.27 18.96
N VAL B 79 -1.16 -52.60 19.60
CA VAL B 79 -1.11 -51.16 19.75
C VAL B 79 -0.53 -50.77 21.11
N ILE B 80 -0.71 -51.62 22.13
CA ILE B 80 -0.14 -51.32 23.44
C ILE B 80 1.37 -51.53 23.46
N ALA B 81 1.90 -52.33 22.53
CA ALA B 81 3.34 -52.42 22.35
C ALA B 81 3.90 -51.15 21.73
N LEU B 82 3.05 -50.31 21.15
CA LEU B 82 3.46 -49.01 20.63
C LEU B 82 2.89 -47.84 21.41
N SER B 83 1.84 -48.05 22.20
CA SER B 83 1.25 -47.00 23.02
C SER B 83 2.06 -46.69 24.27
N VAL B 84 3.29 -47.20 24.37
CA VAL B 84 4.17 -46.92 25.50
C VAL B 84 5.50 -46.35 24.99
N PRO B 85 6.20 -47.00 24.05
CA PRO B 85 7.45 -46.39 23.56
C PRO B 85 7.22 -45.09 22.80
N THR B 86 6.07 -44.94 22.15
CA THR B 86 5.75 -43.67 21.51
C THR B 86 5.53 -42.59 22.56
N VAL B 87 4.82 -42.92 23.65
CA VAL B 87 4.62 -41.95 24.72
C VAL B 87 5.93 -41.74 25.50
N GLN B 88 6.76 -42.78 25.59
CA GLN B 88 8.08 -42.60 26.17
C GLN B 88 9.03 -41.83 25.26
N THR B 89 8.60 -41.50 24.05
CA THR B 89 9.35 -40.66 23.13
C THR B 89 8.76 -39.26 23.00
N ILE B 90 7.43 -39.12 23.07
CA ILE B 90 6.80 -37.80 23.09
C ILE B 90 7.34 -36.97 24.24
N TYR B 91 7.43 -37.57 25.43
CA TYR B 91 8.04 -36.90 26.57
C TYR B 91 9.55 -36.85 26.47
N SER B 92 10.16 -37.70 25.65
CA SER B 92 11.61 -37.69 25.50
C SER B 92 12.07 -36.52 24.63
N LEU B 93 11.30 -36.16 23.60
CA LEU B 93 11.63 -35.04 22.75
C LEU B 93 11.38 -33.70 23.42
N GLU B 94 10.66 -33.69 24.55
CA GLU B 94 10.40 -32.47 25.30
C GLU B 94 11.68 -31.98 25.96
N LYS B 95 12.14 -32.69 26.99
CA LYS B 95 13.38 -32.33 27.68
C LYS B 95 14.61 -32.60 26.81
N ALA B 96 15.75 -32.07 27.26
CA ALA B 96 17.07 -32.06 26.62
C ALA B 96 17.39 -33.27 25.75
N PRO B 97 17.32 -33.12 24.42
CA PRO B 97 17.56 -34.24 23.50
C PRO B 97 19.01 -34.67 23.27
N GLU B 98 19.38 -34.66 21.98
CA GLU B 98 20.51 -35.42 21.47
C GLU B 98 21.87 -35.02 22.03
N ALA B 99 22.47 -35.96 22.79
CA ALA B 99 23.90 -36.01 23.13
C ALA B 99 24.39 -34.84 23.98
N THR B 100 23.71 -34.55 25.10
CA THR B 100 24.25 -33.44 25.91
C THR B 100 23.89 -33.32 27.38
N LYS B 101 23.10 -34.21 27.97
CA LYS B 101 22.58 -33.97 29.33
C LYS B 101 22.02 -32.54 29.35
N ASP B 102 22.49 -31.67 30.25
CA ASP B 102 21.93 -30.33 30.41
C ASP B 102 23.03 -29.26 30.36
N LYS B 103 23.82 -29.25 29.28
CA LYS B 103 24.89 -28.26 29.14
C LYS B 103 24.96 -27.79 27.69
N GLU B 104 25.81 -26.78 27.46
CA GLU B 104 26.04 -26.15 26.16
C GLU B 104 24.74 -25.67 25.54
N PRO B 105 24.10 -24.63 26.09
CA PRO B 105 22.83 -24.17 25.52
C PRO B 105 22.99 -23.07 24.47
N LEU B 106 22.91 -23.46 23.20
CA LEU B 106 22.96 -22.50 22.09
C LEU B 106 21.54 -22.19 21.63
N VAL B 107 21.25 -20.91 21.46
CA VAL B 107 19.93 -20.45 21.02
C VAL B 107 20.07 -19.87 19.62
N VAL B 108 19.10 -20.19 18.76
CA VAL B 108 19.05 -19.66 17.39
C VAL B 108 17.60 -19.30 17.09
N TYR B 109 17.32 -18.00 17.01
CA TYR B 109 15.97 -17.55 16.67
C TYR B 109 15.71 -17.81 15.19
N ALA B 110 14.69 -18.61 14.91
CA ALA B 110 14.32 -18.96 13.53
C ALA B 110 12.98 -18.32 13.21
N THR B 111 12.96 -17.50 12.15
CA THR B 111 11.76 -16.83 11.70
C THR B 111 11.50 -17.19 10.24
N SER B 112 10.21 -17.29 9.89
CA SER B 112 9.80 -17.71 8.56
C SER B 112 8.96 -16.59 7.92
N VAL B 113 9.53 -15.93 6.92
CA VAL B 113 8.75 -15.04 6.07
C VAL B 113 8.27 -15.87 4.89
N ASP B 114 7.58 -15.24 3.95
CA ASP B 114 7.12 -15.97 2.77
C ASP B 114 8.31 -16.44 1.96
N TRP B 115 8.28 -17.71 1.55
CA TRP B 115 9.30 -18.36 0.72
C TRP B 115 10.68 -18.39 1.38
N LYS B 116 11.08 -17.30 2.03
CA LYS B 116 12.45 -17.12 2.49
C LYS B 116 12.57 -17.44 3.97
N TRP B 117 13.72 -17.97 4.36
CA TRP B 117 14.01 -18.37 5.73
C TRP B 117 14.99 -17.39 6.37
N VAL B 118 14.73 -17.07 7.64
CA VAL B 118 15.56 -16.13 8.39
C VAL B 118 15.99 -16.79 9.69
N PHE B 119 17.27 -16.69 10.02
CA PHE B 119 17.83 -17.25 11.24
C PHE B 119 18.76 -16.23 11.88
N SER B 120 18.47 -15.87 13.13
CA SER B 120 19.26 -14.88 13.86
C SER B 120 19.82 -15.51 15.12
N TYR B 121 21.11 -15.30 15.37
CA TYR B 121 21.77 -15.84 16.55
C TYR B 121 21.76 -14.82 17.68
N PRO B 122 21.09 -15.08 18.81
CA PRO B 122 21.13 -14.14 19.93
C PRO B 122 22.41 -14.21 20.75
N GLU B 123 23.22 -15.26 20.57
CA GLU B 123 24.47 -15.35 21.33
C GLU B 123 25.42 -14.22 20.96
N GLN B 124 25.67 -14.04 19.66
CA GLN B 124 26.42 -12.89 19.17
C GLN B 124 25.67 -12.30 17.98
N ASP B 125 25.76 -10.97 17.84
CA ASP B 125 25.00 -10.24 16.85
C ASP B 125 25.28 -10.74 15.43
N ILE B 126 24.64 -11.85 15.06
CA ILE B 126 24.77 -12.45 13.73
C ILE B 126 23.39 -12.96 13.32
N GLU B 127 23.11 -12.91 12.02
CA GLU B 127 21.83 -13.36 11.49
C GLU B 127 22.00 -13.79 10.03
N THR B 128 21.67 -15.03 9.73
CA THR B 128 21.80 -15.57 8.38
C THR B 128 20.44 -15.78 7.75
N VAL B 129 20.41 -15.82 6.42
CA VAL B 129 19.18 -15.95 5.65
C VAL B 129 19.35 -17.06 4.63
N ASN B 130 18.38 -17.98 4.59
CA ASN B 130 18.37 -19.11 3.64
C ASN B 130 19.64 -19.95 3.74
N TYR B 131 20.28 -19.94 4.91
CA TYR B 131 21.50 -20.70 5.15
C TYR B 131 21.75 -20.71 6.64
N LEU B 132 22.34 -21.80 7.14
CA LEU B 132 22.56 -21.95 8.57
C LEU B 132 23.68 -22.94 8.80
N ASN B 133 24.61 -22.59 9.69
CA ASN B 133 25.73 -23.44 10.08
C ASN B 133 25.66 -23.69 11.57
N ILE B 134 25.80 -24.95 11.97
CA ILE B 134 25.74 -25.32 13.38
C ILE B 134 26.86 -26.30 13.69
N PRO B 135 27.53 -26.16 14.83
CA PRO B 135 28.58 -27.13 15.19
C PRO B 135 27.99 -28.46 15.57
N VAL B 136 28.71 -29.53 15.22
CA VAL B 136 28.23 -30.88 15.50
C VAL B 136 28.29 -31.15 16.99
N ASP B 137 27.35 -31.98 17.46
CA ASP B 137 27.30 -32.43 18.85
C ASP B 137 27.15 -31.26 19.83
N ARG B 138 26.29 -30.31 19.46
CA ARG B 138 25.96 -29.19 20.34
C ARG B 138 24.45 -29.02 20.39
N PRO B 139 23.87 -28.83 21.59
CA PRO B 139 22.44 -28.57 21.69
C PRO B 139 22.10 -27.23 21.07
N ILE B 140 21.04 -27.20 20.26
CA ILE B 140 20.58 -25.99 19.61
C ILE B 140 19.10 -25.80 19.93
N LEU B 141 18.79 -24.73 20.65
CA LEU B 141 17.41 -24.44 21.03
C LEU B 141 16.82 -23.56 19.93
N PHE B 142 16.29 -24.21 18.89
CA PHE B 142 15.68 -23.49 17.78
C PHE B 142 14.38 -22.85 18.23
N LYS B 143 14.35 -21.51 18.24
CA LYS B 143 13.14 -20.76 18.53
C LYS B 143 12.37 -20.59 17.22
N ILE B 144 11.25 -21.30 17.09
CA ILE B 144 10.52 -21.38 15.83
C ILE B 144 9.41 -20.34 15.84
N SER B 145 9.37 -19.52 14.79
CA SER B 145 8.33 -18.51 14.63
C SER B 145 8.19 -18.21 13.14
N SER B 146 7.16 -17.43 12.81
CA SER B 146 6.89 -17.05 11.44
C SER B 146 6.52 -15.58 11.37
N ALA B 147 6.54 -15.04 10.15
CA ALA B 147 6.28 -13.63 9.91
C ALA B 147 4.90 -13.37 9.33
N ASP B 148 4.53 -14.08 8.28
CA ASP B 148 3.28 -13.82 7.58
C ASP B 148 2.44 -15.08 7.36
N SER B 149 3.07 -16.20 7.04
CA SER B 149 2.36 -17.45 6.79
C SER B 149 2.94 -18.56 7.64
N MET B 150 2.10 -19.53 7.98
CA MET B 150 2.55 -20.68 8.77
C MET B 150 3.53 -21.51 7.96
N ALA B 151 4.51 -22.08 8.68
CA ALA B 151 5.55 -22.87 8.04
C ALA B 151 6.12 -23.83 9.08
N SER B 152 7.16 -24.58 8.67
CA SER B 152 7.83 -25.51 9.56
C SER B 152 9.15 -25.97 8.95
N LEU B 153 10.25 -25.84 9.71
CA LEU B 153 11.55 -26.27 9.22
C LEU B 153 11.63 -27.79 9.32
N TRP B 154 11.47 -28.47 8.18
CA TRP B 154 11.52 -29.92 8.16
C TRP B 154 12.96 -30.40 8.36
N ILE B 155 13.81 -30.16 7.37
CA ILE B 155 15.19 -30.63 7.36
C ILE B 155 15.19 -32.14 7.54
N PRO B 156 15.10 -32.92 6.45
CA PRO B 156 14.89 -34.38 6.58
C PRO B 156 16.00 -35.11 7.33
N GLN B 157 17.10 -34.45 7.65
CA GLN B 157 18.19 -35.09 8.39
C GLN B 157 18.09 -34.88 9.89
N LEU B 158 17.30 -33.92 10.35
CA LEU B 158 17.15 -33.67 11.77
C LEU B 158 15.97 -34.41 12.39
N GLY B 159 15.06 -34.95 11.57
CA GLY B 159 13.97 -35.76 12.08
C GLY B 159 12.68 -34.98 12.27
N GLY B 160 12.36 -34.68 13.52
CA GLY B 160 11.08 -34.04 13.82
C GLY B 160 11.06 -32.59 13.37
N GLN B 161 9.91 -32.16 12.85
CA GLN B 161 9.69 -30.79 12.44
C GLN B 161 8.68 -30.13 13.36
N LYS B 162 8.78 -28.81 13.49
CA LYS B 162 7.90 -28.02 14.34
C LYS B 162 7.32 -26.87 13.53
N TYR B 163 6.01 -26.65 13.67
CA TYR B 163 5.35 -25.59 12.93
C TYR B 163 5.84 -24.22 13.37
N ALA B 164 6.02 -23.32 12.40
CA ALA B 164 6.38 -21.94 12.67
C ALA B 164 5.08 -21.15 12.83
N MET B 165 4.66 -20.95 14.07
CA MET B 165 3.41 -20.27 14.38
C MET B 165 3.65 -18.77 14.45
N ALA B 166 2.99 -18.02 13.57
CA ALA B 166 3.14 -16.57 13.54
C ALA B 166 2.39 -15.96 14.72
N GLY B 167 3.11 -15.71 15.81
CA GLY B 167 2.50 -15.12 16.99
C GLY B 167 3.12 -15.59 18.30
N MET B 168 3.87 -16.69 18.25
CA MET B 168 4.49 -17.23 19.45
C MET B 168 5.68 -18.09 19.03
N LEU B 169 6.64 -18.23 19.94
CA LEU B 169 7.86 -18.98 19.69
C LEU B 169 7.72 -20.40 20.23
N MET B 170 8.01 -21.39 19.41
CA MET B 170 7.97 -22.79 19.79
C MET B 170 9.40 -23.31 19.90
N ASP B 171 9.72 -23.90 21.05
CA ASP B 171 11.06 -24.42 21.30
C ASP B 171 11.20 -25.84 20.76
N GLN B 172 12.33 -26.10 20.10
CA GLN B 172 12.61 -27.41 19.54
C GLN B 172 14.12 -27.60 19.49
N TYR B 173 14.62 -28.61 20.18
CA TYR B 173 16.05 -28.90 20.22
C TYR B 173 16.42 -29.88 19.11
N LEU B 174 17.60 -29.68 18.53
CA LEU B 174 18.12 -30.56 17.49
C LEU B 174 19.61 -30.79 17.75
N GLN B 175 20.24 -31.49 16.82
CA GLN B 175 21.68 -31.79 16.86
C GLN B 175 22.07 -32.29 15.47
N ALA B 176 23.34 -32.65 15.31
CA ALA B 176 23.85 -33.14 14.04
C ALA B 176 24.53 -34.48 14.26
N ASP B 177 24.10 -35.48 13.50
CA ASP B 177 24.65 -36.84 13.61
C ASP B 177 26.10 -36.86 13.14
N LYS B 178 26.31 -36.69 11.83
CA LYS B 178 27.64 -36.72 11.23
C LYS B 178 27.84 -35.45 10.42
N VAL B 179 29.10 -35.15 10.12
CA VAL B 179 29.43 -33.98 9.32
C VAL B 179 28.98 -34.20 7.89
N GLY B 180 28.19 -33.27 7.36
CA GLY B 180 27.71 -33.41 6.00
C GLY B 180 26.86 -32.23 5.60
N THR B 181 26.20 -32.38 4.46
CA THR B 181 25.33 -31.34 3.90
C THR B 181 23.89 -31.80 4.10
N TYR B 182 23.22 -31.22 5.09
CA TYR B 182 21.84 -31.58 5.41
C TYR B 182 20.89 -30.76 4.55
N GLU B 183 20.02 -31.45 3.81
CA GLU B 183 18.99 -30.75 3.07
C GLU B 183 17.95 -30.18 4.03
N GLY B 184 17.25 -29.14 3.57
CA GLY B 184 16.23 -28.50 4.39
C GLY B 184 15.10 -27.95 3.56
N ARG B 185 13.87 -28.06 4.07
CA ARG B 185 12.69 -27.60 3.35
C ARG B 185 11.64 -27.15 4.35
N ASN B 186 10.47 -26.79 3.84
CA ASN B 186 9.35 -26.32 4.62
C ASN B 186 8.21 -27.32 4.54
N ALA B 187 7.28 -27.23 5.50
CA ALA B 187 6.04 -27.99 5.42
C ALA B 187 5.28 -27.72 4.14
N ASN B 188 5.56 -26.58 3.49
CA ASN B 188 5.05 -26.25 2.16
C ASN B 188 3.52 -26.10 2.18
N PHE B 189 3.04 -25.21 3.04
CA PHE B 189 1.67 -24.74 2.94
C PHE B 189 1.60 -23.82 1.73
N THR B 190 1.26 -24.39 0.58
CA THR B 190 1.58 -23.80 -0.71
C THR B 190 0.99 -22.40 -0.87
N GLY B 191 1.71 -21.56 -1.60
CA GLY B 191 1.32 -20.19 -1.86
C GLY B 191 2.21 -19.56 -2.91
N GLU B 192 1.98 -19.93 -4.18
CA GLU B 192 2.80 -19.49 -5.30
C GLU B 192 4.26 -19.87 -5.10
N HIS B 193 4.99 -19.06 -4.33
CA HIS B 193 6.41 -19.31 -4.08
C HIS B 193 6.56 -20.04 -2.75
N PHE B 194 6.40 -21.36 -2.81
CA PHE B 194 6.58 -22.21 -1.64
C PHE B 194 7.32 -23.51 -1.92
N ALA B 195 7.32 -24.02 -3.15
CA ALA B 195 8.03 -25.26 -3.44
C ALA B 195 9.54 -25.07 -3.39
N ASP B 196 10.02 -23.88 -3.75
CA ASP B 196 11.45 -23.58 -3.74
C ASP B 196 11.91 -22.98 -2.42
N GLN B 197 11.32 -23.40 -1.30
CA GLN B 197 11.77 -22.98 0.02
C GLN B 197 12.96 -23.77 0.52
N GLU B 198 13.58 -24.58 -0.33
CA GLU B 198 14.68 -25.43 0.09
C GLU B 198 15.89 -24.58 0.43
N PHE B 199 16.28 -24.59 1.70
CA PHE B 199 17.45 -23.87 2.18
C PHE B 199 18.48 -24.88 2.67
N ASP B 200 19.69 -24.79 2.15
CA ASP B 200 20.74 -25.74 2.49
C ASP B 200 21.40 -25.34 3.80
N VAL B 201 21.55 -26.31 4.70
CA VAL B 201 22.23 -26.11 5.97
C VAL B 201 23.41 -27.06 6.05
N ASN B 202 24.42 -26.68 6.83
CA ASN B 202 25.62 -27.48 7.00
C ASN B 202 25.97 -27.59 8.47
N ALA B 203 26.62 -28.69 8.81
CA ALA B 203 27.06 -28.97 10.18
C ALA B 203 28.54 -29.34 10.13
N VAL B 204 29.39 -28.45 10.64
CA VAL B 204 30.84 -28.66 10.60
C VAL B 204 31.38 -28.79 12.02
N THR B 205 32.70 -28.89 12.14
CA THR B 205 33.33 -29.08 13.44
C THR B 205 33.27 -27.80 14.27
N GLU B 206 33.64 -27.94 15.55
CA GLU B 206 33.64 -26.78 16.46
C GLU B 206 34.72 -25.78 16.08
N LYS B 207 35.90 -26.26 15.68
CA LYS B 207 37.00 -25.35 15.35
C LYS B 207 36.68 -24.55 14.10
N ASP B 208 36.04 -25.17 13.10
CA ASP B 208 35.65 -24.46 11.89
C ASP B 208 34.45 -23.56 12.10
N PHE B 209 33.61 -23.85 13.10
CA PHE B 209 32.46 -22.99 13.39
C PHE B 209 32.88 -21.71 14.11
N ASN B 210 33.86 -21.80 15.02
CA ASN B 210 34.30 -20.60 15.74
C ASN B 210 35.00 -19.61 14.83
N SER B 211 35.58 -20.06 13.73
CA SER B 211 36.17 -19.15 12.75
C SER B 211 35.17 -18.63 11.74
N TRP B 212 33.93 -19.14 11.75
CA TRP B 212 32.91 -18.64 10.84
C TRP B 212 32.25 -17.39 11.41
N VAL B 213 31.93 -17.42 12.71
CA VAL B 213 31.44 -16.23 13.37
C VAL B 213 32.48 -15.11 13.29
N LYS B 214 33.74 -15.42 13.64
CA LYS B 214 34.79 -14.40 13.61
C LYS B 214 35.35 -14.31 12.19
N LYS B 215 34.65 -13.56 11.35
CA LYS B 215 35.04 -13.27 9.97
C LYS B 215 33.97 -12.32 9.42
N THR B 216 32.70 -12.69 9.60
CA THR B 216 31.57 -11.86 9.18
C THR B 216 31.28 -10.74 10.19
N GLN B 217 31.04 -11.09 11.45
CA GLN B 217 30.60 -10.14 12.47
C GLN B 217 31.67 -9.11 12.84
N PRO B 221 28.42 -7.24 6.41
CA PRO B 221 27.51 -6.09 6.52
C PRO B 221 27.03 -5.87 7.95
N LYS B 222 25.83 -5.29 8.09
CA LYS B 222 25.26 -5.01 9.40
C LYS B 222 23.73 -4.99 9.26
N LEU B 223 23.07 -4.76 10.38
CA LEU B 223 21.62 -4.61 10.39
C LEU B 223 21.25 -3.25 9.82
N THR B 224 20.97 -3.20 8.51
CA THR B 224 20.68 -1.94 7.82
C THR B 224 19.31 -1.37 8.15
N LYS B 225 18.58 -1.96 9.11
CA LYS B 225 17.30 -1.43 9.58
C LYS B 225 16.22 -1.50 8.51
N GLU B 226 16.54 -1.08 7.28
CA GLU B 226 15.57 -1.08 6.20
C GLU B 226 15.58 -2.38 5.39
N LYS B 227 16.75 -3.02 5.26
CA LYS B 227 16.82 -4.27 4.50
C LYS B 227 16.02 -5.38 5.16
N TYR B 228 15.77 -5.29 6.46
CA TYR B 228 14.87 -6.25 7.11
C TYR B 228 13.47 -6.13 6.53
N ASP B 229 12.96 -4.90 6.42
CA ASP B 229 11.68 -4.68 5.77
C ASP B 229 11.73 -5.04 4.29
N GLU B 230 12.92 -5.06 3.70
CA GLU B 230 13.10 -5.48 2.31
C GLU B 230 13.09 -6.99 2.15
N LEU B 231 12.92 -7.74 3.24
CA LEU B 231 12.89 -9.20 3.19
C LEU B 231 11.48 -9.77 3.12
N MET B 232 10.50 -9.11 3.74
CA MET B 232 9.16 -9.67 3.83
C MET B 232 8.46 -9.81 2.48
N LEU B 233 9.02 -9.27 1.40
CA LEU B 233 8.41 -9.46 0.09
C LEU B 233 8.83 -10.81 -0.47
N PRO B 234 7.90 -11.61 -1.00
CA PRO B 234 8.25 -12.97 -1.46
C PRO B 234 8.74 -13.03 -2.89
N GLU B 235 10.05 -13.22 -3.08
CA GLU B 235 10.60 -13.41 -4.42
C GLU B 235 11.67 -14.50 -4.42
N ASN B 236 12.88 -14.16 -4.87
CA ASN B 236 14.01 -15.06 -4.87
C ASN B 236 15.24 -14.28 -4.40
N VAL B 237 16.11 -14.95 -3.65
CA VAL B 237 17.23 -14.30 -2.99
C VAL B 237 18.41 -15.27 -2.96
N ASP B 238 19.59 -14.75 -2.65
CA ASP B 238 20.83 -15.53 -2.66
C ASP B 238 21.28 -15.75 -1.22
N GLU B 239 22.55 -15.52 -0.88
CA GLU B 239 23.04 -15.89 0.45
C GLU B 239 22.66 -14.86 1.51
N LEU B 240 23.07 -13.60 1.31
CA LEU B 240 22.83 -12.51 2.26
C LEU B 240 23.43 -12.83 3.62
N THR B 241 24.70 -12.48 3.82
CA THR B 241 25.41 -12.84 5.04
C THR B 241 24.78 -12.20 6.27
N PHE B 242 24.75 -10.87 6.32
CA PHE B 242 24.19 -10.10 7.44
C PHE B 242 24.90 -10.42 8.75
N SER B 243 25.80 -9.54 9.19
CA SER B 243 26.56 -9.75 10.41
C SER B 243 25.98 -9.01 11.60
N SER B 244 24.66 -9.07 11.78
CA SER B 244 24.02 -8.42 12.91
C SER B 244 22.67 -9.08 13.17
N THR B 245 22.38 -9.33 14.45
CA THR B 245 21.13 -9.94 14.84
C THR B 245 19.98 -8.92 14.80
N HIS B 246 18.81 -9.37 14.35
CA HIS B 246 17.68 -8.49 14.10
C HIS B 246 16.63 -8.52 15.21
N LEU B 247 16.89 -9.22 16.32
CA LEU B 247 15.84 -9.37 17.34
C LEU B 247 15.53 -8.07 18.06
N LYS B 248 16.20 -6.97 17.74
CA LYS B 248 15.87 -5.68 18.32
C LYS B 248 14.60 -5.08 17.75
N TYR B 249 13.90 -5.80 16.86
CA TYR B 249 12.69 -5.30 16.21
C TYR B 249 11.51 -6.15 16.65
N VAL B 250 10.72 -5.62 17.58
CA VAL B 250 9.47 -6.19 18.10
C VAL B 250 9.53 -7.70 18.26
N ASP B 251 10.72 -8.24 18.54
CA ASP B 251 10.92 -9.66 18.81
C ASP B 251 10.57 -10.55 17.62
N HIS B 252 9.51 -10.18 16.89
CA HIS B 252 8.96 -10.91 15.75
C HIS B 252 8.31 -12.21 16.18
N GLY B 253 8.90 -12.92 17.14
CA GLY B 253 8.21 -14.04 17.76
C GLY B 253 6.91 -13.62 18.41
N GLN B 254 6.86 -12.39 18.93
CA GLN B 254 5.63 -11.77 19.38
C GLN B 254 5.26 -10.64 18.43
N ASP B 255 4.00 -10.23 18.48
CA ASP B 255 3.45 -9.20 17.60
C ASP B 255 3.70 -9.56 16.13
N ALA B 256 2.96 -10.58 15.70
CA ALA B 256 3.03 -11.09 14.33
C ALA B 256 2.34 -10.18 13.32
N GLU B 257 1.90 -9.01 13.74
CA GLU B 257 1.28 -7.99 12.88
C GLU B 257 2.29 -7.30 11.96
N TYR B 258 3.52 -7.82 11.88
CA TYR B 258 4.55 -7.21 11.06
C TYR B 258 4.40 -7.60 9.60
N ALA B 259 3.16 -7.84 9.16
CA ALA B 259 2.84 -8.08 7.76
C ALA B 259 2.16 -6.90 7.08
N MET B 260 1.47 -6.05 7.85
CA MET B 260 0.95 -4.80 7.31
C MET B 260 2.05 -3.75 7.21
N GLU B 261 2.83 -3.60 8.28
CA GLU B 261 3.97 -2.70 8.23
C GLU B 261 5.04 -3.17 7.26
N ALA B 262 4.92 -4.37 6.72
CA ALA B 262 5.90 -4.91 5.78
C ALA B 262 5.47 -4.67 4.34
N ARG B 263 4.52 -5.48 3.86
CA ARG B 263 4.14 -5.44 2.45
C ARG B 263 3.42 -4.15 2.09
N LYS B 264 2.72 -3.54 3.03
CA LYS B 264 1.94 -2.35 2.72
C LYS B 264 2.75 -1.07 2.84
N ARG B 265 3.75 -1.02 3.73
CA ARG B 265 4.58 0.17 3.85
C ARG B 265 5.37 0.43 2.58
N LEU B 266 5.70 -0.62 1.83
CA LEU B 266 6.33 -0.46 0.53
C LEU B 266 5.33 -0.43 -0.62
N GLY B 267 4.03 -0.29 -0.31
CA GLY B 267 3.01 -0.16 -1.32
C GLY B 267 2.91 -1.39 -2.20
N TYR B 268 2.37 -2.47 -1.66
CA TYR B 268 2.31 -3.74 -2.39
C TYR B 268 1.28 -4.66 -1.77
N GLN B 269 0.29 -5.06 -2.57
CA GLN B 269 -0.58 -6.17 -2.23
C GLN B 269 -0.96 -6.86 -3.54
N ALA B 270 -0.69 -8.15 -3.62
CA ALA B 270 -0.80 -8.89 -4.86
C ALA B 270 -2.25 -9.17 -5.22
N VAL B 271 -2.45 -9.64 -6.45
CA VAL B 271 -3.72 -10.12 -6.95
C VAL B 271 -3.45 -11.40 -7.74
N SER B 272 -4.50 -11.94 -8.37
CA SER B 272 -4.30 -13.18 -9.12
C SER B 272 -4.09 -12.91 -10.62
N PRO B 273 -4.91 -12.07 -11.28
CA PRO B 273 -4.63 -11.77 -12.69
C PRO B 273 -4.16 -10.35 -12.94
N HIS B 274 -3.00 -10.22 -13.60
CA HIS B 274 -2.52 -8.96 -14.14
C HIS B 274 -2.14 -7.94 -13.07
N SER B 275 -1.36 -6.93 -13.47
CA SER B 275 -1.01 -5.79 -12.62
C SER B 275 -0.37 -6.23 -11.31
N LYS B 276 0.45 -7.29 -11.37
CA LYS B 276 1.19 -7.73 -10.20
C LYS B 276 2.58 -7.10 -10.19
N THR B 277 3.60 -7.94 -10.34
CA THR B 277 5.00 -7.52 -10.33
C THR B 277 5.31 -6.65 -9.12
N ASP B 278 4.71 -7.00 -7.97
CA ASP B 278 4.70 -6.16 -6.79
C ASP B 278 4.14 -4.79 -7.17
N PRO B 279 2.81 -4.59 -7.08
CA PRO B 279 2.16 -3.39 -7.64
C PRO B 279 2.97 -2.11 -7.58
N PHE B 280 3.98 -2.02 -8.45
CA PHE B 280 4.84 -0.86 -8.60
C PHE B 280 5.60 -0.55 -7.32
N GLU B 281 6.34 0.56 -7.31
CA GLU B 281 7.20 0.95 -6.20
C GLU B 281 8.28 -0.10 -5.97
N ASN B 282 9.49 0.16 -6.45
CA ASN B 282 10.55 -0.83 -6.51
C ASN B 282 11.36 -0.91 -5.22
N VAL B 283 12.67 -1.05 -5.35
CA VAL B 283 13.63 -1.23 -4.26
C VAL B 283 13.47 -2.63 -3.66
N LYS B 284 14.50 -3.47 -3.85
CA LYS B 284 14.53 -4.85 -3.39
C LYS B 284 15.88 -5.46 -3.71
N LYS B 285 16.00 -6.79 -3.58
CA LYS B 285 17.21 -7.50 -3.99
C LYS B 285 16.77 -8.88 -4.48
N ASN B 286 16.67 -9.04 -5.80
CA ASN B 286 16.06 -10.20 -6.42
C ASN B 286 17.15 -11.13 -6.97
N GLU B 287 16.78 -11.96 -7.94
CA GLU B 287 17.69 -12.89 -8.58
C GLU B 287 18.32 -12.23 -9.81
N PHE B 288 19.23 -12.95 -10.45
CA PHE B 288 19.92 -12.48 -11.65
C PHE B 288 20.66 -11.16 -11.40
N GLY C 20 -50.66 -38.22 14.38
CA GLY C 20 -49.25 -38.42 14.67
C GLY C 20 -48.33 -37.84 13.60
N ARG C 21 -47.37 -37.02 14.05
CA ARG C 21 -46.41 -36.40 13.14
C ARG C 21 -45.00 -36.64 13.66
N LEU C 22 -44.14 -37.15 12.80
CA LEU C 22 -42.73 -37.38 13.13
C LEU C 22 -41.89 -36.13 13.01
N ASN C 23 -42.47 -35.01 12.57
CA ASN C 23 -41.74 -33.74 12.53
C ASN C 23 -41.39 -33.24 13.93
N ILE C 24 -42.09 -33.71 14.96
CA ILE C 24 -41.74 -33.33 16.32
C ILE C 24 -40.39 -33.94 16.71
N LEU C 25 -40.04 -35.08 16.11
CA LEU C 25 -38.77 -35.73 16.35
C LEU C 25 -37.72 -35.37 15.29
N GLY C 26 -38.13 -35.22 14.03
CA GLY C 26 -37.18 -34.84 12.99
C GLY C 26 -36.61 -33.45 13.20
N PHE C 27 -37.45 -32.50 13.57
CA PHE C 27 -36.98 -31.16 13.93
C PHE C 27 -36.56 -31.07 15.38
N TRP C 28 -36.38 -32.21 16.05
CA TRP C 28 -35.86 -32.29 17.40
C TRP C 28 -34.38 -32.65 17.43
N ILE C 29 -33.96 -33.61 16.60
CA ILE C 29 -32.53 -33.90 16.47
C ILE C 29 -31.80 -32.71 15.86
N PHE C 30 -32.52 -31.83 15.15
CA PHE C 30 -31.94 -30.57 14.70
C PHE C 30 -31.61 -29.67 15.88
N LEU C 31 -32.43 -29.71 16.94
CA LEU C 31 -32.10 -28.97 18.15
C LEU C 31 -30.87 -29.55 18.82
N GLY C 32 -30.63 -30.85 18.69
CA GLY C 32 -29.41 -31.43 19.19
C GLY C 32 -28.20 -31.07 18.34
N ALA C 33 -28.43 -30.76 17.06
CA ALA C 33 -27.33 -30.32 16.21
C ALA C 33 -26.91 -28.90 16.52
N GLU C 34 -27.87 -28.05 16.91
CA GLU C 34 -27.53 -26.68 17.30
C GLU C 34 -26.74 -26.63 18.60
N ILE C 35 -26.77 -27.69 19.41
CA ILE C 35 -25.91 -27.76 20.58
C ILE C 35 -24.44 -27.74 20.13
N VAL C 36 -24.13 -28.48 19.07
CA VAL C 36 -22.79 -28.48 18.52
C VAL C 36 -22.53 -27.17 17.77
N LEU C 37 -23.58 -26.55 17.23
CA LEU C 37 -23.44 -25.27 16.57
C LEU C 37 -22.95 -24.20 17.53
N PHE C 38 -23.58 -24.09 18.70
CA PHE C 38 -23.18 -23.12 19.70
C PHE C 38 -21.95 -23.54 20.48
N SER C 39 -21.66 -24.84 20.56
CA SER C 39 -20.44 -25.29 21.24
C SER C 39 -19.21 -24.90 20.45
N THR C 40 -19.30 -24.94 19.12
CA THR C 40 -18.20 -24.47 18.29
C THR C 40 -17.94 -22.99 18.51
N LEU C 41 -19.00 -22.19 18.54
CA LEU C 41 -18.85 -20.76 18.83
C LEU C 41 -18.38 -20.54 20.26
N PHE C 42 -18.79 -21.40 21.19
CA PHE C 42 -18.27 -21.32 22.55
C PHE C 42 -16.81 -21.73 22.62
N ALA C 43 -16.38 -22.68 21.79
CA ALA C 43 -14.98 -23.04 21.74
C ALA C 43 -14.15 -21.92 21.11
N THR C 44 -14.69 -21.26 20.10
CA THR C 44 -14.00 -20.14 19.48
C THR C 44 -13.85 -18.98 20.46
N PHE C 45 -14.94 -18.64 21.15
CA PHE C 45 -14.92 -17.50 22.06
C PHE C 45 -14.00 -17.75 23.26
N PHE C 46 -14.02 -18.96 23.80
CA PHE C 46 -13.23 -19.25 25.00
C PHE C 46 -11.74 -19.30 24.72
N VAL C 47 -11.34 -19.54 23.48
CA VAL C 47 -9.91 -19.46 23.14
C VAL C 47 -9.52 -18.03 22.81
N LEU C 48 -10.44 -17.24 22.25
CA LEU C 48 -10.21 -15.84 21.95
C LEU C 48 -10.54 -14.93 23.15
N LYS C 49 -10.51 -15.48 24.36
CA LYS C 49 -10.85 -14.69 25.54
C LYS C 49 -9.68 -13.84 26.01
N ASN C 50 -8.47 -14.42 26.05
CA ASN C 50 -7.30 -13.77 26.58
C ASN C 50 -6.56 -12.90 25.56
N ARG C 51 -7.24 -12.44 24.53
CA ARG C 51 -6.63 -11.65 23.47
C ARG C 51 -6.84 -10.16 23.77
N THR C 52 -7.27 -9.33 22.81
CA THR C 52 -7.30 -7.87 22.96
C THR C 52 -5.94 -7.35 23.43
N ALA C 53 -4.88 -7.85 22.80
CA ALA C 53 -3.54 -7.33 23.08
C ALA C 53 -3.43 -5.87 22.67
N GLY C 54 -4.16 -5.46 21.65
CA GLY C 54 -4.22 -4.07 21.26
C GLY C 54 -5.64 -3.63 20.98
N GLY C 55 -6.29 -2.99 21.95
CA GLY C 55 -7.67 -2.57 21.79
C GLY C 55 -8.37 -2.17 23.06
N VAL C 56 -9.64 -2.55 23.18
CA VAL C 56 -10.49 -2.16 24.30
C VAL C 56 -10.76 -3.38 25.17
N LEU C 57 -10.63 -3.20 26.50
CA LEU C 57 -10.95 -4.27 27.44
C LEU C 57 -12.46 -4.32 27.66
N PRO C 58 -13.03 -5.52 27.81
CA PRO C 58 -14.50 -5.64 27.92
C PRO C 58 -15.01 -5.14 29.26
N ASP C 59 -15.81 -4.08 29.22
CA ASP C 59 -16.49 -3.54 30.40
C ASP C 59 -17.92 -3.24 29.99
N GLU C 60 -18.83 -4.17 30.25
CA GLU C 60 -20.22 -4.09 29.82
C GLU C 60 -21.14 -3.81 31.00
N LEU C 61 -22.35 -3.36 30.69
CA LEU C 61 -23.32 -3.04 31.71
C LEU C 61 -23.82 -4.31 32.39
N PHE C 62 -23.82 -4.31 33.72
CA PHE C 62 -24.21 -5.51 34.46
C PHE C 62 -25.73 -5.64 34.55
N GLU C 63 -26.42 -4.56 34.88
CA GLU C 63 -27.87 -4.62 35.07
C GLU C 63 -28.61 -4.97 33.78
N VAL C 64 -28.01 -4.69 32.62
CA VAL C 64 -28.67 -5.04 31.36
C VAL C 64 -28.69 -6.55 31.18
N ASN C 65 -27.64 -7.24 31.62
CA ASN C 65 -27.56 -8.68 31.48
C ASN C 65 -28.68 -9.38 32.25
N LEU C 66 -28.92 -8.95 33.50
CA LEU C 66 -29.98 -9.56 34.29
C LEU C 66 -31.36 -9.24 33.71
N VAL C 67 -31.56 -7.99 33.27
CA VAL C 67 -32.83 -7.62 32.64
C VAL C 67 -33.05 -8.44 31.38
N MET C 68 -31.97 -8.73 30.64
CA MET C 68 -32.08 -9.60 29.47
C MET C 68 -32.45 -11.02 29.87
N ILE C 69 -31.77 -11.56 30.87
CA ILE C 69 -32.00 -12.96 31.26
C ILE C 69 -33.31 -13.12 32.02
N MET C 70 -33.62 -12.19 32.93
CA MET C 70 -34.86 -12.30 33.68
C MET C 70 -36.07 -12.13 32.78
N THR C 71 -35.93 -11.38 31.69
CA THR C 71 -37.01 -11.29 30.71
C THR C 71 -37.15 -12.60 29.95
N PHE C 72 -36.03 -13.25 29.64
CA PHE C 72 -36.07 -14.53 28.93
C PHE C 72 -36.40 -15.68 29.86
N LEU C 73 -36.01 -15.57 31.14
CA LEU C 73 -36.39 -16.59 32.11
C LEU C 73 -37.87 -16.51 32.45
N LEU C 74 -38.45 -15.31 32.38
CA LEU C 74 -39.90 -15.15 32.43
C LEU C 74 -40.55 -15.43 31.09
N LEU C 75 -39.79 -15.35 30.00
CA LEU C 75 -40.31 -15.73 28.69
C LEU C 75 -40.68 -17.22 28.67
N ILE C 76 -39.81 -18.06 29.22
CA ILE C 76 -40.13 -19.49 29.32
C ILE C 76 -41.12 -19.73 30.45
N SER C 77 -41.13 -18.88 31.48
CA SER C 77 -42.11 -19.02 32.55
C SER C 77 -43.53 -18.87 32.02
N SER C 78 -43.72 -18.00 31.02
CA SER C 78 -44.99 -17.87 30.32
C SER C 78 -45.08 -18.81 29.12
N PHE C 79 -44.16 -19.77 29.01
CA PHE C 79 -44.15 -20.68 27.86
C PHE C 79 -44.01 -22.12 28.32
N THR C 80 -43.38 -22.34 29.49
CA THR C 80 -43.39 -23.66 30.09
C THR C 80 -44.80 -24.08 30.46
N CYS C 81 -45.62 -23.12 30.92
CA CYS C 81 -47.04 -23.30 31.11
C CYS C 81 -47.85 -22.75 29.95
N GLY C 82 -47.22 -22.55 28.79
CA GLY C 82 -47.87 -21.96 27.64
C GLY C 82 -48.44 -22.94 26.64
N ILE C 83 -48.21 -24.24 26.84
CA ILE C 83 -48.78 -25.26 25.98
C ILE C 83 -49.24 -26.42 26.85
N ALA C 84 -48.74 -26.47 28.08
CA ALA C 84 -49.16 -27.52 29.02
C ALA C 84 -50.57 -27.25 29.54
N VAL C 85 -50.80 -26.07 30.11
CA VAL C 85 -52.11 -25.70 30.63
C VAL C 85 -52.91 -25.04 29.52
N HIS C 86 -52.38 -25.08 28.29
CA HIS C 86 -53.03 -24.45 27.15
C HIS C 86 -53.80 -25.48 26.34
N GLU C 87 -53.07 -26.33 25.61
CA GLU C 87 -53.66 -27.37 24.77
C GLU C 87 -53.73 -28.72 25.46
N MET C 88 -52.71 -29.07 26.25
CA MET C 88 -52.69 -30.38 26.91
C MET C 88 -53.70 -30.43 28.05
N ARG C 89 -53.61 -29.50 28.99
CA ARG C 89 -54.60 -29.39 30.06
C ARG C 89 -55.77 -28.53 29.59
N ARG C 90 -56.97 -29.10 29.66
CA ARG C 90 -58.20 -28.42 29.22
C ARG C 90 -58.05 -28.07 27.73
N GLY C 91 -58.70 -26.99 27.30
CA GLY C 91 -58.64 -26.58 25.91
C GLY C 91 -58.92 -25.11 25.74
N SER C 92 -57.91 -24.27 25.96
CA SER C 92 -58.05 -22.83 25.83
C SER C 92 -57.70 -22.41 24.39
N LEU C 93 -58.63 -22.73 23.49
CA LEU C 93 -58.44 -22.38 22.08
C LEU C 93 -58.50 -20.87 21.87
N LYS C 94 -59.21 -20.15 22.74
CA LYS C 94 -59.25 -18.70 22.65
C LYS C 94 -58.02 -18.04 23.23
N GLY C 95 -57.32 -18.73 24.13
CA GLY C 95 -56.10 -18.20 24.73
C GLY C 95 -54.87 -18.26 23.85
N VAL C 96 -54.98 -18.85 22.66
CA VAL C 96 -53.84 -18.89 21.76
C VAL C 96 -53.50 -17.49 21.26
N VAL C 97 -54.49 -16.60 21.21
CA VAL C 97 -54.26 -15.22 20.81
C VAL C 97 -53.90 -14.40 22.05
N ILE C 98 -53.72 -15.09 23.18
CA ILE C 98 -53.38 -14.46 24.45
C ILE C 98 -52.03 -14.94 24.96
N TRP C 99 -51.84 -16.25 25.09
CA TRP C 99 -50.60 -16.76 25.63
C TRP C 99 -49.48 -16.73 24.59
N THR C 100 -49.79 -17.03 23.34
CA THR C 100 -48.77 -16.98 22.29
C THR C 100 -48.46 -15.54 21.86
N ILE C 101 -49.38 -14.61 22.08
CA ILE C 101 -49.13 -13.21 21.74
C ILE C 101 -48.32 -12.53 22.84
N ILE C 102 -48.68 -12.77 24.10
CA ILE C 102 -47.92 -12.19 25.20
C ILE C 102 -46.48 -12.71 25.20
N THR C 103 -46.31 -14.00 24.97
CA THR C 103 -44.96 -14.55 24.87
C THR C 103 -44.25 -14.09 23.59
N LEU C 104 -44.99 -13.60 22.60
CA LEU C 104 -44.38 -13.06 21.40
C LEU C 104 -43.81 -11.66 21.63
N LEU C 105 -44.45 -10.87 22.48
CA LEU C 105 -43.93 -9.53 22.79
C LEU C 105 -42.64 -9.61 23.59
N LEU C 106 -42.47 -10.65 24.40
CA LEU C 106 -41.23 -10.83 25.15
C LEU C 106 -40.06 -11.18 24.25
N GLY C 107 -40.32 -11.76 23.08
CA GLY C 107 -39.24 -12.03 22.13
C GLY C 107 -38.64 -10.75 21.57
N ALA C 108 -39.48 -9.73 21.34
CA ALA C 108 -38.97 -8.44 20.89
C ALA C 108 -38.20 -7.71 21.99
N GLY C 109 -38.42 -8.06 23.25
CA GLY C 109 -37.66 -7.45 24.33
C GLY C 109 -36.19 -7.79 24.27
N PHE C 110 -35.87 -9.04 23.91
CA PHE C 110 -34.48 -9.44 23.76
C PHE C 110 -33.87 -8.90 22.46
N VAL C 111 -34.68 -8.77 21.41
CA VAL C 111 -34.19 -8.19 20.16
C VAL C 111 -33.92 -6.71 20.32
N GLY C 112 -34.89 -5.98 20.88
CA GLY C 112 -34.73 -4.54 21.04
C GLY C 112 -33.62 -4.17 22.01
N CYS C 113 -33.44 -4.97 23.05
CA CYS C 113 -32.39 -4.67 24.03
C CYS C 113 -31.01 -4.99 23.48
N GLU C 114 -30.88 -6.10 22.75
CA GLU C 114 -29.58 -6.46 22.20
C GLU C 114 -29.19 -5.55 21.04
N ILE C 115 -30.16 -5.03 20.29
CA ILE C 115 -29.84 -4.07 19.23
C ILE C 115 -29.29 -2.78 19.83
N ASN C 116 -30.00 -2.23 20.82
CA ASN C 116 -29.48 -1.05 21.51
C ASN C 116 -28.20 -1.35 22.27
N GLU C 117 -27.98 -2.61 22.67
CA GLU C 117 -26.71 -2.97 23.28
C GLU C 117 -25.59 -2.98 22.25
N PHE C 118 -25.88 -3.42 21.03
CA PHE C 118 -24.88 -3.40 19.97
C PHE C 118 -24.65 -1.99 19.46
N VAL C 119 -25.71 -1.19 19.35
CA VAL C 119 -25.58 0.18 18.88
C VAL C 119 -24.80 1.02 19.89
N HIS C 120 -25.03 0.80 21.18
CA HIS C 120 -24.27 1.52 22.20
C HIS C 120 -22.82 1.05 22.25
N TYR C 121 -22.53 -0.14 21.73
CA TYR C 121 -21.15 -0.62 21.67
C TYR C 121 -20.36 -0.01 20.53
N VAL C 122 -21.00 0.79 19.68
CA VAL C 122 -20.26 1.51 18.64
C VAL C 122 -19.26 2.46 19.30
N HIS C 123 -19.63 3.04 20.44
CA HIS C 123 -18.71 3.87 21.21
C HIS C 123 -17.58 3.02 21.76
N GLU C 124 -16.49 2.88 20.98
CA GLU C 124 -15.34 2.05 21.32
C GLU C 124 -15.73 0.57 21.40
N GLY C 125 -15.19 -0.23 20.48
CA GLY C 125 -15.50 -1.63 20.40
C GLY C 125 -16.60 -1.99 19.41
N ALA C 126 -16.69 -1.27 18.29
CA ALA C 126 -17.77 -1.47 17.34
C ALA C 126 -17.51 -2.66 16.43
N ALA C 127 -18.53 -3.50 16.25
CA ALA C 127 -18.53 -4.59 15.26
C ALA C 127 -17.35 -5.53 15.52
N LEU C 128 -16.90 -6.22 14.47
CA LEU C 128 -15.87 -7.24 14.57
C LEU C 128 -14.49 -6.74 14.12
N SER C 129 -14.31 -5.43 13.98
CA SER C 129 -13.07 -4.89 13.46
C SER C 129 -12.16 -4.30 14.52
N THR C 130 -12.69 -3.96 15.70
CA THR C 130 -11.85 -3.33 16.72
C THR C 130 -10.87 -4.32 17.33
N SER C 131 -11.33 -5.53 17.64
CA SER C 131 -10.49 -6.53 18.28
C SER C 131 -10.95 -7.92 17.86
N ALA C 132 -10.08 -8.90 18.11
CA ALA C 132 -10.44 -10.29 17.83
C ALA C 132 -11.46 -10.82 18.82
N PHE C 133 -11.39 -10.37 20.08
CA PHE C 133 -12.34 -10.81 21.09
C PHE C 133 -13.76 -10.36 20.75
N TRP C 134 -13.93 -9.11 20.32
CA TRP C 134 -15.25 -8.60 19.98
C TRP C 134 -15.83 -9.27 18.73
N SER C 135 -15.00 -9.93 17.93
CA SER C 135 -15.52 -10.68 16.79
C SER C 135 -16.35 -11.87 17.26
N GLY C 136 -15.83 -12.62 18.23
CA GLY C 136 -16.59 -13.73 18.77
C GLY C 136 -17.84 -13.30 19.52
N PHE C 137 -17.71 -12.27 20.37
CA PHE C 137 -18.84 -11.80 21.16
C PHE C 137 -20.00 -11.38 20.28
N PHE C 138 -19.72 -10.63 19.21
CA PHE C 138 -20.76 -10.17 18.30
C PHE C 138 -21.28 -11.25 17.38
N VAL C 139 -20.63 -12.42 17.33
CA VAL C 139 -21.10 -13.54 16.55
C VAL C 139 -21.69 -14.64 17.43
N LEU C 140 -21.05 -14.95 18.56
CA LEU C 140 -21.67 -15.84 19.53
C LEU C 140 -23.01 -15.31 20.00
N LEU C 141 -23.18 -13.98 19.99
CA LEU C 141 -24.47 -13.35 20.21
C LEU C 141 -25.11 -12.89 18.90
N GLY C 142 -24.47 -13.16 17.76
CA GLY C 142 -24.98 -12.75 16.47
C GLY C 142 -26.04 -13.68 15.93
N THR C 143 -25.64 -14.88 15.50
CA THR C 143 -26.62 -15.89 15.11
C THR C 143 -27.53 -16.24 16.28
N HIS C 144 -27.04 -16.07 17.51
CA HIS C 144 -27.89 -16.03 18.69
C HIS C 144 -29.03 -15.04 18.50
N GLY C 145 -28.69 -13.79 18.19
CA GLY C 145 -29.72 -12.81 17.91
C GLY C 145 -30.52 -13.13 16.67
N THR C 146 -29.91 -13.82 15.70
CA THR C 146 -30.63 -14.20 14.49
C THR C 146 -31.62 -15.33 14.77
N HIS C 147 -31.26 -16.26 15.64
CA HIS C 147 -32.14 -17.38 15.96
C HIS C 147 -33.39 -16.89 16.68
N VAL C 148 -33.24 -15.96 17.61
CA VAL C 148 -34.38 -15.41 18.33
C VAL C 148 -35.17 -14.44 17.46
N THR C 149 -34.57 -13.90 16.40
CA THR C 149 -35.29 -13.00 15.51
C THR C 149 -36.18 -13.77 14.54
N ILE C 150 -35.66 -14.84 13.93
CA ILE C 150 -36.47 -15.65 13.03
C ILE C 150 -37.53 -16.42 13.79
N GLY C 151 -37.33 -16.66 15.09
CA GLY C 151 -38.36 -17.33 15.87
C GLY C 151 -39.62 -16.51 16.00
N ILE C 152 -39.47 -15.19 16.11
CA ILE C 152 -40.64 -14.31 16.15
C ILE C 152 -41.43 -14.41 14.84
N PHE C 153 -40.71 -14.39 13.72
CA PHE C 153 -41.35 -14.59 12.42
C PHE C 153 -41.85 -16.01 12.23
N TRP C 154 -41.42 -16.95 13.08
CA TRP C 154 -41.93 -18.31 13.05
C TRP C 154 -43.11 -18.49 14.01
N ILE C 155 -43.06 -17.82 15.17
CA ILE C 155 -44.19 -17.87 16.10
C ILE C 155 -45.38 -17.11 15.55
N THR C 156 -45.14 -16.02 14.82
CA THR C 156 -46.24 -15.31 14.18
C THR C 156 -46.67 -15.97 12.88
N GLY C 157 -45.84 -16.85 12.32
CA GLY C 157 -46.24 -17.58 11.14
C GLY C 157 -47.33 -18.61 11.41
N ILE C 158 -47.34 -19.18 12.63
CA ILE C 158 -48.40 -20.12 13.00
C ILE C 158 -49.66 -19.39 13.44
N LEU C 159 -49.56 -18.14 13.90
CA LEU C 159 -50.74 -17.38 14.31
C LEU C 159 -51.69 -17.07 13.17
N ILE C 160 -51.30 -17.33 11.92
CA ILE C 160 -52.13 -17.08 10.76
C ILE C 160 -53.00 -18.31 10.50
N GLN C 161 -53.19 -19.15 11.52
CA GLN C 161 -53.98 -20.36 11.38
C GLN C 161 -55.37 -20.25 11.98
N LEU C 162 -55.59 -19.33 12.92
CA LEU C 162 -56.92 -19.19 13.52
C LEU C 162 -57.83 -18.34 12.65
N LYS C 163 -57.87 -18.65 11.35
CA LYS C 163 -58.72 -17.95 10.40
C LYS C 163 -59.51 -18.96 9.56
N LYS C 164 -58.98 -19.31 8.39
CA LYS C 164 -59.58 -20.32 7.55
C LYS C 164 -59.15 -21.74 7.92
N ARG C 165 -58.30 -21.89 8.94
CA ARG C 165 -57.87 -23.20 9.40
C ARG C 165 -58.38 -23.47 10.81
N GLY C 166 -57.68 -22.94 11.81
CA GLY C 166 -58.05 -23.12 13.20
C GLY C 166 -58.08 -24.57 13.62
N LEU C 167 -56.96 -25.26 13.46
CA LEU C 167 -56.90 -26.68 13.77
C LEU C 167 -56.89 -26.92 15.27
N THR C 168 -57.15 -28.17 15.64
CA THR C 168 -57.22 -28.64 17.01
C THR C 168 -55.87 -29.21 17.44
N PRO C 169 -55.65 -29.34 18.75
CA PRO C 169 -54.41 -30.00 19.22
C PRO C 169 -54.29 -31.43 18.69
N GLN C 170 -53.07 -31.96 18.80
CA GLN C 170 -52.72 -33.28 18.25
C GLN C 170 -52.90 -33.35 16.73
N THR C 171 -52.93 -32.20 16.06
CA THR C 171 -53.05 -32.16 14.61
C THR C 171 -52.26 -30.98 14.06
N SER C 172 -52.38 -29.82 14.72
CA SER C 172 -51.63 -28.63 14.35
C SER C 172 -50.30 -28.66 15.10
N SER C 173 -49.35 -29.44 14.56
CA SER C 173 -48.05 -29.61 15.19
C SER C 173 -47.15 -28.39 15.02
N LYS C 174 -47.57 -27.38 14.26
CA LYS C 174 -46.72 -26.21 14.04
C LYS C 174 -46.43 -25.45 15.33
N ILE C 175 -47.34 -25.49 16.30
CA ILE C 175 -47.14 -24.73 17.52
C ILE C 175 -46.08 -25.37 18.39
N PHE C 176 -46.13 -26.70 18.55
CA PHE C 176 -45.23 -27.37 19.48
C PHE C 176 -43.81 -27.45 18.94
N ILE C 177 -43.66 -27.76 17.65
CA ILE C 177 -42.32 -27.91 17.08
C ILE C 177 -41.60 -26.57 17.05
N SER C 178 -42.34 -25.47 16.96
CA SER C 178 -41.74 -24.14 17.07
C SER C 178 -41.61 -23.68 18.50
N SER C 179 -42.42 -24.21 19.41
CA SER C 179 -42.29 -23.86 20.82
C SER C 179 -41.03 -24.45 21.43
N LEU C 180 -40.72 -25.71 21.10
CA LEU C 180 -39.54 -26.35 21.66
C LEU C 180 -38.26 -25.82 21.05
N TYR C 181 -38.27 -25.48 19.76
CA TYR C 181 -37.15 -24.77 19.17
C TYR C 181 -36.94 -23.43 19.87
N TRP C 182 -38.04 -22.73 20.17
CA TRP C 182 -37.97 -21.49 20.93
C TRP C 182 -37.50 -21.75 22.36
N HIS C 183 -37.79 -22.94 22.90
CA HIS C 183 -37.29 -23.30 24.22
C HIS C 183 -35.80 -23.62 24.18
N PHE C 184 -35.31 -24.17 23.07
CA PHE C 184 -33.89 -24.49 22.97
C PHE C 184 -33.02 -23.24 23.01
N LEU C 185 -33.57 -22.08 22.66
CA LEU C 185 -32.80 -20.85 22.77
C LEU C 185 -32.38 -20.61 24.21
N ASP C 186 -33.35 -20.60 25.12
CA ASP C 186 -33.05 -20.36 26.53
C ASP C 186 -32.03 -21.34 27.10
N VAL C 187 -31.79 -22.46 26.41
CA VAL C 187 -30.75 -23.40 26.85
C VAL C 187 -29.38 -22.76 26.75
N VAL C 188 -29.02 -22.30 25.55
CA VAL C 188 -27.72 -21.64 25.38
C VAL C 188 -27.77 -20.18 25.80
N TRP C 189 -28.96 -19.58 25.83
CA TRP C 189 -29.11 -18.21 26.33
C TRP C 189 -28.58 -18.10 27.75
N ILE C 190 -28.88 -19.07 28.60
CA ILE C 190 -28.35 -19.08 29.96
C ILE C 190 -26.90 -19.54 29.97
N PHE C 191 -26.55 -20.49 29.10
CA PHE C 191 -25.15 -20.89 28.97
C PHE C 191 -24.29 -19.76 28.45
N ILE C 192 -24.88 -18.83 27.70
CA ILE C 192 -24.16 -17.62 27.30
C ILE C 192 -24.00 -16.68 28.50
N PHE C 193 -25.01 -16.61 29.36
CA PHE C 193 -24.92 -15.76 30.55
C PHE C 193 -23.71 -16.15 31.39
N THR C 194 -23.52 -17.46 31.62
CA THR C 194 -22.33 -17.92 32.32
C THR C 194 -21.11 -17.99 31.42
N GLY C 195 -21.31 -18.03 30.09
CA GLY C 195 -20.21 -18.14 29.17
C GLY C 195 -19.43 -16.85 28.99
N VAL C 196 -20.11 -15.81 28.53
CA VAL C 196 -19.42 -14.53 28.26
C VAL C 196 -19.36 -13.66 29.51
N TYR C 197 -20.40 -13.67 30.34
CA TYR C 197 -20.41 -12.85 31.54
C TYR C 197 -19.91 -13.64 32.75
N UNK D 1 -50.07 -24.97 35.92
CA UNK D 1 -50.08 -25.08 37.36
C UNK D 1 -48.80 -25.73 37.88
N UNK D 2 -48.49 -26.91 37.33
CA UNK D 2 -47.30 -27.64 37.74
C UNK D 2 -46.03 -27.03 37.16
N UNK D 3 -46.18 -26.32 36.05
CA UNK D 3 -45.03 -25.69 35.38
C UNK D 3 -44.59 -24.42 36.11
N UNK D 4 -45.51 -23.84 36.88
CA UNK D 4 -45.21 -22.61 37.61
C UNK D 4 -44.22 -22.87 38.75
N UNK D 5 -44.17 -24.11 39.22
CA UNK D 5 -43.25 -24.48 40.29
C UNK D 5 -41.81 -24.49 39.78
N UNK D 6 -41.62 -24.94 38.55
CA UNK D 6 -40.29 -25.00 37.95
C UNK D 6 -39.87 -23.63 37.45
N UNK D 7 -40.83 -22.86 36.96
CA UNK D 7 -40.57 -21.52 36.45
C UNK D 7 -40.15 -20.59 37.57
N UNK D 8 -40.79 -20.72 38.72
CA UNK D 8 -40.47 -19.90 39.87
C UNK D 8 -39.15 -20.32 40.49
N UNK D 9 -38.84 -21.61 40.41
CA UNK D 9 -37.60 -22.14 40.95
C UNK D 9 -36.42 -21.81 40.05
N UNK D 10 -36.70 -21.65 38.76
CA UNK D 10 -35.66 -21.32 37.78
C UNK D 10 -35.18 -19.89 37.97
N UNK D 11 -36.08 -19.00 38.38
CA UNK D 11 -35.75 -17.60 38.59
C UNK D 11 -34.76 -17.43 39.74
N UNK D 12 -34.80 -18.35 40.69
CA UNK D 12 -33.91 -18.31 41.84
C UNK D 12 -32.49 -18.72 41.45
N UNK D 13 -32.37 -19.51 40.39
CA UNK D 13 -31.07 -19.97 39.91
C UNK D 13 -30.29 -18.84 39.25
N UNK D 14 -31.00 -17.99 38.53
CA UNK D 14 -30.37 -16.85 37.87
C UNK D 14 -29.96 -15.79 38.88
N UNK D 15 -30.79 -15.61 39.91
CA UNK D 15 -30.49 -14.66 40.98
C UNK D 15 -29.29 -15.14 41.80
N UNK D 16 -29.20 -16.45 41.99
CA UNK D 16 -28.08 -17.03 42.71
C UNK D 16 -26.83 -17.07 41.85
N UNK D 17 -27.02 -16.94 40.53
CA UNK D 17 -25.91 -16.94 39.59
C UNK D 17 -25.13 -15.64 39.67
N UNK D 18 -25.84 -14.54 39.92
CA UNK D 18 -25.21 -13.23 40.06
C UNK D 18 -24.42 -13.12 41.35
N UNK D 19 -24.87 -13.83 42.38
CA UNK D 19 -24.22 -13.82 43.69
C UNK D 19 -22.88 -14.55 43.65
N UNK D 20 -22.69 -15.38 42.64
CA UNK D 20 -21.44 -16.12 42.49
C UNK D 20 -20.31 -15.21 42.04
N UNK D 21 -20.64 -14.22 41.23
CA UNK D 21 -19.64 -13.26 40.75
C UNK D 21 -19.71 -11.96 41.54
N UNK D 22 -20.88 -11.34 41.54
CA UNK D 22 -21.08 -10.09 42.27
C UNK D 22 -21.41 -10.36 43.74
N PHE D 48 -16.86 -25.46 37.66
CA PHE D 48 -17.37 -26.55 38.49
C PHE D 48 -18.51 -26.08 39.39
N GLY D 49 -18.17 -25.31 40.42
CA GLY D 49 -19.19 -24.82 41.33
C GLY D 49 -20.17 -23.87 40.67
N PHE D 50 -19.74 -23.18 39.60
CA PHE D 50 -20.60 -22.28 38.86
C PHE D 50 -20.87 -22.77 37.44
N ALA D 51 -20.40 -23.96 37.09
CA ALA D 51 -20.63 -24.54 35.78
C ALA D 51 -21.72 -25.61 35.79
N PHE D 52 -22.20 -26.02 36.96
CA PHE D 52 -23.24 -27.02 37.08
C PHE D 52 -24.63 -26.41 37.26
N ILE D 53 -24.72 -25.25 37.91
CA ILE D 53 -26.01 -24.58 38.06
C ILE D 53 -26.56 -24.17 36.71
N GLN D 54 -25.68 -23.96 35.73
CA GLN D 54 -26.12 -23.56 34.40
C GLN D 54 -26.83 -24.71 33.69
N ALA D 55 -26.24 -25.91 33.76
CA ALA D 55 -26.90 -27.08 33.17
C ALA D 55 -28.12 -27.49 33.98
N ALA D 56 -28.05 -27.36 35.30
CA ALA D 56 -29.20 -27.70 36.14
C ALA D 56 -30.38 -26.79 35.87
N LEU D 57 -30.14 -25.53 35.49
CA LEU D 57 -31.23 -24.65 35.12
C LEU D 57 -31.94 -25.16 33.86
N GLN D 58 -31.18 -25.67 32.90
CA GLN D 58 -31.77 -26.18 31.67
C GLN D 58 -32.33 -27.58 31.82
N LEU D 59 -31.85 -28.34 32.80
CA LEU D 59 -32.48 -29.64 33.10
C LEU D 59 -33.92 -29.45 33.54
N LEU D 60 -34.15 -28.57 34.52
CA LEU D 60 -35.51 -28.27 34.94
C LEU D 60 -36.29 -27.57 33.83
N MET D 61 -35.60 -26.85 32.94
CA MET D 61 -36.28 -26.14 31.86
C MET D 61 -36.77 -27.11 30.80
N PHE D 62 -36.02 -28.17 30.52
CA PHE D 62 -36.29 -29.07 29.41
C PHE D 62 -36.88 -30.40 29.83
N MET D 63 -37.00 -30.67 31.13
CA MET D 63 -37.52 -31.95 31.59
C MET D 63 -39.04 -32.04 31.52
N HIS D 64 -39.73 -30.95 31.21
CA HIS D 64 -41.19 -30.93 31.17
C HIS D 64 -41.74 -31.10 29.76
N MET D 65 -40.93 -31.60 28.82
CA MET D 65 -41.40 -31.65 27.43
C MET D 65 -40.63 -32.64 26.56
N THR D 66 -39.99 -33.67 27.10
CA THR D 66 -39.28 -34.62 26.27
C THR D 66 -40.04 -35.94 26.15
N GLU D 67 -39.99 -36.76 27.19
CA GLU D 67 -40.69 -38.03 27.18
C GLU D 67 -42.20 -37.81 27.11
N SER D 68 -42.91 -38.75 26.48
CA SER D 68 -42.33 -39.96 25.91
C SER D 68 -42.81 -40.21 24.48
N GLU D 69 -43.38 -41.40 24.25
CA GLU D 69 -43.78 -41.85 22.93
C GLU D 69 -42.57 -41.80 21.99
N ASN D 70 -42.32 -40.64 21.40
CA ASN D 70 -41.10 -40.42 20.63
C ASN D 70 -39.89 -40.18 21.52
N GLY D 71 -40.03 -40.36 22.83
CA GLY D 71 -38.96 -40.14 23.78
C GLY D 71 -37.80 -41.11 23.63
N THR D 72 -36.95 -41.19 24.67
CA THR D 72 -35.73 -41.99 24.64
C THR D 72 -34.81 -41.53 23.51
N ILE D 73 -35.30 -41.56 22.27
CA ILE D 73 -34.55 -40.98 21.16
C ILE D 73 -34.51 -39.47 21.26
N GLN D 74 -35.63 -38.86 21.67
CA GLN D 74 -35.68 -37.40 21.80
C GLN D 74 -34.71 -36.91 22.87
N VAL D 75 -34.91 -37.35 24.11
CA VAL D 75 -34.04 -36.93 25.20
C VAL D 75 -32.66 -37.55 25.08
N GLY D 76 -32.52 -38.64 24.33
CA GLY D 76 -31.21 -39.23 24.12
C GLY D 76 -30.38 -38.52 23.09
N ASN D 77 -31.02 -37.90 22.10
CA ASN D 77 -30.27 -37.17 21.07
C ASN D 77 -29.49 -36.01 21.66
N THR D 78 -30.07 -35.30 22.62
CA THR D 78 -29.39 -34.20 23.28
C THR D 78 -28.41 -34.65 24.36
N LEU D 79 -28.40 -35.93 24.72
CA LEU D 79 -27.48 -36.39 25.76
C LEU D 79 -26.05 -36.47 25.24
N PHE D 80 -25.83 -37.17 24.12
CA PHE D 80 -24.50 -37.17 23.52
C PHE D 80 -24.20 -35.88 22.77
N GLY D 81 -25.19 -35.01 22.58
CA GLY D 81 -24.91 -33.69 22.02
C GLY D 81 -24.16 -32.81 22.98
N PHE D 82 -24.56 -32.81 24.26
CA PHE D 82 -23.80 -32.12 25.29
C PHE D 82 -22.44 -32.77 25.51
N PHE D 83 -22.30 -34.06 25.19
CA PHE D 83 -20.99 -34.71 25.24
C PHE D 83 -20.02 -34.03 24.29
N GLY D 84 -20.44 -33.80 23.04
CA GLY D 84 -19.60 -33.08 22.11
C GLY D 84 -19.29 -31.66 22.57
N ALA D 85 -20.26 -31.02 23.22
CA ALA D 85 -20.03 -29.68 23.75
C ALA D 85 -18.91 -29.70 24.78
N ILE D 86 -18.85 -30.74 25.61
CA ILE D 86 -17.74 -30.89 26.54
C ILE D 86 -16.46 -31.27 25.79
N VAL D 87 -16.60 -32.09 24.74
CA VAL D 87 -15.42 -32.52 23.99
C VAL D 87 -14.85 -31.35 23.18
N ILE D 88 -15.72 -30.53 22.59
CA ILE D 88 -15.25 -29.43 21.76
C ILE D 88 -14.68 -28.31 22.63
N VAL D 89 -15.41 -27.90 23.66
CA VAL D 89 -14.96 -26.80 24.50
C VAL D 89 -13.72 -27.21 25.29
N LEU D 90 -13.85 -28.23 26.15
CA LEU D 90 -12.72 -28.66 26.95
C LEU D 90 -11.58 -29.19 26.10
N GLY D 91 -11.86 -29.59 24.85
CA GLY D 91 -10.79 -30.04 23.97
C GLY D 91 -10.06 -28.90 23.31
N SER D 92 -10.75 -27.80 23.00
CA SER D 92 -10.08 -26.64 22.44
C SER D 92 -9.24 -25.93 23.50
N ILE D 93 -9.78 -25.81 24.72
CA ILE D 93 -9.02 -25.23 25.82
C ILE D 93 -7.89 -26.14 26.28
N TRP D 94 -7.92 -27.42 25.88
CA TRP D 94 -6.89 -28.37 26.28
C TRP D 94 -5.58 -28.18 25.53
N ILE D 95 -5.50 -27.19 24.64
CA ILE D 95 -4.26 -26.88 23.94
C ILE D 95 -3.84 -25.45 24.20
N GLY E 20 47.04 38.70 -22.66
CA GLY E 20 45.91 38.81 -21.76
C GLY E 20 44.79 37.84 -22.10
N ARG E 21 44.35 37.08 -21.11
CA ARG E 21 43.27 36.11 -21.27
C ARG E 21 42.25 36.32 -20.17
N LEU E 22 40.98 36.45 -20.57
CA LEU E 22 39.91 36.63 -19.59
C LEU E 22 39.47 35.32 -18.96
N ASN E 23 39.99 34.17 -19.42
CA ASN E 23 39.70 32.91 -18.77
C ASN E 23 40.33 32.82 -17.39
N ILE E 24 41.38 33.58 -17.13
CA ILE E 24 41.98 33.61 -15.79
C ILE E 24 41.07 34.34 -14.82
N LEU E 25 40.31 35.33 -15.30
CA LEU E 25 39.36 36.07 -14.48
C LEU E 25 37.94 35.55 -14.61
N GLY E 26 37.52 35.15 -15.81
CA GLY E 26 36.17 34.63 -15.98
C GLY E 26 35.95 33.33 -15.24
N PHE E 27 36.92 32.43 -15.29
CA PHE E 27 36.87 31.20 -14.52
C PHE E 27 37.39 31.39 -13.09
N TRP E 28 37.56 32.64 -12.66
CA TRP E 28 37.89 32.97 -11.29
C TRP E 28 36.68 33.38 -10.47
N ILE E 29 35.80 34.20 -11.05
CA ILE E 29 34.53 34.50 -10.39
C ILE E 29 33.65 33.26 -10.28
N PHE E 30 33.88 32.27 -11.15
CA PHE E 30 33.23 30.97 -10.98
C PHE E 30 33.72 30.28 -9.72
N LEU E 31 34.99 30.44 -9.37
CA LEU E 31 35.49 29.92 -8.10
C LEU E 31 34.84 30.62 -6.92
N GLY E 32 34.49 31.90 -7.08
CA GLY E 32 33.76 32.59 -6.04
C GLY E 32 32.31 32.16 -5.96
N ALA E 33 31.76 31.64 -7.07
CA ALA E 33 30.40 31.13 -7.05
C ALA E 33 30.30 29.80 -6.33
N GLU E 34 31.34 28.96 -6.44
CA GLU E 34 31.35 27.69 -5.74
C GLU E 34 31.44 27.86 -4.22
N ILE E 35 31.90 29.03 -3.75
CA ILE E 35 31.85 29.31 -2.33
C ILE E 35 30.41 29.33 -1.84
N VAL E 36 29.51 29.91 -2.62
CA VAL E 36 28.10 29.88 -2.28
C VAL E 36 27.50 28.51 -2.54
N LEU E 37 28.06 27.76 -3.49
CA LEU E 37 27.58 26.41 -3.78
C LEU E 37 27.77 25.50 -2.57
N PHE E 38 28.97 25.49 -2.00
CA PHE E 38 29.25 24.66 -0.84
C PHE E 38 28.73 25.24 0.46
N SER E 39 28.50 26.56 0.51
CA SER E 39 27.91 27.15 1.71
C SER E 39 26.46 26.71 1.87
N THR E 40 25.75 26.55 0.75
CA THR E 40 24.39 26.01 0.81
C THR E 40 24.39 24.59 1.34
N LEU E 41 25.33 23.76 0.86
CA LEU E 41 25.45 22.40 1.37
C LEU E 41 25.89 22.39 2.83
N PHE E 42 26.68 23.39 3.24
CA PHE E 42 27.03 23.50 4.65
C PHE E 42 25.83 23.91 5.49
N ALA E 43 24.92 24.71 4.93
CA ALA E 43 23.70 25.07 5.65
C ALA E 43 22.79 23.88 5.81
N THR E 44 22.72 23.01 4.80
CA THR E 44 21.91 21.80 4.90
C THR E 44 22.46 20.87 5.98
N PHE E 45 23.78 20.65 5.98
CA PHE E 45 24.38 19.72 6.93
C PHE E 45 24.29 20.26 8.36
N PHE E 46 24.51 21.56 8.55
CA PHE E 46 24.52 22.12 9.89
C PHE E 46 23.14 22.14 10.54
N VAL E 47 22.08 22.13 9.74
CA VAL E 47 20.73 22.01 10.29
C VAL E 47 20.37 20.54 10.50
N LEU E 48 20.87 19.64 9.65
CA LEU E 48 20.65 18.21 9.79
C LEU E 48 21.71 17.53 10.66
N LYS E 49 22.39 18.29 11.54
CA LYS E 49 23.43 17.71 12.36
C LYS E 49 22.87 17.03 13.61
N ASN E 50 21.92 17.69 14.28
CA ASN E 50 21.38 17.19 15.54
C ASN E 50 20.21 16.22 15.35
N ARG E 51 20.14 15.55 14.21
CA ARG E 51 19.03 14.65 13.97
C ARG E 51 19.43 13.22 14.31
N THR E 52 19.11 12.30 13.41
CA THR E 52 19.27 10.88 13.66
C THR E 52 18.64 10.48 14.99
N ALA E 53 17.42 10.95 15.25
CA ALA E 53 16.72 10.53 16.46
C ALA E 53 16.40 9.05 16.44
N GLY E 54 16.20 8.47 15.25
CA GLY E 54 16.00 7.05 15.12
C GLY E 54 16.83 6.49 13.98
N GLY E 55 17.97 5.89 14.31
CA GLY E 55 18.87 5.38 13.30
C GLY E 55 20.25 5.09 13.85
N VAL E 56 21.28 5.42 13.08
CA VAL E 56 22.67 5.14 13.43
C VAL E 56 23.34 6.45 13.83
N LEU E 57 24.06 6.43 14.95
CA LEU E 57 24.80 7.61 15.39
C LEU E 57 26.11 7.73 14.61
N PRO E 58 26.53 8.95 14.27
CA PRO E 58 27.75 9.11 13.45
C PRO E 58 29.01 8.81 14.23
N ASP E 59 29.71 7.75 13.84
CA ASP E 59 31.00 7.39 14.40
C ASP E 59 31.92 7.01 13.23
N GLU E 60 32.73 7.96 12.80
CA GLU E 60 33.60 7.81 11.64
C GLU E 60 35.04 7.62 12.07
N LEU E 61 35.85 7.11 11.14
CA LEU E 61 37.24 6.81 11.44
C LEU E 61 38.03 8.09 11.66
N PHE E 62 38.79 8.13 12.76
CA PHE E 62 39.54 9.32 13.12
C PHE E 62 40.84 9.43 12.32
N GLU E 63 41.61 8.35 12.25
CA GLU E 63 42.90 8.39 11.57
C GLU E 63 42.73 8.60 10.07
N VAL E 64 41.59 8.19 9.50
CA VAL E 64 41.37 8.38 8.07
C VAL E 64 41.19 9.86 7.75
N ASN E 65 40.55 10.61 8.65
CA ASN E 65 40.30 12.02 8.39
C ASN E 65 41.61 12.79 8.27
N LEU E 66 42.56 12.53 9.18
CA LEU E 66 43.86 13.19 9.09
C LEU E 66 44.64 12.69 7.88
N VAL E 67 44.62 11.39 7.63
CA VAL E 67 45.28 10.84 6.44
C VAL E 67 44.69 11.43 5.18
N MET E 68 43.37 11.66 5.17
CA MET E 68 42.74 12.32 4.03
C MET E 68 43.23 13.76 3.89
N ILE E 69 43.27 14.49 5.01
CA ILE E 69 43.65 15.90 4.95
C ILE E 69 45.16 16.04 4.74
N MET E 70 45.95 15.21 5.43
CA MET E 70 47.40 15.27 5.26
C MET E 70 47.82 14.86 3.87
N THR E 71 47.04 14.00 3.21
CA THR E 71 47.30 13.68 1.81
C THR E 71 46.96 14.87 0.92
N PHE E 72 45.89 15.59 1.25
CA PHE E 72 45.51 16.75 0.46
C PHE E 72 46.35 17.98 0.80
N LEU E 73 46.83 18.07 2.04
CA LEU E 73 47.74 19.17 2.37
C LEU E 73 49.10 18.97 1.73
N LEU E 74 49.51 17.72 1.53
CA LEU E 74 50.68 17.43 0.70
C LEU E 74 50.35 17.48 -0.78
N LEU E 75 49.06 17.32 -1.13
CA LEU E 75 48.64 17.48 -2.51
C LEU E 75 48.86 18.91 -2.99
N ILE E 76 48.47 19.90 -2.17
CA ILE E 76 48.73 21.29 -2.53
C ILE E 76 50.19 21.65 -2.30
N SER E 77 50.85 20.98 -1.34
CA SER E 77 52.26 21.24 -1.10
C SER E 77 53.11 20.93 -2.33
N SER E 78 52.71 19.94 -3.12
CA SER E 78 53.35 19.65 -4.39
C SER E 78 52.74 20.43 -5.54
N PHE E 79 51.88 21.41 -5.25
CA PHE E 79 51.25 22.20 -6.30
C PHE E 79 51.29 23.69 -5.99
N THR E 80 51.37 24.04 -4.70
CA THR E 80 51.60 25.44 -4.34
C THR E 80 52.95 25.91 -4.86
N CYS E 81 53.96 25.03 -4.81
CA CYS E 81 55.22 25.27 -5.48
C CYS E 81 55.31 24.52 -6.81
N GLY E 82 54.17 24.05 -7.32
CA GLY E 82 54.15 23.30 -8.56
C GLY E 82 53.81 24.14 -9.78
N ILE E 83 53.41 25.40 -9.55
CA ILE E 83 53.10 26.30 -10.65
C ILE E 83 53.62 27.70 -10.35
N ALA E 84 53.90 27.97 -9.07
CA ALA E 84 54.42 29.28 -8.70
C ALA E 84 55.90 29.40 -9.07
N VAL E 85 56.72 28.47 -8.59
CA VAL E 85 58.15 28.47 -8.88
C VAL E 85 58.40 27.65 -10.14
N HIS E 86 57.32 27.31 -10.84
CA HIS E 86 57.41 26.46 -12.02
C HIS E 86 57.42 27.28 -13.31
N GLU E 87 56.27 27.85 -13.68
CA GLU E 87 56.17 28.61 -14.91
C GLU E 87 56.39 30.10 -14.71
N MET E 88 55.91 30.67 -13.60
CA MET E 88 56.09 32.09 -13.36
C MET E 88 57.55 32.40 -13.02
N ARG E 89 58.10 31.68 -12.05
CA ARG E 89 59.52 31.82 -11.74
C ARG E 89 60.30 30.90 -12.69
N ARG E 90 61.22 31.49 -13.46
CA ARG E 90 62.00 30.77 -14.46
C ARG E 90 61.03 30.14 -15.47
N GLY E 91 61.41 29.03 -16.09
CA GLY E 91 60.54 28.37 -17.05
C GLY E 91 60.83 26.90 -17.22
N SER E 92 60.34 26.07 -16.31
CA SER E 92 60.54 24.62 -16.38
C SER E 92 59.37 23.97 -17.13
N LEU E 93 59.38 24.18 -18.45
CA LEU E 93 58.32 23.60 -19.28
C LEU E 93 58.41 22.08 -19.35
N LYS E 94 59.61 21.52 -19.17
CA LYS E 94 59.76 20.07 -19.18
C LYS E 94 59.37 19.44 -17.85
N GLY E 95 59.44 20.21 -16.74
CA GLY E 95 59.06 19.69 -15.45
C GLY E 95 57.57 19.63 -15.19
N VAL E 96 56.75 20.14 -16.12
CA VAL E 96 55.31 20.09 -15.95
C VAL E 96 54.80 18.66 -16.02
N VAL E 97 55.53 17.78 -16.70
CA VAL E 97 55.14 16.38 -16.80
C VAL E 97 55.71 15.61 -15.62
N ILE E 98 56.29 16.33 -14.65
CA ILE E 98 56.89 15.73 -13.46
C ILE E 98 56.16 16.17 -12.19
N TRP E 99 56.04 17.48 -11.98
CA TRP E 99 55.42 17.98 -10.76
C TRP E 99 53.90 17.90 -10.82
N THR E 100 53.32 18.17 -12.00
CA THR E 100 51.87 18.08 -12.14
C THR E 100 51.38 16.63 -12.21
N ILE E 101 52.26 15.70 -12.58
CA ILE E 101 51.87 14.29 -12.62
C ILE E 101 51.97 13.67 -11.23
N ILE E 102 53.04 13.98 -10.49
CA ILE E 102 53.18 13.47 -9.13
C ILE E 102 52.05 14.00 -8.24
N THR E 103 51.72 15.29 -8.37
CA THR E 103 50.60 15.84 -7.63
C THR E 103 49.26 15.33 -8.13
N LEU E 104 49.22 14.74 -9.33
CA LEU E 104 47.98 14.19 -9.84
C LEU E 104 47.65 12.86 -9.15
N LEU E 105 48.67 12.10 -8.77
CA LEU E 105 48.44 10.87 -8.03
C LEU E 105 47.92 11.14 -6.63
N LEU E 106 48.29 12.28 -6.04
CA LEU E 106 47.76 12.66 -4.74
C LEU E 106 46.28 13.00 -4.81
N GLY E 107 45.79 13.42 -5.99
CA GLY E 107 44.36 13.61 -6.16
C GLY E 107 43.61 12.30 -6.13
N ALA E 108 44.20 11.23 -6.65
CA ALA E 108 43.60 9.90 -6.55
C ALA E 108 43.64 9.37 -5.13
N GLY E 109 44.50 9.91 -4.27
CA GLY E 109 44.52 9.49 -2.88
C GLY E 109 43.23 9.83 -2.17
N PHE E 110 42.66 11.00 -2.45
CA PHE E 110 41.37 11.36 -1.89
C PHE E 110 40.24 10.60 -2.57
N VAL E 111 40.37 10.31 -3.86
CA VAL E 111 39.35 9.53 -4.56
C VAL E 111 39.35 8.10 -4.07
N GLY E 112 40.53 7.48 -4.02
CA GLY E 112 40.61 6.09 -3.59
C GLY E 112 40.23 5.91 -2.13
N CYS E 113 40.58 6.88 -1.28
CA CYS E 113 40.26 6.76 0.15
C CYS E 113 38.78 7.03 0.40
N GLU E 114 38.19 8.01 -0.28
CA GLU E 114 36.78 8.33 -0.06
C GLU E 114 35.88 7.26 -0.65
N ILE E 115 36.31 6.61 -1.75
CA ILE E 115 35.54 5.50 -2.30
C ILE E 115 35.54 4.34 -1.31
N ASN E 116 36.72 3.96 -0.81
CA ASN E 116 36.78 2.95 0.23
C ASN E 116 36.12 3.41 1.52
N GLU E 117 36.03 4.72 1.73
CA GLU E 117 35.29 5.23 2.88
C GLU E 117 33.79 5.08 2.67
N PHE E 118 33.32 5.28 1.43
CA PHE E 118 31.90 5.10 1.14
C PHE E 118 31.53 3.62 1.09
N VAL E 119 32.42 2.79 0.54
CA VAL E 119 32.14 1.35 0.48
C VAL E 119 32.12 0.75 1.88
N HIS E 120 33.04 1.19 2.75
CA HIS E 120 33.03 0.71 4.13
C HIS E 120 31.84 1.23 4.91
N TYR E 121 31.23 2.34 4.47
CA TYR E 121 30.03 2.84 5.11
C TYR E 121 28.77 2.10 4.68
N VAL E 122 28.86 1.21 3.70
CA VAL E 122 27.71 0.38 3.34
C VAL E 122 27.32 -0.50 4.53
N HIS E 123 28.32 -0.99 5.27
CA HIS E 123 28.06 -1.73 6.50
C HIS E 123 27.47 -0.80 7.54
N GLU E 124 26.13 -0.72 7.58
CA GLU E 124 25.40 0.19 8.46
C GLU E 124 25.63 1.65 8.07
N GLY E 125 24.61 2.31 7.54
CA GLY E 125 24.75 3.69 7.09
C GLY E 125 25.04 3.79 5.61
N ALA E 126 24.43 2.91 4.81
CA ALA E 126 24.72 2.84 3.39
C ALA E 126 24.02 3.97 2.64
N ALA E 127 24.75 4.64 1.77
CA ALA E 127 24.22 5.65 0.85
C ALA E 127 23.49 6.76 1.58
N LEU E 128 22.58 7.44 0.87
CA LEU E 128 21.87 8.60 1.37
C LEU E 128 20.44 8.27 1.79
N SER E 129 20.10 6.99 1.94
CA SER E 129 18.73 6.57 2.23
C SER E 129 18.51 6.19 3.69
N THR E 130 19.57 5.91 4.44
CA THR E 130 19.40 5.45 5.81
C THR E 130 18.90 6.55 6.73
N SER E 131 19.46 7.75 6.62
CA SER E 131 19.09 8.85 7.50
C SER E 131 19.23 10.17 6.76
N ALA E 132 18.63 11.22 7.35
CA ALA E 132 18.76 12.56 6.78
C ALA E 132 20.17 13.12 6.99
N PHE E 133 20.81 12.77 8.11
CA PHE E 133 22.16 13.24 8.36
C PHE E 133 23.12 12.68 7.31
N TRP E 134 23.01 11.39 7.00
CA TRP E 134 23.88 10.78 6.01
C TRP E 134 23.58 11.26 4.59
N SER E 135 22.41 11.88 4.37
CA SER E 135 22.12 12.46 3.08
C SER E 135 23.02 13.67 2.81
N GLY E 136 23.16 14.55 3.80
CA GLY E 136 24.04 15.69 3.64
C GLY E 136 25.50 15.29 3.54
N PHE E 137 25.93 14.36 4.41
CA PHE E 137 27.31 13.92 4.42
C PHE E 137 27.71 13.35 3.05
N PHE E 138 26.85 12.53 2.46
CA PHE E 138 27.15 11.94 1.16
C PHE E 138 27.00 12.92 0.00
N VAL E 139 26.43 14.09 0.24
CA VAL E 139 26.32 15.13 -0.77
C VAL E 139 27.27 16.29 -0.51
N LEU E 140 27.39 16.72 0.75
CA LEU E 140 28.41 17.70 1.11
C LEU E 140 29.81 17.20 0.76
N LEU E 141 30.00 15.88 0.81
CA LEU E 141 31.22 15.26 0.31
C LEU E 141 31.03 14.62 -1.07
N GLY E 142 29.84 14.75 -1.66
CA GLY E 142 29.58 14.14 -2.95
C GLY E 142 30.10 14.94 -4.13
N THR E 143 29.44 16.07 -4.43
CA THR E 143 29.97 16.97 -5.45
C THR E 143 31.34 17.52 -5.04
N HIS E 144 31.59 17.57 -3.73
CA HIS E 144 32.95 17.74 -3.22
C HIS E 144 33.88 16.70 -3.83
N GLY E 145 33.55 15.42 -3.67
CA GLY E 145 34.34 14.37 -4.29
C GLY E 145 34.26 14.37 -5.80
N THR E 146 33.16 14.87 -6.37
CA THR E 146 33.03 14.92 -7.81
C THR E 146 33.90 16.00 -8.42
N HIS E 147 34.06 17.13 -7.73
CA HIS E 147 34.89 18.22 -8.25
C HIS E 147 36.35 17.81 -8.31
N VAL E 148 36.84 17.09 -7.30
CA VAL E 148 38.22 16.62 -7.33
C VAL E 148 38.39 15.43 -8.27
N THR E 149 37.30 14.74 -8.62
CA THR E 149 37.41 13.62 -9.55
C THR E 149 37.47 14.13 -10.99
N ILE E 150 36.60 15.07 -11.36
CA ILE E 150 36.65 15.65 -12.69
C ILE E 150 37.89 16.53 -12.86
N GLY E 151 38.45 17.03 -11.75
CA GLY E 151 39.66 17.82 -11.84
C GLY E 151 40.84 17.01 -12.35
N ILE E 152 40.92 15.74 -11.97
CA ILE E 152 41.96 14.87 -12.49
C ILE E 152 41.84 14.74 -14.00
N PHE E 153 40.62 14.51 -14.49
CA PHE E 153 40.38 14.50 -15.93
C PHE E 153 40.52 15.88 -16.55
N TRP E 154 40.56 16.94 -15.73
CA TRP E 154 40.84 18.28 -16.24
C TRP E 154 42.33 18.59 -16.21
N ILE E 155 43.04 18.10 -15.19
CA ILE E 155 44.48 18.27 -15.15
C ILE E 155 45.14 17.40 -16.22
N THR E 156 44.63 16.20 -16.45
CA THR E 156 45.13 15.37 -17.54
C THR E 156 44.49 15.72 -18.87
N GLY E 157 43.36 16.44 -18.85
CA GLY E 157 42.77 16.90 -20.09
C GLY E 157 43.58 17.98 -20.76
N ILE E 158 44.27 18.81 -19.97
CA ILE E 158 45.17 19.81 -20.53
C ILE E 158 46.52 19.21 -20.87
N LEU E 159 46.89 18.08 -20.25
CA LEU E 159 48.18 17.43 -20.52
C LEU E 159 48.32 16.93 -21.96
N ILE E 160 47.26 16.99 -22.77
CA ILE E 160 47.37 16.54 -24.15
C ILE E 160 47.88 17.69 -25.01
N GLN E 161 48.47 18.71 -24.37
CA GLN E 161 49.03 19.84 -25.08
C GLN E 161 50.56 19.85 -25.10
N LEU E 162 51.21 19.20 -24.14
CA LEU E 162 52.66 19.15 -24.07
C LEU E 162 53.22 18.08 -25.00
N LYS E 163 52.77 18.06 -26.25
CA LYS E 163 53.23 17.10 -27.23
C LYS E 163 53.63 17.80 -28.51
N LYS E 164 52.70 17.90 -29.45
CA LYS E 164 52.93 18.64 -30.69
C LYS E 164 52.67 20.13 -30.55
N ARG E 165 52.27 20.60 -29.37
CA ARG E 165 52.05 22.02 -29.13
C ARG E 165 53.06 22.55 -28.12
N GLY E 166 52.82 22.32 -26.83
CA GLY E 166 53.74 22.74 -25.80
C GLY E 166 53.99 24.24 -25.72
N LEU E 167 52.93 25.01 -25.47
CA LEU E 167 53.05 26.45 -25.43
C LEU E 167 53.83 26.90 -24.19
N THR E 168 54.22 28.17 -24.18
CA THR E 168 55.03 28.78 -23.13
C THR E 168 54.16 29.38 -22.05
N PRO E 169 54.72 29.64 -20.86
CA PRO E 169 53.94 30.31 -19.81
C PRO E 169 53.46 31.69 -20.25
N GLN E 170 52.48 32.20 -19.50
CA GLN E 170 51.80 33.45 -19.81
C GLN E 170 51.14 33.43 -21.19
N THR E 171 50.90 32.23 -21.72
CA THR E 171 50.24 32.05 -23.01
C THR E 171 49.40 30.78 -22.98
N SER E 172 49.97 29.71 -22.40
CA SER E 172 49.24 28.46 -22.23
C SER E 172 48.49 28.54 -20.90
N SER E 173 47.33 29.19 -20.94
CA SER E 173 46.54 29.41 -19.74
C SER E 173 45.84 28.16 -19.25
N LYS E 174 45.92 27.04 -19.98
CA LYS E 174 45.23 25.83 -19.54
C LYS E 174 45.76 25.32 -18.21
N ILE E 175 47.06 25.53 -17.95
CA ILE E 175 47.66 25.01 -16.72
C ILE E 175 47.22 25.83 -15.52
N PHE E 176 47.24 27.17 -15.64
CA PHE E 176 47.01 28.02 -14.48
C PHE E 176 45.54 28.05 -14.08
N ILE E 177 44.63 28.14 -15.06
CA ILE E 177 43.21 28.25 -14.73
C ILE E 177 42.70 26.96 -14.09
N SER E 178 43.33 25.82 -14.41
CA SER E 178 43.02 24.57 -13.74
C SER E 178 43.80 24.37 -12.46
N SER E 179 44.95 25.06 -12.32
CA SER E 179 45.73 24.96 -11.09
C SER E 179 45.03 25.66 -9.94
N LEU E 180 44.44 26.83 -10.19
CA LEU E 180 43.78 27.58 -9.13
C LEU E 180 42.45 26.94 -8.75
N TYR E 181 41.73 26.38 -9.71
CA TYR E 181 40.54 25.58 -9.37
C TYR E 181 40.94 24.37 -8.54
N TRP E 182 42.05 23.71 -8.90
CA TRP E 182 42.52 22.58 -8.12
C TRP E 182 42.99 23.02 -6.74
N HIS E 183 43.49 24.25 -6.61
CA HIS E 183 43.84 24.78 -5.29
C HIS E 183 42.60 25.20 -4.51
N PHE E 184 41.56 25.66 -5.20
CA PHE E 184 40.34 26.08 -4.52
C PHE E 184 39.66 24.92 -3.81
N LEU E 185 39.93 23.68 -4.22
CA LEU E 185 39.34 22.53 -3.53
C LEU E 185 39.79 22.48 -2.07
N ASP E 186 41.09 22.50 -1.82
CA ASP E 186 41.62 22.42 -0.46
C ASP E 186 41.06 23.52 0.45
N VAL E 187 40.44 24.55 -0.11
CA VAL E 187 39.80 25.57 0.73
C VAL E 187 38.66 24.94 1.53
N VAL E 188 37.73 24.29 0.84
CA VAL E 188 36.61 23.64 1.53
C VAL E 188 37.01 22.29 2.12
N TRP E 189 38.06 21.65 1.60
CA TRP E 189 38.52 20.39 2.19
C TRP E 189 38.82 20.54 3.67
N ILE E 190 39.45 21.65 4.06
CA ILE E 190 39.68 21.91 5.47
C ILE E 190 38.41 22.40 6.14
N PHE E 191 37.58 23.18 5.43
CA PHE E 191 36.30 23.60 5.99
C PHE E 191 35.36 22.41 6.23
N ILE E 192 35.53 21.33 5.48
CA ILE E 192 34.79 20.11 5.78
C ILE E 192 35.34 19.44 7.03
N PHE E 193 36.68 19.48 7.20
CA PHE E 193 37.28 18.89 8.39
C PHE E 193 36.71 19.48 9.67
N THR E 194 36.57 20.80 9.72
CA THR E 194 35.92 21.43 10.87
C THR E 194 34.40 21.37 10.78
N GLY E 195 33.85 21.17 9.59
CA GLY E 195 32.41 21.14 9.41
C GLY E 195 31.77 19.86 9.91
N VAL E 196 32.15 18.73 9.33
CA VAL E 196 31.54 17.45 9.68
C VAL E 196 32.22 16.80 10.88
N TYR E 197 33.54 16.94 10.99
CA TYR E 197 34.26 16.33 12.11
C TYR E 197 34.42 17.32 13.26
N UNK F 1 60.02 27.22 -3.74
CA UNK F 1 60.90 27.70 -2.68
C UNK F 1 60.13 28.59 -1.69
N UNK F 2 59.46 29.60 -2.21
CA UNK F 2 58.71 30.54 -1.38
C UNK F 2 57.40 29.91 -0.89
N UNK F 3 56.92 28.92 -1.63
CA UNK F 3 55.66 28.25 -1.28
C UNK F 3 55.83 27.26 -0.13
N UNK F 4 57.08 26.87 0.11
CA UNK F 4 57.38 25.90 1.17
C UNK F 4 57.12 26.48 2.56
N UNK F 5 57.12 27.81 2.65
CA UNK F 5 56.87 28.49 3.92
C UNK F 5 55.40 28.36 4.33
N UNK F 6 54.51 28.37 3.34
CA UNK F 6 53.08 28.27 3.61
C UNK F 6 52.66 26.82 3.87
N UNK F 7 53.30 25.88 3.17
CA UNK F 7 52.98 24.47 3.34
C UNK F 7 53.35 23.96 4.72
N UNK F 8 54.48 24.42 5.24
CA UNK F 8 54.93 24.02 6.57
C UNK F 8 54.08 24.66 7.66
N UNK F 9 53.63 25.88 7.41
CA UNK F 9 52.79 26.60 8.37
C UNK F 9 51.35 26.06 8.36
N UNK F 10 50.91 25.59 7.21
CA UNK F 10 49.57 25.04 7.07
C UNK F 10 49.46 23.68 7.73
N UNK F 11 50.53 22.91 7.66
CA UNK F 11 50.55 21.57 8.26
C UNK F 11 50.50 21.65 9.78
N UNK F 12 51.06 22.71 10.34
CA UNK F 12 51.05 22.92 11.78
C UNK F 12 49.67 23.31 12.28
N UNK F 13 48.89 23.95 11.42
CA UNK F 13 47.55 24.39 11.77
C UNK F 13 46.58 23.21 11.78
N UNK F 14 46.75 22.28 10.85
CA UNK F 14 45.91 21.10 10.77
C UNK F 14 46.24 20.13 11.91
N UNK F 15 47.53 20.04 12.25
CA UNK F 15 47.97 19.18 13.34
C UNK F 15 47.47 19.72 14.67
N UNK F 16 47.45 21.05 14.80
CA UNK F 16 46.95 21.69 16.00
C UNK F 16 45.43 21.68 16.05
N UNK F 17 44.80 21.45 14.90
CA UNK F 17 43.35 21.40 14.81
C UNK F 17 42.81 20.14 15.46
N UNK F 18 43.54 19.04 15.33
CA UNK F 18 43.15 17.77 15.93
C UNK F 18 43.33 17.81 17.44
N UNK F 19 44.34 18.55 17.90
CA UNK F 19 44.64 18.67 19.31
C UNK F 19 43.63 19.57 20.03
N UNK F 20 42.90 20.35 19.24
CA UNK F 20 41.88 21.25 19.80
C UNK F 20 40.68 20.47 20.30
N UNK F 21 40.35 19.38 19.63
CA UNK F 21 39.21 18.54 20.03
C UNK F 21 39.68 17.33 20.82
N UNK F 22 40.59 16.55 20.25
CA UNK F 22 41.13 15.38 20.92
C UNK F 22 42.30 15.75 21.81
N PHE F 48 34.71 29.78 17.17
CA PHE F 48 35.69 30.83 17.45
C PHE F 48 37.10 30.28 17.47
N GLY F 49 37.44 29.56 18.54
CA GLY F 49 38.78 28.98 18.64
C GLY F 49 39.06 27.93 17.58
N PHE F 50 38.03 27.29 17.05
CA PHE F 50 38.16 26.31 16.01
C PHE F 50 37.55 26.76 14.68
N ALA F 51 37.04 27.99 14.62
CA ALA F 51 36.47 28.52 13.38
C ALA F 51 37.39 29.52 12.68
N PHE F 52 38.46 29.98 13.33
CA PHE F 52 39.38 30.91 12.71
C PHE F 52 40.63 30.25 12.14
N ILE F 53 41.10 29.16 12.75
CA ILE F 53 42.27 28.46 12.21
C ILE F 53 41.95 27.89 10.84
N GLN F 54 40.68 27.58 10.59
CA GLN F 54 40.30 27.03 9.29
C GLN F 54 40.37 28.10 8.21
N ALA F 55 39.84 29.29 8.49
CA ALA F 55 39.93 30.38 7.52
C ALA F 55 41.34 30.92 7.41
N ALA F 56 42.06 30.98 8.52
CA ALA F 56 43.45 31.45 8.48
C ALA F 56 44.33 30.48 7.70
N LEU F 57 44.02 29.18 7.77
CA LEU F 57 44.77 28.20 6.97
C LEU F 57 44.49 28.42 5.48
N GLN F 58 43.23 28.70 5.12
CA GLN F 58 42.89 28.91 3.73
C GLN F 58 43.18 30.33 3.26
N LEU F 59 43.22 31.30 4.17
CA LEU F 59 43.65 32.63 3.79
C LEU F 59 45.11 32.60 3.32
N LEU F 60 45.99 32.00 4.13
CA LEU F 60 47.38 31.84 3.72
C LEU F 60 47.51 30.88 2.54
N MET F 61 46.56 29.96 2.38
CA MET F 61 46.64 28.99 1.28
C MET F 61 46.33 29.66 -0.06
N PHE F 62 45.42 30.64 -0.06
CA PHE F 62 44.96 31.26 -1.30
C PHE F 62 45.51 32.65 -1.53
N MET F 63 46.25 33.21 -0.56
CA MET F 63 46.79 34.56 -0.71
C MET F 63 48.05 34.62 -1.57
N HIS F 64 48.59 33.46 -1.97
CA HIS F 64 49.81 33.40 -2.75
C HIS F 64 49.55 33.24 -4.24
N MET F 65 48.34 33.60 -4.70
CA MET F 65 48.00 33.37 -6.11
C MET F 65 46.84 34.23 -6.60
N THR F 66 46.56 35.37 -5.95
CA THR F 66 45.49 36.26 -6.38
C THR F 66 46.06 37.52 -7.03
N GLU F 67 46.61 38.43 -6.25
CA GLU F 67 47.14 39.68 -6.76
C GLU F 67 48.30 39.43 -7.72
N SER F 68 48.48 40.33 -8.68
CA SER F 68 47.68 41.54 -8.82
C SER F 68 47.18 41.80 -10.23
N GLU F 69 47.48 43.00 -10.74
CA GLU F 69 46.96 43.48 -12.02
C GLU F 69 45.43 43.39 -12.04
N ASN F 70 44.91 42.18 -12.24
CA ASN F 70 43.49 41.91 -12.13
C ASN F 70 43.02 41.80 -10.68
N GLY F 71 43.89 42.11 -9.72
CA GLY F 71 43.55 41.99 -8.30
C GLY F 71 42.48 42.97 -7.85
N THR F 72 42.36 43.14 -6.53
CA THR F 72 41.32 43.96 -5.91
C THR F 72 39.92 43.45 -6.28
N ILE F 73 39.63 43.38 -7.59
CA ILE F 73 38.38 42.76 -8.04
C ILE F 73 38.41 41.26 -7.81
N GLN F 74 39.57 40.62 -8.04
CA GLN F 74 39.68 39.18 -7.85
C GLN F 74 39.45 38.80 -6.39
N VAL F 75 40.27 39.34 -5.48
CA VAL F 75 40.11 39.02 -4.07
C VAL F 75 38.84 39.66 -3.50
N GLY F 76 38.30 40.67 -4.18
CA GLY F 76 37.04 41.24 -3.74
C GLY F 76 35.85 40.42 -4.16
N ASN F 77 35.94 39.73 -5.30
CA ASN F 77 34.84 38.87 -5.73
C ASN F 77 34.64 37.72 -4.76
N THR F 78 35.72 37.13 -4.26
CA THR F 78 35.61 36.08 -3.26
C THR F 78 35.39 36.62 -1.86
N LEU F 79 35.53 37.94 -1.67
CA LEU F 79 35.26 38.54 -0.37
C LEU F 79 33.76 38.61 -0.13
N PHE F 80 33.02 39.15 -1.10
CA PHE F 80 31.57 39.16 -1.04
C PHE F 80 30.97 37.79 -1.28
N GLY F 81 31.76 36.83 -1.75
CA GLY F 81 31.31 35.45 -1.81
C GLY F 81 31.27 34.80 -0.44
N PHE F 82 32.31 35.02 0.36
CA PHE F 82 32.31 34.56 1.75
C PHE F 82 31.28 35.29 2.59
N PHE F 83 30.87 36.49 2.19
CA PHE F 83 29.78 37.17 2.88
C PHE F 83 28.51 36.34 2.83
N GLY F 84 28.14 35.87 1.63
CA GLY F 84 26.99 34.98 1.51
C GLY F 84 27.21 33.67 2.25
N ALA F 85 28.44 33.16 2.24
CA ALA F 85 28.74 31.93 2.96
C ALA F 85 28.49 32.10 4.46
N ILE F 86 28.83 33.26 5.02
CA ILE F 86 28.52 33.53 6.41
C ILE F 86 27.02 33.77 6.58
N VAL F 87 26.40 34.42 5.60
CA VAL F 87 24.97 34.72 5.70
C VAL F 87 24.14 33.45 5.54
N ILE F 88 24.54 32.55 4.64
CA ILE F 88 23.75 31.35 4.40
C ILE F 88 23.93 30.36 5.54
N VAL F 89 25.17 30.06 5.90
CA VAL F 89 25.43 29.05 6.93
C VAL F 89 24.98 29.55 8.30
N LEU F 90 25.59 30.63 8.79
CA LEU F 90 25.23 31.16 10.10
C LEU F 90 23.81 31.69 10.13
N GLY F 91 23.23 32.02 8.96
CA GLY F 91 21.86 32.48 8.93
C GLY F 91 20.84 31.36 8.96
N SER F 92 21.17 30.21 8.38
CA SER F 92 20.25 29.08 8.43
C SER F 92 20.13 28.52 9.83
N ILE F 93 21.25 28.46 10.57
CA ILE F 93 21.20 28.01 11.96
C ILE F 93 20.49 29.03 12.84
N TRP F 94 20.33 30.26 12.37
CA TRP F 94 19.62 31.29 13.12
C TRP F 94 18.11 31.13 13.07
N ILE F 95 17.60 30.12 12.39
CA ILE F 95 16.17 29.84 12.35
C ILE F 95 15.90 28.43 12.87
N GLN G 16 -7.46 41.34 15.62
CA GLN G 16 -7.61 42.64 14.98
C GLN G 16 -6.72 43.69 15.65
N GLN G 17 -5.79 43.22 16.47
CA GLN G 17 -4.86 44.13 17.13
C GLN G 17 -3.91 44.75 16.11
N SER G 18 -3.46 43.97 15.13
CA SER G 18 -2.61 44.48 14.07
C SER G 18 -3.38 45.16 12.95
N ASP G 19 -4.71 45.19 13.03
CA ASP G 19 -5.48 45.91 12.02
C ASP G 19 -5.24 47.41 12.10
N LEU G 20 -5.00 47.93 13.31
CA LEU G 20 -4.62 49.34 13.44
C LEU G 20 -3.30 49.61 12.74
N ILE G 21 -2.40 48.64 12.71
CA ILE G 21 -1.17 48.78 11.92
C ILE G 21 -1.50 48.81 10.44
N LEU G 22 -2.45 47.98 10.00
CA LEU G 22 -2.80 47.92 8.58
C LEU G 22 -3.49 49.21 8.14
N LEU G 23 -4.49 49.66 8.90
CA LEU G 23 -5.26 50.83 8.49
C LEU G 23 -4.42 52.11 8.55
N SER G 24 -3.62 52.26 9.60
CA SER G 24 -2.81 53.47 9.73
C SER G 24 -1.72 53.52 8.66
N ILE G 25 -1.17 52.37 8.29
CA ILE G 25 -0.10 52.35 7.30
C ILE G 25 -0.64 52.62 5.90
N GLY G 26 -1.90 52.26 5.65
CA GLY G 26 -2.48 52.52 4.34
C GLY G 26 -2.50 53.98 3.99
N PHE G 27 -2.90 54.84 4.94
CA PHE G 27 -2.87 56.27 4.70
C PHE G 27 -1.44 56.80 4.71
N MET G 28 -0.52 56.13 5.40
CA MET G 28 0.86 56.60 5.47
C MET G 28 1.52 56.58 4.10
N LEU G 29 1.25 55.54 3.31
CA LEU G 29 1.76 55.48 1.94
C LEU G 29 0.79 56.05 0.92
N PHE G 30 -0.49 56.21 1.28
CA PHE G 30 -1.39 56.97 0.42
C PHE G 30 -0.93 58.41 0.27
N ILE G 31 -0.28 58.96 1.30
CA ILE G 31 0.34 60.27 1.17
C ILE G 31 1.42 60.22 0.10
N VAL G 32 2.24 59.16 0.11
CA VAL G 32 3.22 58.95 -0.96
C VAL G 32 2.52 58.74 -2.29
N GLY G 33 1.35 58.08 -2.26
CA GLY G 33 0.58 57.90 -3.49
C GLY G 33 0.05 59.20 -4.05
N VAL G 34 -0.28 60.16 -3.18
CA VAL G 34 -0.73 61.47 -3.65
C VAL G 34 0.47 62.36 -3.98
N VAL G 35 1.64 62.08 -3.39
CA VAL G 35 2.85 62.81 -3.76
C VAL G 35 3.13 62.64 -5.25
N PHE G 36 2.92 61.43 -5.78
CA PHE G 36 3.08 61.19 -7.21
C PHE G 36 1.91 61.73 -8.03
N VAL G 37 0.82 62.12 -7.40
CA VAL G 37 -0.20 62.90 -8.11
C VAL G 37 0.28 64.33 -8.30
N LEU G 38 0.97 64.87 -7.30
CA LEU G 38 1.56 66.20 -7.42
C LEU G 38 2.81 66.20 -8.28
N PHE G 39 3.58 65.11 -8.25
CA PHE G 39 4.81 65.02 -9.02
C PHE G 39 4.61 64.58 -10.46
N THR G 40 3.38 64.30 -10.88
CA THR G 40 3.13 63.89 -12.25
C THR G 40 1.97 64.65 -12.89
N ILE G 41 0.80 64.62 -12.24
CA ILE G 41 -0.39 65.20 -12.86
C ILE G 41 -0.31 66.72 -12.88
N ILE G 42 0.36 67.33 -11.89
CA ILE G 42 0.47 68.79 -11.86
C ILE G 42 1.29 69.29 -13.04
N LEU G 43 2.40 68.64 -13.33
CA LEU G 43 3.31 69.04 -14.41
C LEU G 43 3.19 68.06 -15.57
N VAL G 44 4.29 67.59 -16.15
CA VAL G 44 4.29 66.69 -17.31
C VAL G 44 3.61 67.36 -18.51
N LYS G 45 2.32 67.67 -18.37
CA LYS G 45 1.61 68.33 -19.47
C LYS G 45 2.13 69.74 -19.71
N TYR G 46 2.44 70.48 -18.64
CA TYR G 46 2.91 71.86 -18.81
C TYR G 46 4.29 71.92 -19.46
N ARG G 47 5.10 70.88 -19.31
CA ARG G 47 6.47 70.89 -19.80
C ARG G 47 6.58 70.00 -21.04
N ASP G 48 5.97 70.48 -22.12
CA ASP G 48 6.05 69.86 -23.43
C ASP G 48 6.57 70.88 -24.44
N ARG G 49 7.05 70.38 -25.57
CA ARG G 49 7.59 71.27 -26.60
C ARG G 49 6.50 72.14 -27.22
N LYS G 50 5.29 71.61 -27.35
CA LYS G 50 4.17 72.37 -27.92
C LYS G 50 3.32 72.99 -26.82
N THR G 65 21.90 68.28 -6.48
CA THR G 65 22.91 67.54 -5.73
C THR G 65 22.53 67.49 -4.25
N PHE G 66 22.01 68.61 -3.75
CA PHE G 66 21.59 68.70 -2.35
C PHE G 66 20.14 68.29 -2.15
N LEU G 67 19.30 68.41 -3.18
CA LEU G 67 17.89 68.02 -3.05
C LEU G 67 17.72 66.51 -2.99
N GLU G 68 18.58 65.76 -3.68
CA GLU G 68 18.47 64.31 -3.65
C GLU G 68 18.85 63.75 -2.28
N VAL G 69 19.93 64.27 -1.70
CA VAL G 69 20.38 63.80 -0.39
C VAL G 69 19.45 64.29 0.72
N VAL G 70 18.79 65.44 0.51
CA VAL G 70 17.88 65.94 1.54
C VAL G 70 16.57 65.16 1.58
N TRP G 71 16.25 64.38 0.55
CA TRP G 71 15.08 63.52 0.63
C TRP G 71 15.34 62.31 1.50
N THR G 72 16.60 61.95 1.71
CA THR G 72 16.99 60.82 2.57
C THR G 72 16.86 61.14 4.06
N VAL G 73 16.19 62.23 4.42
CA VAL G 73 15.93 62.55 5.83
C VAL G 73 14.51 62.18 6.23
N ILE G 74 13.57 62.12 5.29
CA ILE G 74 12.17 61.79 5.59
C ILE G 74 11.83 60.30 5.42
N PRO G 75 12.54 59.49 4.61
CA PRO G 75 12.01 58.13 4.39
C PRO G 75 12.20 57.22 5.57
N ILE G 76 13.32 57.35 6.29
CA ILE G 76 13.47 56.63 7.56
C ILE G 76 12.43 57.11 8.56
N LEU G 77 12.13 58.41 8.54
CA LEU G 77 11.07 58.93 9.40
C LEU G 77 9.73 58.26 9.12
N ILE G 78 9.55 57.75 7.89
CA ILE G 78 8.34 57.02 7.55
C ILE G 78 8.45 55.56 7.98
N VAL G 79 9.65 54.98 7.96
CA VAL G 79 9.79 53.56 8.25
C VAL G 79 10.18 53.35 9.71
N ILE G 80 10.87 54.33 10.31
CA ILE G 80 11.20 54.19 11.73
C ILE G 80 9.96 54.44 12.57
N ALA G 81 8.98 55.17 12.03
CA ALA G 81 7.66 55.24 12.66
C ALA G 81 6.89 53.95 12.48
N LEU G 82 7.35 53.06 11.59
CA LEU G 82 6.78 51.73 11.41
C LEU G 82 7.68 50.62 11.91
N SER G 83 8.98 50.88 12.06
CA SER G 83 9.92 49.91 12.60
C SER G 83 9.85 49.79 14.11
N VAL G 84 8.82 50.35 14.74
CA VAL G 84 8.63 50.26 16.17
C VAL G 84 7.29 49.60 16.49
N PRO G 85 6.15 50.05 15.91
CA PRO G 85 4.90 49.35 16.21
C PRO G 85 4.86 47.93 15.68
N THR G 86 5.57 47.64 14.58
CA THR G 86 5.67 46.27 14.11
C THR G 86 6.47 45.41 15.09
N VAL G 87 7.59 45.93 15.60
CA VAL G 87 8.38 45.20 16.57
C VAL G 87 7.68 45.18 17.92
N GLN G 88 6.94 46.24 18.27
CA GLN G 88 6.14 46.22 19.48
C GLN G 88 4.91 45.33 19.37
N THR G 89 4.63 44.80 18.19
CA THR G 89 3.55 43.84 17.99
C THR G 89 4.06 42.41 17.77
N ILE G 90 5.21 42.25 17.10
CA ILE G 90 5.81 40.92 16.96
C ILE G 90 6.07 40.32 18.33
N TYR G 91 6.65 41.12 19.24
CA TYR G 91 6.85 40.67 20.61
C TYR G 91 5.56 40.67 21.43
N SER G 92 4.54 41.41 20.99
CA SER G 92 3.27 41.42 21.71
C SER G 92 2.44 40.18 21.43
N LEU G 93 2.47 39.68 20.19
CA LEU G 93 1.74 38.48 19.83
C LEU G 93 2.37 37.20 20.36
N GLU G 94 3.62 37.27 20.83
CA GLU G 94 4.27 36.09 21.40
C GLU G 94 3.63 35.77 22.74
N LYS G 95 3.87 36.62 23.73
CA LYS G 95 3.24 36.49 25.03
C LYS G 95 1.75 36.82 24.95
N ALA G 96 1.08 36.66 26.10
CA ALA G 96 -0.36 36.71 26.40
C ALA G 96 -1.21 37.49 25.42
N PRO G 97 -2.35 36.94 25.01
CA PRO G 97 -3.18 37.58 23.98
C PRO G 97 -3.87 38.86 24.44
N GLU G 98 -4.83 39.33 23.64
CA GLU G 98 -5.42 40.65 23.83
C GLU G 98 -6.21 40.67 25.15
N ALA G 99 -5.67 41.39 26.13
CA ALA G 99 -6.40 41.79 27.34
C ALA G 99 -6.85 40.60 28.19
N THR G 100 -5.89 39.76 28.61
CA THR G 100 -6.20 38.57 29.40
C THR G 100 -5.21 38.32 30.53
N LYS G 101 -4.30 39.27 30.78
CA LYS G 101 -3.25 39.25 31.84
C LYS G 101 -2.51 37.91 31.80
N ASP G 102 -2.36 37.21 32.92
CA ASP G 102 -1.56 35.99 33.01
C ASP G 102 -2.34 34.88 33.72
N LYS G 103 -3.56 34.62 33.23
CA LYS G 103 -4.43 33.62 33.81
C LYS G 103 -5.19 32.92 32.67
N GLU G 104 -5.97 31.91 33.04
CA GLU G 104 -6.83 31.14 32.14
C GLU G 104 -6.07 30.53 30.97
N PRO G 105 -5.21 29.53 31.19
CA PRO G 105 -4.50 28.91 30.07
C PRO G 105 -5.23 27.70 29.51
N LEU G 106 -5.95 27.88 28.40
CA LEU G 106 -6.64 26.78 27.73
C LEU G 106 -5.81 26.31 26.54
N VAL G 107 -5.68 25.00 26.41
CA VAL G 107 -4.92 24.38 25.33
C VAL G 107 -5.88 23.67 24.39
N VAL G 108 -5.65 23.82 23.09
CA VAL G 108 -6.45 23.16 22.05
C VAL G 108 -5.49 22.66 20.99
N TYR G 109 -5.30 21.34 20.92
CA TYR G 109 -4.43 20.76 19.92
C TYR G 109 -5.06 20.83 18.54
N ALA G 110 -4.37 21.49 17.60
CA ALA G 110 -4.84 21.63 16.23
C ALA G 110 -3.91 20.83 15.33
N THR G 111 -4.47 19.87 14.59
CA THR G 111 -3.70 19.02 13.70
C THR G 111 -4.24 19.12 12.28
N SER G 112 -3.33 19.03 11.32
CA SER G 112 -3.67 19.18 9.90
C SER G 112 -3.30 17.91 9.15
N VAL G 113 -4.30 17.14 8.75
CA VAL G 113 -4.11 16.06 7.79
C VAL G 113 -4.37 16.65 6.42
N ASP G 114 -4.33 15.83 5.38
CA ASP G 114 -4.64 16.33 4.04
C ASP G 114 -6.09 16.81 3.99
N TRP G 115 -6.29 18.02 3.45
CA TRP G 115 -7.60 18.64 3.28
C TRP G 115 -8.35 18.86 4.59
N LYS G 116 -8.29 17.91 5.51
CA LYS G 116 -9.15 17.90 6.68
C LYS G 116 -8.44 18.44 7.92
N TRP G 117 -9.21 19.12 8.76
CA TRP G 117 -8.71 19.72 9.99
C TRP G 117 -9.19 18.92 11.20
N VAL G 118 -8.30 18.73 12.17
CA VAL G 118 -8.58 17.98 13.39
C VAL G 118 -8.25 18.84 14.59
N PHE G 119 -9.15 18.87 15.56
CA PHE G 119 -8.95 19.65 16.79
C PHE G 119 -9.34 18.79 17.97
N SER G 120 -8.40 18.59 18.89
CA SER G 120 -8.61 17.76 20.07
C SER G 120 -8.38 18.59 21.32
N TYR G 121 -9.31 18.47 22.28
CA TYR G 121 -9.20 19.20 23.54
C TYR G 121 -8.52 18.31 24.57
N PRO G 122 -7.35 18.68 25.08
CA PRO G 122 -6.70 17.87 26.10
C PRO G 122 -7.28 18.03 27.50
N GLU G 123 -8.10 19.05 27.73
CA GLU G 123 -8.70 19.24 29.05
C GLU G 123 -9.62 18.09 29.40
N GLN G 124 -10.55 17.77 28.51
CA GLN G 124 -11.42 16.60 28.67
C GLN G 124 -11.43 15.81 27.37
N ASP G 125 -11.54 14.50 27.50
CA ASP G 125 -11.44 13.59 26.35
C ASP G 125 -12.45 13.94 25.26
N ILE G 126 -12.14 14.97 24.47
CA ILE G 126 -12.98 15.40 23.35
C ILE G 126 -12.07 15.77 22.19
N GLU G 127 -12.55 15.52 20.97
CA GLU G 127 -11.81 15.86 19.77
C GLU G 127 -12.78 16.06 18.62
N THR G 128 -12.78 17.25 18.03
CA THR G 128 -13.69 17.59 16.94
C THR G 128 -12.92 17.72 15.63
N VAL G 129 -13.65 17.58 14.53
CA VAL G 129 -13.08 17.61 13.18
C VAL G 129 -13.89 18.59 12.34
N ASN G 130 -13.18 19.50 11.65
CA ASN G 130 -13.79 20.49 10.77
C ASN G 130 -14.84 21.34 11.49
N TYR G 131 -14.67 21.48 12.80
CA TYR G 131 -15.56 22.27 13.62
C TYR G 131 -14.89 22.47 14.98
N LEU G 132 -15.15 23.62 15.60
CA LEU G 132 -14.49 23.95 16.86
C LEU G 132 -15.32 24.99 17.60
N ASN G 133 -15.53 24.77 18.89
CA ASN G 133 -16.22 25.70 19.75
C ASN G 133 -15.30 26.11 20.88
N ILE G 134 -15.21 27.41 21.13
CA ILE G 134 -14.33 27.96 22.15
C ILE G 134 -15.09 29.04 22.92
N PRO G 135 -14.95 29.12 24.24
CA PRO G 135 -15.63 30.19 24.98
C PRO G 135 -15.01 31.54 24.68
N VAL G 136 -15.86 32.56 24.63
CA VAL G 136 -15.40 33.90 24.29
C VAL G 136 -14.55 34.48 25.41
N ASP G 137 -13.58 35.31 25.02
CA ASP G 137 -12.73 36.05 25.97
C ASP G 137 -11.94 35.10 26.86
N ARG G 138 -11.40 34.03 26.27
CA ARG G 138 -10.55 33.11 27.00
C ARG G 138 -9.28 32.85 26.18
N PRO G 139 -8.10 32.89 26.79
CA PRO G 139 -6.87 32.57 26.05
C PRO G 139 -6.87 31.11 25.63
N ILE G 140 -6.52 30.87 24.37
CA ILE G 140 -6.48 29.54 23.79
C ILE G 140 -5.09 29.31 23.21
N LEU G 141 -4.36 28.34 23.77
CA LEU G 141 -3.01 28.01 23.31
C LEU G 141 -3.15 26.95 22.22
N PHE G 142 -3.34 27.41 20.99
CA PHE G 142 -3.48 26.50 19.86
C PHE G 142 -2.14 25.84 19.56
N LYS G 143 -2.08 24.53 19.76
CA LYS G 143 -0.91 23.74 19.39
C LYS G 143 -1.04 23.34 17.92
N ILE G 144 -0.24 23.96 17.06
CA ILE G 144 -0.38 23.82 15.61
C ILE G 144 0.58 22.73 15.14
N SER G 145 0.05 21.76 14.40
CA SER G 145 0.85 20.70 13.83
C SER G 145 0.16 20.17 12.58
N SER G 146 0.87 19.31 11.85
CA SER G 146 0.35 18.75 10.62
C SER G 146 0.69 17.26 10.56
N ALA G 147 0.02 16.56 9.66
CA ALA G 147 0.18 15.12 9.50
C ALA G 147 1.02 14.75 8.28
N ASP G 148 0.69 15.29 7.13
CA ASP G 148 1.37 14.92 5.89
C ASP G 148 1.84 16.10 5.07
N SER G 149 1.06 17.18 5.00
CA SER G 149 1.41 18.35 4.22
C SER G 149 1.34 19.60 5.08
N MET G 150 2.15 20.60 4.71
CA MET G 150 2.15 21.86 5.44
C MET G 150 0.82 22.58 5.24
N ALA G 151 0.38 23.29 6.28
CA ALA G 151 -0.89 24.01 6.25
C ALA G 151 -0.83 25.13 7.28
N SER G 152 -1.94 25.83 7.45
CA SER G 152 -2.03 26.92 8.41
C SER G 152 -3.48 27.35 8.64
N LEU G 153 -3.91 27.39 9.89
CA LEU G 153 -5.28 27.81 10.22
C LEU G 153 -5.36 29.32 10.12
N TRP G 154 -5.91 29.82 9.01
CA TRP G 154 -6.05 31.25 8.81
C TRP G 154 -7.13 31.83 9.71
N ILE G 155 -8.39 31.47 9.44
CA ILE G 155 -9.55 32.02 10.13
C ILE G 155 -9.52 33.53 9.99
N PRO G 156 -10.07 34.08 8.89
CA PRO G 156 -9.88 35.51 8.61
C PRO G 156 -10.47 36.45 9.65
N GLN G 157 -11.26 35.95 10.61
CA GLN G 157 -11.83 36.81 11.63
C GLN G 157 -11.02 36.83 12.92
N LEU G 158 -10.12 35.86 13.13
CA LEU G 158 -9.27 35.84 14.31
C LEU G 158 -7.91 36.49 14.07
N GLY G 159 -7.55 36.75 12.81
CA GLY G 159 -6.34 37.48 12.50
C GLY G 159 -5.13 36.64 12.10
N GLY G 160 -4.18 36.49 13.01
CA GLY G 160 -2.91 35.86 12.66
C GLY G 160 -3.06 34.36 12.44
N GLN G 161 -2.34 33.86 11.45
CA GLN G 161 -2.27 32.45 11.13
C GLN G 161 -0.86 31.91 11.40
N LYS G 162 -0.78 30.62 11.70
CA LYS G 162 0.48 29.96 11.99
C LYS G 162 0.59 28.71 11.12
N TYR G 163 1.75 28.50 10.51
CA TYR G 163 1.94 27.34 9.66
C TYR G 163 1.90 26.05 10.47
N ALA G 164 1.25 25.03 9.91
CA ALA G 164 1.21 23.70 10.52
C ALA G 164 2.40 22.92 9.99
N MET G 165 3.48 22.89 10.76
CA MET G 165 4.71 22.22 10.37
C MET G 165 4.64 20.76 10.80
N ALA G 166 4.69 19.86 9.82
CA ALA G 166 4.63 18.42 10.09
C ALA G 166 5.96 17.99 10.69
N GLY G 167 6.03 17.94 12.02
CA GLY G 167 7.25 17.53 12.70
C GLY G 167 7.46 18.23 14.03
N MET G 168 6.76 19.35 14.25
CA MET G 168 6.90 20.09 15.49
C MET G 168 5.65 20.92 15.71
N LEU G 169 5.36 21.22 16.97
CA LEU G 169 4.19 21.99 17.36
C LEU G 169 4.55 23.45 17.54
N MET G 170 3.78 24.33 16.90
CA MET G 170 3.98 25.78 17.00
C MET G 170 2.87 26.37 17.85
N ASP G 171 3.26 27.12 18.89
CA ASP G 171 2.31 27.71 19.81
C ASP G 171 1.81 29.05 19.27
N GLN G 172 0.50 29.28 19.39
CA GLN G 172 -0.12 30.52 18.93
C GLN G 172 -1.37 30.77 19.74
N TYR G 173 -1.41 31.91 20.44
CA TYR G 173 -2.57 32.29 21.24
C TYR G 173 -3.57 33.07 20.39
N LEU G 174 -4.85 32.85 20.64
CA LEU G 174 -5.92 33.55 19.95
C LEU G 174 -6.99 33.92 20.96
N GLN G 175 -8.09 34.48 20.47
CA GLN G 175 -9.24 34.86 21.28
C GLN G 175 -10.40 35.12 20.31
N ALA G 176 -11.55 35.49 20.87
CA ALA G 176 -12.74 35.80 20.09
C ALA G 176 -13.26 37.16 20.53
N ASP G 177 -13.42 38.06 19.56
CA ASP G 177 -13.89 39.41 19.86
C ASP G 177 -15.34 39.40 20.34
N LYS G 178 -16.27 39.12 19.43
CA LYS G 178 -17.69 39.09 19.73
C LYS G 178 -18.29 37.77 19.27
N VAL G 179 -19.47 37.46 19.78
CA VAL G 179 -20.17 36.23 19.42
C VAL G 179 -20.64 36.31 17.98
N GLY G 180 -20.30 35.29 17.19
CA GLY G 180 -20.70 35.28 15.81
C GLY G 180 -20.24 33.99 15.14
N THR G 181 -20.37 33.98 13.82
CA THR G 181 -19.99 32.82 12.99
C THR G 181 -18.69 33.16 12.28
N TYR G 182 -17.58 32.64 12.80
CA TYR G 182 -16.25 32.92 12.25
C TYR G 182 -15.94 31.92 11.15
N GLU G 183 -15.66 32.42 9.95
CA GLU G 183 -15.18 31.57 8.88
C GLU G 183 -13.74 31.13 9.15
N GLY G 184 -13.36 30.01 8.56
CA GLY G 184 -12.03 29.49 8.74
C GLY G 184 -11.52 28.76 7.50
N ARG G 185 -10.24 28.91 7.19
CA ARG G 185 -9.66 28.31 6.00
C ARG G 185 -8.20 27.98 6.26
N ASN G 186 -7.53 27.50 5.23
CA ASN G 186 -6.13 27.13 5.27
C ASN G 186 -5.31 28.05 4.36
N ALA G 187 -4.00 28.08 4.59
CA ALA G 187 -3.09 28.77 3.67
C ALA G 187 -3.22 28.25 2.26
N ASN G 188 -3.74 27.03 2.09
CA ASN G 188 -4.10 26.47 0.79
C ASN G 188 -2.87 26.27 -0.10
N PHE G 189 -1.92 25.51 0.42
CA PHE G 189 -0.85 25.00 -0.43
C PHE G 189 -1.47 23.92 -1.31
N THR G 190 -1.95 24.35 -2.48
CA THR G 190 -2.94 23.58 -3.23
C THR G 190 -2.43 22.18 -3.58
N GLY G 191 -3.36 21.24 -3.63
CA GLY G 191 -3.08 19.85 -3.94
C GLY G 191 -4.35 19.06 -4.14
N GLU G 192 -4.98 19.24 -5.30
CA GLU G 192 -6.26 18.63 -5.63
C GLU G 192 -7.34 19.04 -4.64
N HIS G 193 -7.39 18.38 -3.49
CA HIS G 193 -8.40 18.66 -2.46
C HIS G 193 -7.79 19.60 -1.43
N PHE G 194 -7.86 20.90 -1.73
CA PHE G 194 -7.39 21.93 -0.82
C PHE G 194 -8.28 23.17 -0.74
N ALA G 195 -9.08 23.47 -1.77
CA ALA G 195 -9.91 24.66 -1.72
C ALA G 195 -11.06 24.51 -0.72
N ASP G 196 -11.54 23.30 -0.51
CA ASP G 196 -12.64 23.05 0.42
C ASP G 196 -12.17 22.74 1.83
N GLN G 197 -11.08 23.38 2.28
CA GLN G 197 -10.60 23.24 3.65
C GLN G 197 -11.37 24.13 4.63
N GLU G 198 -12.46 24.75 4.19
CA GLU G 198 -13.19 25.68 5.04
C GLU G 198 -13.88 24.94 6.19
N PHE G 199 -13.46 25.23 7.41
CA PHE G 199 -14.06 24.66 8.61
C PHE G 199 -14.68 25.78 9.42
N ASP G 200 -15.96 25.65 9.73
CA ASP G 200 -16.69 26.69 10.47
C ASP G 200 -16.46 26.53 11.96
N VAL G 201 -16.11 27.63 12.62
CA VAL G 201 -15.93 27.65 14.07
C VAL G 201 -16.90 28.64 14.67
N ASN G 202 -17.25 28.42 15.94
CA ASN G 202 -18.16 29.28 16.65
C ASN G 202 -17.59 29.59 18.03
N ALA G 203 -17.94 30.77 18.55
CA ALA G 203 -17.49 31.23 19.85
C ALA G 203 -18.70 31.69 20.65
N VAL G 204 -19.06 30.95 21.68
CA VAL G 204 -20.23 31.26 22.49
C VAL G 204 -19.79 31.61 23.91
N THR G 205 -20.75 31.84 24.80
CA THR G 205 -20.45 32.25 26.16
C THR G 205 -19.86 31.08 26.95
N GLU G 206 -19.36 31.40 28.15
CA GLU G 206 -18.80 30.37 29.02
C GLU G 206 -19.87 29.40 29.48
N LYS G 207 -21.06 29.90 29.80
CA LYS G 207 -22.14 29.01 30.24
C LYS G 207 -22.60 28.10 29.11
N ASP G 208 -22.64 28.62 27.88
CA ASP G 208 -23.00 27.79 26.74
C ASP G 208 -21.86 26.86 26.35
N PHE G 209 -20.61 27.23 26.66
CA PHE G 209 -19.49 26.33 26.39
C PHE G 209 -19.43 25.20 27.42
N ASN G 210 -19.73 25.51 28.69
CA ASN G 210 -19.75 24.47 29.71
C ASN G 210 -20.86 23.46 29.49
N SER G 211 -21.92 23.85 28.79
CA SER G 211 -22.95 22.91 28.40
C SER G 211 -22.60 22.16 27.13
N TRP G 212 -21.52 22.56 26.46
CA TRP G 212 -21.02 21.87 25.26
C TRP G 212 -20.07 20.73 25.63
N VAL G 213 -19.12 20.97 26.53
CA VAL G 213 -18.27 19.88 27.02
C VAL G 213 -19.15 18.84 27.71
N LYS G 214 -20.07 19.30 28.55
CA LYS G 214 -20.98 18.40 29.24
C LYS G 214 -22.14 18.11 28.30
N LYS G 215 -21.91 17.14 27.42
CA LYS G 215 -22.86 16.70 26.40
C LYS G 215 -22.14 15.64 25.57
N THR G 216 -20.96 15.99 25.06
CA THR G 216 -20.15 15.04 24.31
C THR G 216 -19.50 14.03 25.24
N GLN G 217 -18.77 14.52 26.24
CA GLN G 217 -18.04 13.63 27.14
C GLN G 217 -19.00 12.83 28.02
N PRO G 221 -19.53 9.45 20.46
CA PRO G 221 -18.72 8.27 20.13
C PRO G 221 -17.52 8.12 21.04
N LYS G 222 -16.46 7.48 20.54
CA LYS G 222 -15.24 7.25 21.30
C LYS G 222 -14.07 7.13 20.33
N LEU G 223 -12.88 6.93 20.88
CA LEU G 223 -11.69 6.72 20.08
C LEU G 223 -11.73 5.31 19.50
N THR G 224 -12.27 5.17 18.28
CA THR G 224 -12.40 3.83 17.69
C THR G 224 -11.08 3.25 17.23
N LYS G 225 -9.95 3.91 17.52
CA LYS G 225 -8.61 3.38 17.25
C LYS G 225 -8.33 3.25 15.76
N GLU G 226 -9.28 2.70 15.00
CA GLU G 226 -9.10 2.53 13.56
C GLU G 226 -9.60 3.71 12.75
N LYS G 227 -10.66 4.39 13.22
CA LYS G 227 -11.17 5.55 12.50
C LYS G 227 -10.16 6.69 12.44
N TYR G 228 -9.20 6.73 13.38
CA TYR G 228 -8.12 7.70 13.27
C TYR G 228 -7.30 7.45 12.02
N ASP G 229 -6.91 6.20 11.79
CA ASP G 229 -6.23 5.84 10.54
C ASP G 229 -7.15 5.98 9.34
N GLU G 230 -8.46 5.95 9.54
CA GLU G 230 -9.43 6.15 8.47
C GLU G 230 -9.61 7.62 8.10
N LEU G 231 -8.92 8.53 8.79
CA LEU G 231 -9.02 9.96 8.51
C LEU G 231 -7.94 10.45 7.56
N MET G 232 -6.75 9.86 7.60
CA MET G 232 -5.62 10.35 6.81
C MET G 232 -5.83 10.21 5.31
N LEU G 233 -6.89 9.55 4.87
CA LEU G 233 -7.17 9.49 3.44
C LEU G 233 -7.89 10.76 3.01
N PRO G 234 -7.47 11.41 1.92
CA PRO G 234 -8.04 12.71 1.56
C PRO G 234 -9.31 12.61 0.73
N GLU G 235 -10.46 12.87 1.36
CA GLU G 235 -11.74 12.93 0.65
C GLU G 235 -12.57 14.08 1.18
N ASN G 236 -13.79 13.78 1.64
CA ASN G 236 -14.67 14.76 2.25
C ASN G 236 -15.33 14.15 3.48
N VAL G 237 -15.50 14.96 4.52
CA VAL G 237 -16.01 14.53 5.82
C VAL G 237 -16.80 15.68 6.44
N ASP G 238 -17.56 15.36 7.48
CA ASP G 238 -18.45 16.33 8.12
C ASP G 238 -17.86 16.70 9.48
N GLU G 239 -18.67 16.77 10.56
CA GLU G 239 -18.20 17.25 11.85
C GLU G 239 -17.50 16.15 12.64
N LEU G 240 -18.18 15.02 12.85
CA LEU G 240 -17.66 13.91 13.64
C LEU G 240 -17.37 14.37 15.07
N THR G 241 -18.36 14.23 15.95
CA THR G 241 -18.24 14.77 17.31
C THR G 241 -17.05 14.15 18.04
N PHE G 242 -17.07 12.82 18.21
CA PHE G 242 -15.99 12.08 18.87
C PHE G 242 -15.77 12.54 20.31
N SER G 243 -16.21 11.73 21.27
CA SER G 243 -16.08 12.06 22.69
C SER G 243 -14.87 11.39 23.33
N SER G 244 -13.72 11.42 22.64
CA SER G 244 -12.49 10.87 23.19
C SER G 244 -11.30 11.50 22.49
N THR G 245 -10.28 11.86 23.27
CA THR G 245 -9.08 12.46 22.70
C THR G 245 -8.21 11.39 22.06
N HIS G 246 -7.64 11.71 20.91
CA HIS G 246 -6.91 10.76 20.09
C HIS G 246 -5.40 10.90 20.18
N LEU G 247 -4.88 11.80 21.02
CA LEU G 247 -3.44 12.05 21.06
C LEU G 247 -2.65 10.89 21.65
N LYS G 248 -3.30 9.79 22.03
CA LYS G 248 -2.59 8.62 22.54
C LYS G 248 -1.85 7.84 21.46
N TYR G 249 -1.82 8.33 20.23
CA TYR G 249 -1.16 7.66 19.11
C TYR G 249 0.02 8.51 18.65
N VAL G 250 1.23 8.07 19.03
CA VAL G 250 2.51 8.66 18.66
C VAL G 250 2.49 10.18 18.68
N ASP G 251 1.67 10.76 19.57
CA ASP G 251 1.59 12.21 19.78
C ASP G 251 1.10 12.96 18.54
N HIS G 252 1.53 12.52 17.36
CA HIS G 252 1.22 13.12 16.06
C HIS G 252 1.93 14.47 15.90
N GLY G 253 1.94 15.28 16.96
CA GLY G 253 2.80 16.46 16.95
C GLY G 253 4.26 16.11 16.81
N GLN G 254 4.66 14.96 17.37
CA GLN G 254 5.96 14.36 17.14
C GLN G 254 5.79 13.10 16.32
N ASP G 255 6.89 12.65 15.71
CA ASP G 255 6.89 11.48 14.84
C ASP G 255 5.85 11.63 13.72
N ALA G 256 6.18 12.54 12.80
CA ALA G 256 5.32 12.84 11.67
C ALA G 256 5.37 11.74 10.60
N GLU G 257 6.03 10.63 10.87
CA GLU G 257 6.09 9.47 9.99
C GLU G 257 4.78 8.67 9.95
N TYR G 258 3.71 9.22 10.54
CA TYR G 258 2.43 8.54 10.59
C TYR G 258 1.66 8.73 9.28
N ALA G 259 2.39 8.86 8.17
CA ALA G 259 1.79 8.91 6.85
C ALA G 259 1.98 7.62 6.06
N MET G 260 3.02 6.84 6.38
CA MET G 260 3.17 5.52 5.78
C MET G 260 2.26 4.51 6.48
N GLU G 261 2.25 4.52 7.81
CA GLU G 261 1.33 3.68 8.57
C GLU G 261 -0.13 4.09 8.39
N ALA G 262 -0.40 5.21 7.73
CA ALA G 262 -1.77 5.67 7.55
C ALA G 262 -2.35 5.23 6.21
N ARG G 263 -1.96 5.91 5.13
CA ARG G 263 -2.57 5.66 3.83
C ARG G 263 -2.21 4.29 3.29
N LYS G 264 -1.04 3.75 3.66
CA LYS G 264 -0.59 2.48 3.11
C LYS G 264 -1.13 1.28 3.88
N ARG G 265 -1.33 1.42 5.19
CA ARG G 265 -1.90 0.31 5.96
C ARG G 265 -3.33 0.02 5.52
N LEU G 266 -4.06 1.05 5.07
CA LEU G 266 -5.38 0.87 4.51
C LEU G 266 -5.36 0.74 2.99
N GLY G 267 -4.18 0.55 2.40
CA GLY G 267 -4.05 0.30 0.98
C GLY G 267 -4.45 1.45 0.07
N TYR G 268 -3.60 2.47 -0.02
CA TYR G 268 -3.90 3.62 -0.88
C TYR G 268 -2.61 4.35 -1.17
N GLN G 269 -2.29 4.49 -2.46
CA GLN G 269 -1.21 5.38 -2.90
C GLN G 269 -1.61 5.97 -4.24
N ALA G 270 -1.61 7.29 -4.33
CA ALA G 270 -2.15 7.95 -5.50
C ALA G 270 -1.16 7.85 -6.67
N VAL G 271 -1.67 8.14 -7.87
CA VAL G 271 -0.87 8.23 -9.08
C VAL G 271 -1.36 9.42 -9.88
N SER G 272 -0.82 9.60 -11.08
CA SER G 272 -1.25 10.72 -11.92
C SER G 272 -2.32 10.26 -12.91
N PRO G 273 -2.15 9.11 -13.62
CA PRO G 273 -3.23 8.63 -14.48
C PRO G 273 -3.83 7.30 -14.04
N HIS G 274 -5.16 7.18 -14.17
CA HIS G 274 -5.89 5.91 -14.06
C HIS G 274 -5.88 5.31 -12.66
N SER G 275 -6.81 4.38 -12.41
CA SER G 275 -6.84 3.57 -11.19
C SER G 275 -6.85 4.42 -9.93
N LYS G 276 -7.60 5.52 -9.94
CA LYS G 276 -7.70 6.34 -8.74
C LYS G 276 -8.92 5.86 -7.94
N THR G 277 -9.94 6.71 -7.81
CA THR G 277 -11.13 6.39 -7.02
C THR G 277 -10.73 5.88 -5.64
N ASP G 278 -9.71 6.52 -5.05
CA ASP G 278 -8.99 6.00 -3.89
C ASP G 278 -8.48 4.61 -4.24
N PRO G 279 -7.28 4.50 -4.82
CA PRO G 279 -6.80 3.23 -5.40
C PRO G 279 -7.13 1.98 -4.61
N PHE G 280 -8.37 1.51 -4.76
CA PHE G 280 -8.85 0.27 -4.17
C PHE G 280 -8.77 0.27 -2.64
N GLU G 281 -9.11 -0.86 -2.04
CA GLU G 281 -9.17 -1.05 -0.59
C GLU G 281 -10.21 -0.14 0.04
N ASN G 282 -11.27 -0.74 0.59
CA ASN G 282 -12.44 0.03 1.01
C ASN G 282 -12.31 0.56 2.43
N VAL G 283 -13.42 0.55 3.16
CA VAL G 283 -13.58 1.10 4.51
C VAL G 283 -13.24 2.59 4.52
N LYS G 284 -14.24 3.43 4.82
CA LYS G 284 -14.10 4.87 4.86
C LYS G 284 -15.40 5.53 5.29
N LYS G 285 -15.45 6.86 5.16
CA LYS G 285 -16.68 7.64 5.40
C LYS G 285 -16.60 8.84 4.46
N ASN G 286 -17.32 8.77 3.34
CA ASN G 286 -17.15 9.72 2.25
C ASN G 286 -18.28 10.76 2.26
N GLU G 287 -18.53 11.37 1.10
CA GLU G 287 -19.54 12.40 0.95
C GLU G 287 -20.86 11.77 0.53
N PHE G 288 -21.91 12.61 0.44
CA PHE G 288 -23.24 12.18 0.03
C PHE G 288 -23.78 11.07 0.93
N PRO H 14 -8.43 15.80 -19.60
CA PRO H 14 -7.84 14.88 -20.56
C PRO H 14 -8.33 15.10 -21.98
N LEU H 15 -9.57 15.56 -22.13
CA LEU H 15 -10.13 15.81 -23.45
C LEU H 15 -9.44 16.99 -24.13
N ILE H 16 -9.13 18.04 -23.36
CA ILE H 16 -8.46 19.20 -23.93
C ILE H 16 -7.03 18.86 -24.34
N LEU H 17 -6.33 18.11 -23.50
CA LEU H 17 -4.93 17.75 -23.76
C LEU H 17 -4.77 16.77 -24.93
N GLY H 18 -5.85 16.41 -25.61
CA GLY H 18 -5.75 15.53 -26.76
C GLY H 18 -5.59 16.29 -28.05
N ALA H 19 -6.08 17.53 -28.09
CA ALA H 19 -5.96 18.34 -29.30
C ALA H 19 -4.57 18.96 -29.42
N GLN H 20 -3.99 19.42 -28.31
CA GLN H 20 -2.70 20.11 -28.37
C GLN H 20 -1.57 19.17 -28.76
N VAL H 21 -1.64 17.90 -28.35
CA VAL H 21 -0.59 16.96 -28.74
C VAL H 21 -0.60 16.72 -30.24
N SER H 22 -1.76 16.86 -30.88
CA SER H 22 -1.82 16.80 -32.33
C SER H 22 -1.35 18.11 -32.95
N ILE H 23 -1.66 19.23 -32.30
CA ILE H 23 -1.17 20.52 -32.78
C ILE H 23 0.34 20.64 -32.57
N ALA H 24 0.83 20.12 -31.44
CA ALA H 24 2.28 20.10 -31.22
C ALA H 24 2.99 19.26 -32.27
N LEU H 25 2.39 18.13 -32.66
CA LEU H 25 2.95 17.35 -33.76
C LEU H 25 2.79 18.07 -35.09
N SER H 26 1.74 18.88 -35.24
CA SER H 26 1.53 19.60 -36.49
C SER H 26 2.60 20.68 -36.68
N THR H 27 2.87 21.46 -35.62
CA THR H 27 3.89 22.50 -35.72
C THR H 27 5.25 21.92 -36.06
N ILE H 28 5.58 20.76 -35.49
CA ILE H 28 6.82 20.08 -35.84
C ILE H 28 6.76 19.58 -37.27
N ALA H 29 5.61 19.07 -37.70
CA ALA H 29 5.46 18.62 -39.08
C ALA H 29 5.48 19.77 -40.06
N ILE H 30 4.99 20.95 -39.65
CA ILE H 30 5.03 22.12 -40.51
C ILE H 30 6.47 22.57 -40.75
N ILE H 31 7.34 22.42 -39.74
CA ILE H 31 8.72 22.85 -39.87
C ILE H 31 9.44 22.03 -40.95
N PHE H 32 9.13 20.73 -41.04
CA PHE H 32 9.82 19.87 -41.99
C PHE H 32 9.48 20.26 -43.43
N VAL H 33 8.20 20.50 -43.72
CA VAL H 33 7.78 20.74 -45.09
C VAL H 33 8.09 22.16 -45.52
N LEU H 34 7.65 23.15 -44.74
CA LEU H 34 7.76 24.55 -45.16
C LEU H 34 9.19 25.07 -45.01
N THR H 35 9.88 24.71 -43.93
CA THR H 35 11.16 25.30 -43.62
C THR H 35 12.34 24.42 -43.98
N TYR H 36 12.23 23.10 -43.86
CA TYR H 36 13.35 22.20 -44.06
C TYR H 36 13.49 21.72 -45.51
N PHE H 37 13.32 22.61 -46.48
CA PHE H 37 13.74 22.29 -47.84
C PHE H 37 15.25 22.07 -47.90
N LYS H 38 16.00 22.90 -47.17
CA LYS H 38 17.44 22.77 -46.99
C LYS H 38 17.91 23.79 -45.97
N LYS H 39 18.19 23.34 -44.74
CA LYS H 39 18.51 24.25 -43.65
C LYS H 39 19.94 24.12 -43.14
N TRP H 40 20.71 23.15 -43.62
CA TRP H 40 22.13 23.04 -43.25
C TRP H 40 22.95 23.99 -44.12
N LYS H 41 22.60 25.28 -44.05
CA LYS H 41 23.29 26.32 -44.78
C LYS H 41 22.94 27.69 -44.20
N TRP H 42 21.74 27.81 -43.65
CA TRP H 42 21.30 29.04 -42.99
C TRP H 42 20.96 28.82 -41.52
N LEU H 43 20.17 27.79 -41.21
CA LEU H 43 19.79 27.55 -39.82
C LEU H 43 20.98 27.02 -39.02
N TRP H 44 21.68 26.02 -39.57
CA TRP H 44 22.82 25.45 -38.85
C TRP H 44 24.08 26.29 -38.96
N SER H 45 24.14 27.20 -39.93
CA SER H 45 25.32 28.03 -40.12
C SER H 45 25.18 29.38 -39.43
N GLU H 46 24.34 30.26 -39.99
CA GLU H 46 24.17 31.60 -39.45
C GLU H 46 23.25 31.65 -38.24
N TRP H 47 22.79 30.51 -37.74
CA TRP H 47 21.89 30.48 -36.59
C TRP H 47 22.22 29.24 -35.76
N ILE H 48 21.30 28.86 -34.87
CA ILE H 48 21.46 27.73 -33.97
C ILE H 48 22.77 27.85 -33.20
N THR H 49 23.87 27.50 -33.85
CA THR H 49 25.19 27.53 -33.22
C THR H 49 25.98 28.78 -33.56
N THR H 50 25.29 29.87 -33.91
CA THR H 50 25.98 31.11 -34.25
C THR H 50 26.63 31.71 -33.00
N VAL H 51 27.60 32.59 -33.24
CA VAL H 51 28.38 33.19 -32.16
C VAL H 51 28.05 34.66 -31.95
N ASP H 52 27.64 35.38 -32.98
CA ASP H 52 27.31 36.79 -32.86
C ASP H 52 26.27 37.01 -31.77
N HIS H 53 26.60 37.89 -30.82
CA HIS H 53 25.70 38.15 -29.70
C HIS H 53 24.37 38.75 -30.17
N LYS H 54 24.38 39.43 -31.32
CA LYS H 54 23.15 40.06 -31.82
C LYS H 54 22.11 39.01 -32.19
N LYS H 55 22.53 37.88 -32.75
CA LYS H 55 21.59 36.84 -33.15
C LYS H 55 21.11 36.00 -31.96
N LEU H 56 21.96 35.82 -30.95
CA LEU H 56 21.55 35.04 -29.78
C LEU H 56 20.43 35.74 -29.02
N GLY H 57 20.59 37.04 -28.76
CA GLY H 57 19.55 37.80 -28.09
C GLY H 57 18.23 37.86 -28.84
N ILE H 58 18.28 37.69 -30.16
CA ILE H 58 17.05 37.61 -30.94
C ILE H 58 16.30 36.32 -30.61
N MET H 59 17.03 35.20 -30.61
CA MET H 59 16.41 33.92 -30.25
C MET H 59 15.98 33.87 -28.79
N TYR H 60 16.55 34.73 -27.94
CA TYR H 60 16.12 34.79 -26.54
C TYR H 60 14.72 35.40 -26.42
N ILE H 61 14.52 36.58 -27.00
CA ILE H 61 13.24 37.26 -26.84
C ILE H 61 12.17 36.65 -27.73
N ILE H 62 12.55 36.06 -28.86
CA ILE H 62 11.56 35.39 -29.70
C ILE H 62 11.07 34.11 -29.03
N SER H 63 11.85 33.57 -28.09
CA SER H 63 11.38 32.46 -27.28
C SER H 63 10.47 32.95 -26.16
N ALA H 64 10.80 34.11 -25.57
CA ALA H 64 9.96 34.66 -24.52
C ALA H 64 8.59 35.09 -25.06
N VAL H 65 8.56 35.59 -26.30
CA VAL H 65 7.28 35.88 -26.94
C VAL H 65 6.51 34.59 -27.19
N ILE H 66 7.23 33.51 -27.54
CA ILE H 66 6.60 32.21 -27.67
C ILE H 66 6.06 31.73 -26.33
N MET H 67 6.85 31.88 -25.26
CA MET H 67 6.38 31.53 -23.93
C MET H 67 5.30 32.47 -23.42
N LEU H 68 5.21 33.69 -23.98
CA LEU H 68 4.15 34.61 -23.59
C LEU H 68 2.78 34.09 -23.99
N PHE H 69 2.69 33.40 -25.13
CA PHE H 69 1.42 32.83 -25.56
C PHE H 69 1.09 31.55 -24.79
N ARG H 70 2.11 30.75 -24.46
CA ARG H 70 1.87 29.58 -23.61
C ARG H 70 1.42 30.01 -22.21
N GLY H 71 2.15 30.94 -21.60
CA GLY H 71 1.72 31.50 -20.33
C GLY H 71 0.50 32.39 -20.43
N GLY H 72 0.13 32.80 -21.63
CA GLY H 72 -1.04 33.63 -21.83
C GLY H 72 -2.33 32.83 -21.81
N VAL H 73 -2.39 31.77 -22.62
CA VAL H 73 -3.57 30.91 -22.62
C VAL H 73 -3.76 30.26 -21.25
N ASP H 74 -2.66 29.95 -20.56
CA ASP H 74 -2.76 29.38 -19.22
C ASP H 74 -3.28 30.43 -18.23
N GLY H 75 -2.75 31.64 -18.29
CA GLY H 75 -3.19 32.68 -17.38
C GLY H 75 -4.60 33.15 -17.63
N LEU H 76 -5.06 33.10 -18.88
CA LEU H 76 -6.42 33.53 -19.20
C LEU H 76 -7.44 32.50 -18.74
N MET H 77 -7.21 31.22 -19.05
CA MET H 77 -8.15 30.19 -18.65
C MET H 77 -8.18 29.98 -17.14
N MET H 78 -7.15 30.43 -16.42
CA MET H 78 -7.21 30.45 -14.97
C MET H 78 -8.31 31.38 -14.50
N ARG H 79 -8.25 32.64 -14.93
CA ARG H 79 -9.27 33.61 -14.51
C ARG H 79 -10.59 33.35 -15.21
N ALA H 80 -10.57 32.75 -16.40
CA ALA H 80 -11.81 32.30 -17.02
C ALA H 80 -12.47 31.21 -16.19
N GLN H 81 -11.66 30.33 -15.60
CA GLN H 81 -12.18 29.37 -14.63
C GLN H 81 -12.67 30.09 -13.38
N LEU H 82 -11.96 31.13 -12.96
CA LEU H 82 -12.31 31.92 -11.78
C LEU H 82 -13.18 33.11 -12.12
N ALA H 83 -14.15 32.95 -13.03
CA ALA H 83 -15.05 34.05 -13.35
C ALA H 83 -16.08 34.26 -12.26
N LEU H 84 -16.69 33.18 -11.80
CA LEU H 84 -17.69 33.24 -10.73
C LEU H 84 -17.69 31.91 -10.02
N PRO H 85 -18.32 31.83 -8.83
CA PRO H 85 -18.40 30.54 -8.12
C PRO H 85 -19.10 29.45 -8.91
N ASN H 86 -19.11 28.23 -8.34
CA ASN H 86 -19.62 27.01 -8.95
C ASN H 86 -19.39 26.95 -10.46
N ASN H 87 -18.21 27.36 -10.91
CA ASN H 87 -17.85 27.29 -12.31
C ASN H 87 -17.10 25.98 -12.59
N SER H 88 -17.44 25.34 -13.70
CA SER H 88 -16.88 24.03 -14.02
C SER H 88 -16.05 24.06 -15.30
N PHE H 89 -15.11 24.99 -15.39
CA PHE H 89 -14.19 25.02 -16.52
C PHE H 89 -13.02 24.06 -16.29
N LEU H 90 -12.25 24.31 -15.23
CA LEU H 90 -11.12 23.48 -14.87
C LEU H 90 -11.39 22.77 -13.55
N ASP H 91 -11.01 21.51 -13.46
CA ASP H 91 -11.17 20.75 -12.22
C ASP H 91 -10.01 21.07 -11.26
N SER H 92 -9.84 20.23 -10.24
CA SER H 92 -8.80 20.48 -9.25
C SER H 92 -7.41 20.28 -9.85
N ASN H 93 -7.15 19.09 -10.40
CA ASN H 93 -5.82 18.73 -10.87
C ASN H 93 -5.44 19.43 -12.17
N HIS H 94 -6.29 20.30 -12.73
CA HIS H 94 -5.92 21.09 -13.90
C HIS H 94 -5.62 22.53 -13.55
N TYR H 95 -6.47 23.17 -12.74
CA TYR H 95 -6.16 24.49 -12.21
C TYR H 95 -4.89 24.47 -11.36
N ASN H 96 -4.52 23.31 -10.82
CA ASN H 96 -3.29 23.17 -10.07
C ASN H 96 -2.07 23.05 -10.98
N GLU H 97 -2.23 22.45 -12.15
CA GLU H 97 -1.11 22.33 -13.09
C GLU H 97 -0.94 23.57 -13.95
N ILE H 98 -2.04 24.25 -14.26
CA ILE H 98 -1.97 25.41 -15.15
C ILE H 98 -1.35 26.60 -14.44
N PHE H 99 -1.76 26.86 -13.19
CA PHE H 99 -1.21 28.00 -12.47
C PHE H 99 0.25 27.78 -12.09
N THR H 100 0.65 26.52 -11.89
CA THR H 100 2.05 26.23 -11.63
C THR H 100 2.89 26.43 -12.89
N THR H 101 2.42 25.90 -14.02
CA THR H 101 3.10 26.13 -15.29
C THR H 101 3.12 27.61 -15.64
N HIS H 102 2.05 28.33 -15.32
CA HIS H 102 1.99 29.76 -15.62
C HIS H 102 3.08 30.53 -14.89
N GLY H 103 3.27 30.24 -13.60
CA GLY H 103 4.28 30.95 -12.85
C GLY H 103 5.69 30.57 -13.25
N THR H 104 5.91 29.29 -13.57
CA THR H 104 7.25 28.85 -13.93
C THR H 104 7.62 29.26 -15.36
N ILE H 105 6.64 29.36 -16.26
CA ILE H 105 6.94 29.87 -17.60
C ILE H 105 7.36 31.32 -17.54
N MET H 106 6.75 32.09 -16.64
CA MET H 106 7.24 33.43 -16.36
C MET H 106 8.47 33.36 -15.45
N ILE H 107 9.08 34.52 -15.22
CA ILE H 107 10.24 34.65 -14.35
C ILE H 107 11.41 33.80 -14.85
N ILE H 108 11.19 32.50 -15.00
CA ILE H 108 12.25 31.58 -15.39
C ILE H 108 12.38 31.49 -16.90
N PHE H 109 11.28 31.21 -17.61
CA PHE H 109 11.31 30.98 -19.04
C PHE H 109 10.73 32.12 -19.86
N MET H 110 10.32 33.22 -19.22
CA MET H 110 9.82 34.39 -19.94
C MET H 110 10.59 35.65 -19.59
N ALA H 111 10.52 36.10 -18.32
CA ALA H 111 11.22 37.31 -17.94
C ALA H 111 12.73 37.14 -17.98
N MET H 112 13.22 35.92 -17.73
CA MET H 112 14.67 35.70 -17.79
C MET H 112 15.19 35.74 -19.22
N PRO H 113 14.60 35.04 -20.20
CA PRO H 113 15.10 35.16 -21.58
C PRO H 113 14.75 36.47 -22.25
N PHE H 114 13.74 37.20 -21.76
CA PHE H 114 13.39 38.48 -22.37
C PHE H 114 14.31 39.59 -21.88
N LEU H 115 14.65 39.58 -20.59
CA LEU H 115 15.56 40.59 -20.06
C LEU H 115 16.99 40.34 -20.54
N ILE H 116 17.47 39.10 -20.38
CA ILE H 116 18.80 38.75 -20.88
C ILE H 116 18.88 38.93 -22.39
N GLY H 117 17.77 38.68 -23.10
CA GLY H 117 17.74 38.92 -24.53
C GLY H 117 17.96 40.39 -24.86
N LEU H 118 17.37 41.29 -24.06
CA LEU H 118 17.63 42.71 -24.20
C LEU H 118 18.97 43.12 -23.62
N ILE H 119 19.62 42.24 -22.86
CA ILE H 119 20.96 42.50 -22.35
C ILE H 119 22.02 41.94 -23.30
N ASN H 120 21.78 40.76 -23.87
CA ASN H 120 22.70 40.13 -24.81
C ASN H 120 22.72 40.83 -26.18
N VAL H 121 22.12 42.02 -26.30
CA VAL H 121 22.04 42.72 -27.58
C VAL H 121 22.43 44.18 -27.38
N VAL H 122 21.84 44.81 -26.38
CA VAL H 122 22.02 46.25 -26.17
C VAL H 122 23.28 46.54 -25.35
N VAL H 123 23.57 45.71 -24.35
CA VAL H 123 24.72 45.97 -23.48
C VAL H 123 26.05 45.91 -24.24
N PRO H 124 26.34 44.88 -25.04
CA PRO H 124 27.63 44.86 -25.75
C PRO H 124 27.78 45.97 -26.78
N LEU H 125 26.68 46.56 -27.24
CA LEU H 125 26.79 47.68 -28.18
C LEU H 125 27.09 48.98 -27.47
N GLN H 126 26.44 49.24 -26.33
CA GLN H 126 26.65 50.48 -25.60
C GLN H 126 28.00 50.55 -24.90
N ILE H 127 28.80 49.48 -24.94
CA ILE H 127 30.14 49.52 -24.36
C ILE H 127 31.23 49.67 -25.42
N GLY H 128 30.90 49.50 -26.70
CA GLY H 128 31.86 49.66 -27.76
C GLY H 128 32.65 48.42 -28.11
N ALA H 129 32.54 47.35 -27.32
CA ALA H 129 33.31 46.14 -27.56
C ALA H 129 32.74 45.38 -28.76
N ARG H 130 33.51 44.41 -29.23
CA ARG H 130 33.07 43.53 -30.31
C ARG H 130 31.91 42.66 -29.84
N ASP H 131 32.22 41.50 -29.27
CA ASP H 131 31.20 40.63 -28.71
C ASP H 131 31.27 40.64 -27.18
N VAL H 132 31.08 39.49 -26.56
CA VAL H 132 31.18 39.38 -25.11
C VAL H 132 32.51 38.74 -24.73
N ALA H 133 32.71 38.48 -23.43
CA ALA H 133 33.98 37.92 -22.97
C ALA H 133 34.21 36.53 -23.54
N PHE H 134 33.23 35.65 -23.41
CA PHE H 134 33.32 34.28 -23.92
C PHE H 134 32.11 34.03 -24.81
N PRO H 135 32.14 34.49 -26.06
CA PRO H 135 31.00 34.27 -26.96
C PRO H 135 30.75 32.81 -27.28
N TYR H 136 31.64 31.90 -26.87
CA TYR H 136 31.43 30.48 -27.09
C TYR H 136 30.55 29.88 -25.98
N LEU H 137 30.86 30.20 -24.72
CA LEU H 137 30.02 29.72 -23.62
C LEU H 137 28.66 30.40 -23.63
N ASN H 138 28.57 31.61 -24.17
CA ASN H 138 27.28 32.29 -24.29
C ASN H 138 26.39 31.62 -25.33
N ASN H 139 26.97 30.87 -26.27
CA ASN H 139 26.17 30.13 -27.24
C ASN H 139 25.37 29.03 -26.56
N LEU H 140 26.05 28.17 -25.79
CA LEU H 140 25.34 27.10 -25.10
C LEU H 140 24.41 27.65 -24.02
N SER H 141 24.72 28.82 -23.46
CA SER H 141 23.87 29.43 -22.44
C SER H 141 22.48 29.75 -22.97
N PHE H 142 22.27 29.75 -24.28
CA PHE H 142 20.94 29.86 -24.86
C PHE H 142 20.26 28.50 -24.98
N TRP H 143 20.97 27.53 -25.56
CA TRP H 143 20.40 26.20 -25.71
C TRP H 143 20.27 25.49 -24.37
N THR H 144 21.15 25.80 -23.41
CA THR H 144 21.02 25.24 -22.08
C THR H 144 19.70 25.64 -21.42
N PHE H 145 19.22 26.85 -21.72
CA PHE H 145 17.87 27.23 -21.30
C PHE H 145 16.82 26.63 -22.22
N PHE H 146 17.11 26.54 -23.52
CA PHE H 146 16.11 26.09 -24.48
C PHE H 146 15.79 24.61 -24.28
N VAL H 147 16.79 23.78 -24.01
CA VAL H 147 16.52 22.39 -23.71
C VAL H 147 15.81 22.26 -22.36
N GLY H 148 16.06 23.19 -21.45
CA GLY H 148 15.28 23.26 -20.23
C GLY H 148 13.88 23.81 -20.43
N ALA H 149 13.68 24.60 -21.50
CA ALA H 149 12.35 25.07 -21.83
C ALA H 149 11.55 23.99 -22.55
N MET H 150 12.17 23.30 -23.50
CA MET H 150 11.50 22.17 -24.14
C MET H 150 11.22 21.05 -23.15
N LEU H 151 12.10 20.87 -22.16
CA LEU H 151 11.83 19.92 -21.09
C LEU H 151 10.57 20.31 -20.33
N PHE H 152 10.49 21.55 -19.87
CA PHE H 152 9.33 21.99 -19.11
C PHE H 152 8.09 22.10 -19.98
N ASN H 153 8.26 22.33 -21.29
CA ASN H 153 7.11 22.45 -22.17
C ASN H 153 6.58 21.09 -22.62
N ILE H 154 7.46 20.09 -22.71
CA ILE H 154 7.01 18.76 -23.12
C ILE H 154 6.17 18.07 -22.06
N SER H 155 6.10 18.64 -20.86
CA SER H 155 5.24 18.15 -19.78
C SER H 155 3.76 18.37 -20.05
N PHE H 156 3.42 18.86 -21.25
CA PHE H 156 2.03 19.17 -21.57
C PHE H 156 1.22 17.89 -21.71
N VAL H 157 1.64 16.99 -22.60
CA VAL H 157 0.89 15.76 -22.86
C VAL H 157 1.77 14.55 -22.67
N ILE H 158 3.08 14.71 -22.88
CA ILE H 158 4.00 13.58 -22.80
C ILE H 158 4.04 13.01 -21.38
N GLY H 159 4.07 13.90 -20.38
CA GLY H 159 4.09 13.45 -19.00
C GLY H 159 3.02 14.09 -18.15
N GLY H 160 3.40 15.05 -17.31
CA GLY H 160 2.46 15.73 -16.45
C GLY H 160 3.02 17.03 -15.90
N SER H 161 2.29 18.12 -16.08
CA SER H 161 2.74 19.40 -15.56
C SER H 161 2.71 19.38 -14.03
N PRO H 162 3.67 20.03 -13.37
CA PRO H 162 3.65 20.06 -11.90
C PRO H 162 2.44 20.83 -11.38
N ASN H 163 2.02 20.47 -10.17
CA ASN H 163 0.82 21.03 -9.56
C ASN H 163 1.07 21.42 -8.11
N ALA H 164 2.25 21.97 -7.84
CA ALA H 164 2.61 22.39 -6.49
C ALA H 164 2.95 23.87 -6.41
N GLY H 165 2.70 24.62 -7.47
CA GLY H 165 3.06 26.02 -7.51
C GLY H 165 4.48 26.24 -8.00
N TRP H 166 4.78 27.50 -8.33
CA TRP H 166 6.13 27.84 -8.76
C TRP H 166 7.12 27.68 -7.61
N THR H 167 6.66 27.85 -6.37
CA THR H 167 7.49 27.54 -5.22
C THR H 167 7.69 26.03 -5.09
N SER H 168 6.59 25.28 -5.09
CA SER H 168 6.60 23.81 -5.00
C SER H 168 7.34 23.34 -3.74
N TYR H 169 6.65 23.52 -2.62
CA TYR H 169 7.18 23.08 -1.34
C TYR H 169 7.37 21.56 -1.33
N MET H 170 8.32 21.10 -0.52
CA MET H 170 8.66 19.68 -0.53
C MET H 170 7.57 18.80 0.06
N PRO H 171 6.98 19.09 1.23
CA PRO H 171 5.98 18.17 1.79
C PRO H 171 4.81 17.88 0.87
N LEU H 172 4.63 18.66 -0.19
CA LEU H 172 3.62 18.37 -1.21
C LEU H 172 4.30 18.24 -2.57
N ALA H 173 5.38 17.47 -2.64
CA ALA H 173 6.16 17.34 -3.87
C ALA H 173 6.70 15.94 -4.14
N SER H 174 6.91 15.11 -3.12
CA SER H 174 7.51 13.80 -3.34
C SER H 174 6.42 12.73 -3.49
N ASN H 175 6.09 12.06 -2.38
CA ASN H 175 5.07 11.02 -2.41
C ASN H 175 3.69 11.56 -2.05
N ASP H 176 3.62 12.56 -1.18
CA ASP H 176 2.34 13.20 -0.88
C ASP H 176 1.74 13.84 -2.13
N MET H 177 2.59 14.34 -3.03
CA MET H 177 2.13 14.84 -4.31
C MET H 177 1.56 13.70 -5.13
N SER H 178 2.45 12.80 -5.59
CA SER H 178 2.27 11.46 -6.18
C SER H 178 2.63 11.37 -7.66
N PRO H 179 2.32 12.35 -8.53
CA PRO H 179 2.74 12.22 -9.93
C PRO H 179 4.25 12.15 -10.07
N GLY H 180 4.73 11.06 -10.69
CA GLY H 180 6.13 10.86 -10.93
C GLY H 180 6.75 11.93 -11.82
N PRO H 181 6.31 11.99 -13.09
CA PRO H 181 6.87 12.97 -14.01
C PRO H 181 6.23 14.34 -13.88
N GLY H 182 5.96 14.76 -12.64
CA GLY H 182 5.40 16.08 -12.39
C GLY H 182 6.44 17.06 -11.89
N GLU H 183 6.87 16.89 -10.64
CA GLU H 183 7.92 17.73 -10.08
C GLU H 183 9.27 17.47 -10.73
N ASN H 184 9.44 16.32 -11.40
CA ASN H 184 10.71 16.01 -12.04
C ASN H 184 11.02 17.01 -13.16
N TYR H 185 10.01 17.38 -13.94
CA TYR H 185 10.21 18.40 -14.97
C TYR H 185 10.62 19.73 -14.35
N TYR H 186 9.95 20.13 -13.27
CA TYR H 186 10.34 21.36 -12.58
C TYR H 186 11.74 21.25 -12.00
N LEU H 187 12.18 20.04 -11.66
CA LEU H 187 13.51 19.86 -11.08
C LEU H 187 14.59 19.86 -12.16
N LEU H 188 14.43 19.03 -13.19
CA LEU H 188 15.45 18.95 -14.24
C LEU H 188 15.32 20.07 -15.24
N GLY H 189 14.12 20.65 -15.39
CA GLY H 189 13.96 21.76 -16.32
C GLY H 189 14.71 23.00 -15.88
N LEU H 190 14.59 23.35 -14.59
CA LEU H 190 15.27 24.53 -14.08
C LEU H 190 16.73 24.25 -13.76
N GLN H 191 17.07 22.99 -13.44
CA GLN H 191 18.46 22.66 -13.13
C GLN H 191 19.36 22.87 -14.34
N ILE H 192 18.85 22.54 -15.54
CA ILE H 192 19.62 22.79 -16.75
C ILE H 192 19.66 24.27 -17.05
N ALA H 193 18.50 24.93 -16.99
CA ALA H 193 18.45 26.38 -17.22
C ALA H 193 19.25 27.15 -16.19
N GLY H 194 19.45 26.59 -15.00
CA GLY H 194 20.30 27.25 -14.01
C GLY H 194 21.76 27.26 -14.40
N ILE H 195 22.20 26.25 -15.16
CA ILE H 195 23.59 26.24 -15.64
C ILE H 195 23.80 27.31 -16.70
N GLY H 196 22.85 27.42 -17.64
CA GLY H 196 22.98 28.43 -18.68
C GLY H 196 22.87 29.85 -18.14
N THR H 197 21.97 30.07 -17.18
CA THR H 197 21.82 31.40 -16.61
C THR H 197 23.01 31.78 -15.75
N LEU H 198 23.63 30.80 -15.06
CA LEU H 198 24.82 31.09 -14.27
C LEU H 198 25.97 31.56 -15.16
N MET H 199 26.13 30.93 -16.33
CA MET H 199 27.17 31.36 -17.25
C MET H 199 26.84 32.69 -17.90
N THR H 200 25.54 33.03 -18.01
CA THR H 200 25.15 34.32 -18.55
C THR H 200 25.59 35.46 -17.63
N GLY H 201 25.62 35.21 -16.32
CA GLY H 201 26.10 36.21 -15.38
C GLY H 201 27.60 36.28 -15.25
N ILE H 202 28.31 35.23 -15.67
CA ILE H 202 29.77 35.23 -15.64
C ILE H 202 30.34 35.85 -16.92
N ASN H 203 29.68 35.62 -18.05
CA ASN H 203 30.14 36.21 -19.31
C ASN H 203 30.09 37.73 -19.27
N PHE H 204 28.97 38.30 -18.81
CA PHE H 204 28.81 39.74 -18.81
C PHE H 204 29.51 40.42 -17.64
N MET H 205 29.86 39.67 -16.60
CA MET H 205 30.63 40.27 -15.51
C MET H 205 32.05 40.58 -15.94
N VAL H 206 32.59 39.81 -16.88
CA VAL H 206 33.92 40.09 -17.41
C VAL H 206 33.85 40.94 -18.67
N THR H 207 32.77 40.83 -19.45
CA THR H 207 32.62 41.66 -20.64
C THR H 207 32.55 43.13 -20.28
N ILE H 208 31.89 43.46 -19.17
CA ILE H 208 31.73 44.85 -18.76
C ILE H 208 32.88 45.34 -17.88
N LEU H 209 33.81 44.46 -17.52
CA LEU H 209 34.93 44.83 -16.67
C LEU H 209 36.26 44.91 -17.39
N LYS H 210 36.46 44.12 -18.45
CA LYS H 210 37.74 44.07 -19.13
C LYS H 210 37.66 44.29 -20.64
N MET H 211 36.48 44.54 -21.18
CA MET H 211 36.32 44.69 -22.63
C MET H 211 35.76 46.04 -23.03
N ARG H 212 35.67 46.99 -22.10
CA ARG H 212 35.18 48.32 -22.43
C ARG H 212 36.14 49.03 -23.38
N THR H 213 35.60 49.96 -24.16
CA THR H 213 36.43 50.76 -25.05
C THR H 213 37.21 51.80 -24.28
N LYS H 214 38.24 52.35 -24.93
CA LYS H 214 39.04 53.39 -24.31
C LYS H 214 38.19 54.64 -24.07
N GLY H 215 38.31 55.22 -22.88
CA GLY H 215 37.54 56.37 -22.50
C GLY H 215 36.27 56.06 -21.73
N MET H 216 35.71 54.86 -21.90
CA MET H 216 34.52 54.46 -21.16
C MET H 216 34.85 54.25 -19.69
N THR H 217 34.75 55.32 -18.90
CA THR H 217 35.07 55.25 -17.49
C THR H 217 34.08 54.35 -16.75
N LEU H 218 34.51 53.85 -15.59
CA LEU H 218 33.70 52.88 -14.86
C LEU H 218 32.48 53.53 -14.23
N MET H 219 32.64 54.72 -13.67
CA MET H 219 31.53 55.38 -12.98
C MET H 219 30.46 55.89 -13.93
N ARG H 220 30.77 56.01 -15.22
CA ARG H 220 29.83 56.55 -16.21
C ARG H 220 29.91 55.67 -17.45
N MET H 221 28.91 54.80 -17.63
CA MET H 221 28.97 53.86 -18.75
C MET H 221 27.63 53.37 -19.31
N PRO H 222 26.47 54.00 -19.04
CA PRO H 222 26.02 55.09 -18.16
C PRO H 222 25.39 54.58 -16.85
N MET H 223 24.18 54.01 -16.93
CA MET H 223 23.49 53.52 -15.74
C MET H 223 22.74 52.24 -16.03
N PHE H 224 22.19 52.12 -17.24
CA PHE H 224 21.54 50.86 -17.64
C PHE H 224 22.55 49.73 -17.66
N THR H 225 23.72 49.96 -18.27
CA THR H 225 24.78 48.98 -18.22
C THR H 225 25.31 48.79 -16.81
N TRP H 226 25.09 49.76 -15.92
CA TRP H 226 25.44 49.56 -14.51
C TRP H 226 24.46 48.60 -13.84
N THR H 227 23.17 48.71 -14.17
CA THR H 227 22.20 47.74 -13.66
C THR H 227 22.50 46.34 -14.18
N THR H 228 22.94 46.25 -15.44
CA THR H 228 23.37 44.97 -15.98
C THR H 228 24.56 44.42 -15.21
N LEU H 229 25.48 45.29 -14.79
CA LEU H 229 26.60 44.87 -13.97
C LEU H 229 26.11 44.30 -12.63
N ILE H 230 25.12 44.94 -12.02
CA ILE H 230 24.57 44.43 -10.76
C ILE H 230 23.71 43.21 -11.02
N THR H 231 23.04 43.15 -12.17
CA THR H 231 22.22 42.00 -12.51
C THR H 231 23.06 40.72 -12.57
N MET H 232 24.23 40.81 -13.22
CA MET H 232 25.09 39.64 -13.36
C MET H 232 25.95 39.39 -12.13
N VAL H 233 25.91 40.27 -11.12
CA VAL H 233 26.60 40.00 -9.88
C VAL H 233 25.75 39.09 -8.99
N ILE H 234 24.44 39.35 -8.93
CA ILE H 234 23.56 38.51 -8.11
C ILE H 234 23.41 37.13 -8.72
N ILE H 235 23.49 37.02 -10.05
CA ILE H 235 23.38 35.72 -10.70
C ILE H 235 24.51 34.79 -10.26
N VAL H 236 25.72 35.33 -10.18
CA VAL H 236 26.87 34.50 -9.82
C VAL H 236 26.75 33.99 -8.39
N PHE H 237 26.19 34.79 -7.49
CA PHE H 237 26.13 34.43 -6.08
C PHE H 237 24.75 33.97 -5.61
N ALA H 238 23.74 34.05 -6.47
CA ALA H 238 22.39 33.59 -6.13
C ALA H 238 21.83 32.76 -7.30
N PHE H 239 22.48 31.63 -7.55
CA PHE H 239 22.07 30.65 -8.54
C PHE H 239 22.77 29.32 -8.29
N PRO H 240 24.03 29.31 -7.83
CA PRO H 240 24.56 28.05 -7.26
C PRO H 240 23.72 27.52 -6.12
N VAL H 241 23.04 28.38 -5.38
CA VAL H 241 22.08 27.92 -4.39
C VAL H 241 20.97 27.11 -5.07
N LEU H 242 20.36 27.69 -6.10
CA LEU H 242 19.33 27.00 -6.86
C LEU H 242 19.90 25.75 -7.53
N THR H 243 21.20 25.74 -7.82
CA THR H 243 21.79 24.58 -8.50
C THR H 243 21.81 23.36 -7.58
N VAL H 244 22.02 23.57 -6.28
CA VAL H 244 22.05 22.46 -5.33
C VAL H 244 20.68 22.30 -4.69
N ALA H 245 19.95 23.40 -4.53
CA ALA H 245 18.60 23.32 -3.96
C ALA H 245 17.72 22.40 -4.78
N LEU H 246 17.86 22.44 -6.11
CA LEU H 246 17.18 21.47 -6.95
C LEU H 246 17.90 20.13 -6.95
N ALA H 247 19.23 20.14 -6.91
CA ALA H 247 19.99 18.90 -6.88
C ALA H 247 19.69 18.11 -5.62
N LEU H 248 19.53 18.80 -4.49
CA LEU H 248 19.08 18.12 -3.27
C LEU H 248 17.67 17.58 -3.44
N LEU H 249 16.78 18.39 -4.02
CA LEU H 249 15.41 17.94 -4.26
C LEU H 249 15.37 16.87 -5.35
N SER H 250 16.23 16.97 -6.35
CA SER H 250 16.29 15.92 -7.38
C SER H 250 16.79 14.60 -6.80
N PHE H 251 17.57 14.64 -5.74
CA PHE H 251 18.02 13.42 -5.08
C PHE H 251 16.92 12.80 -4.22
N ASP H 252 16.04 13.64 -3.65
CA ASP H 252 14.94 13.12 -2.85
C ASP H 252 13.94 12.36 -3.72
N ARG H 253 13.57 12.94 -4.86
CA ARG H 253 12.57 12.31 -5.72
C ARG H 253 13.12 11.05 -6.37
N LEU H 254 14.29 11.14 -7.00
CA LEU H 254 14.82 10.05 -7.83
C LEU H 254 15.73 9.14 -7.02
N PHE H 255 16.92 9.62 -6.67
CA PHE H 255 17.95 8.79 -6.04
C PHE H 255 17.64 8.43 -4.58
N GLY H 256 16.45 8.75 -4.07
CA GLY H 256 16.06 8.34 -2.74
C GLY H 256 16.85 9.00 -1.63
N ALA H 257 16.84 10.33 -1.60
CA ALA H 257 17.46 11.10 -0.53
C ALA H 257 16.41 11.58 0.45
N HIS H 258 16.86 11.90 1.67
CA HIS H 258 15.95 12.33 2.72
C HIS H 258 16.34 13.69 3.27
N PHE H 259 16.61 14.66 2.38
CA PHE H 259 16.95 16.00 2.85
C PHE H 259 15.72 16.69 3.45
N PHE H 260 14.56 16.59 2.80
CA PHE H 260 13.36 17.24 3.27
C PHE H 260 12.15 16.29 3.24
N THR H 261 12.39 14.98 3.14
CA THR H 261 11.29 14.02 3.15
C THR H 261 10.69 13.92 4.54
N LEU H 262 9.36 13.81 4.60
CA LEU H 262 8.68 13.75 5.89
C LEU H 262 8.91 12.42 6.59
N GLU H 263 9.17 11.35 5.84
CA GLU H 263 9.27 10.01 6.42
C GLU H 263 10.49 9.87 7.32
N ALA H 264 11.69 9.95 6.74
CA ALA H 264 12.92 9.72 7.48
C ALA H 264 13.25 10.84 8.48
N GLY H 265 12.39 11.82 8.72
CA GLY H 265 12.64 12.84 9.73
C GLY H 265 13.20 14.14 9.19
N GLY H 266 13.66 14.17 7.94
CA GLY H 266 14.24 15.36 7.36
C GLY H 266 13.41 16.61 7.50
N MET H 267 14.07 17.76 7.63
CA MET H 267 13.38 19.03 7.81
C MET H 267 12.57 19.37 6.56
N PRO H 268 11.23 19.48 6.66
CA PRO H 268 10.46 19.88 5.47
C PRO H 268 10.68 21.34 5.10
N MET H 269 10.91 22.22 6.09
CA MET H 269 11.11 23.64 5.84
C MET H 269 12.52 23.97 5.39
N LEU H 270 13.45 23.01 5.42
CA LEU H 270 14.82 23.31 5.03
C LEU H 270 14.92 23.67 3.56
N TRP H 271 14.10 23.06 2.71
CA TRP H 271 14.11 23.41 1.29
C TRP H 271 13.51 24.78 1.03
N ALA H 272 12.71 25.30 1.97
CA ALA H 272 12.10 26.61 1.75
C ALA H 272 13.13 27.72 1.83
N ASN H 273 14.08 27.64 2.77
CA ASN H 273 15.06 28.70 2.90
C ASN H 273 16.08 28.67 1.76
N LEU H 274 16.40 27.48 1.25
CA LEU H 274 17.32 27.39 0.12
C LEU H 274 16.69 27.99 -1.14
N PHE H 275 15.39 27.77 -1.33
CA PHE H 275 14.72 28.31 -2.51
C PHE H 275 14.58 29.83 -2.42
N TRP H 276 14.35 30.34 -1.21
CA TRP H 276 14.19 31.78 -1.04
C TRP H 276 15.50 32.51 -0.83
N ILE H 277 16.55 31.83 -0.37
CA ILE H 277 17.89 32.40 -0.45
C ILE H 277 18.24 32.70 -1.90
N TRP H 278 17.80 31.83 -2.81
CA TRP H 278 17.88 32.12 -4.23
C TRP H 278 16.71 32.99 -4.71
N GLY H 279 15.56 32.90 -4.03
CA GLY H 279 14.35 33.54 -4.49
C GLY H 279 14.39 35.05 -4.58
N HIS H 280 14.56 35.72 -3.44
CA HIS H 280 14.50 37.18 -3.42
C HIS H 280 15.69 37.84 -4.10
N PRO H 281 16.91 37.32 -3.96
CA PRO H 281 18.00 37.84 -4.81
C PRO H 281 17.71 37.71 -6.29
N GLU H 282 17.11 36.59 -6.73
CA GLU H 282 16.69 36.48 -8.12
C GLU H 282 15.50 37.38 -8.41
N VAL H 283 14.74 37.76 -7.39
CA VAL H 283 13.62 38.68 -7.57
C VAL H 283 14.13 40.04 -8.05
N TYR H 284 15.34 40.43 -7.64
CA TYR H 284 15.91 41.68 -8.11
C TYR H 284 16.58 41.53 -9.47
N ILE H 285 17.02 40.32 -9.82
CA ILE H 285 17.58 40.07 -11.13
C ILE H 285 16.54 40.29 -12.22
N VAL H 286 15.26 40.25 -11.87
CA VAL H 286 14.20 40.56 -12.83
C VAL H 286 13.83 42.04 -12.83
N ILE H 287 14.14 42.78 -11.76
CA ILE H 287 13.82 44.19 -11.69
C ILE H 287 15.03 45.08 -11.93
N LEU H 288 16.25 44.55 -11.83
CA LEU H 288 17.43 45.39 -12.06
C LEU H 288 17.57 45.82 -13.51
N PRO H 289 17.54 44.92 -14.51
CA PRO H 289 17.56 45.40 -15.90
C PRO H 289 16.29 46.12 -16.30
N ALA H 290 15.16 45.79 -15.65
CA ALA H 290 13.92 46.54 -15.88
C ALA H 290 14.10 47.99 -15.47
N PHE H 291 14.81 48.24 -14.37
CA PHE H 291 15.13 49.61 -13.97
C PHE H 291 16.09 50.25 -14.96
N GLY H 292 17.06 49.48 -15.44
CA GLY H 292 18.04 50.03 -16.37
C GLY H 292 17.45 50.39 -17.72
N ILE H 293 16.64 49.50 -18.28
CA ILE H 293 16.00 49.77 -19.57
C ILE H 293 15.11 51.01 -19.47
N PHE H 294 14.38 51.14 -18.37
CA PHE H 294 13.59 52.33 -18.16
C PHE H 294 14.44 53.54 -17.82
N SER H 295 15.65 53.33 -17.28
CA SER H 295 16.51 54.46 -16.95
C SER H 295 16.97 55.19 -18.21
N GLU H 296 17.26 54.45 -19.29
CA GLU H 296 17.68 55.09 -20.53
C GLU H 296 16.50 55.72 -21.26
N ILE H 297 15.43 54.95 -21.48
CA ILE H 297 14.30 55.43 -22.26
C ILE H 297 13.67 56.66 -21.60
N ILE H 298 13.68 56.73 -20.27
CA ILE H 298 13.18 57.92 -19.59
C ILE H 298 14.20 59.05 -19.61
N SER H 299 15.45 58.77 -19.94
CA SER H 299 16.49 59.79 -20.02
C SER H 299 17.06 59.93 -21.42
N SER H 300 16.48 59.26 -22.42
CA SER H 300 16.90 59.40 -23.81
C SER H 300 15.94 60.27 -24.62
N PHE H 301 14.65 59.93 -24.60
CA PHE H 301 13.65 60.76 -25.25
C PHE H 301 13.33 62.02 -24.47
N ALA H 302 13.74 62.11 -23.20
CA ALA H 302 13.59 63.33 -22.42
C ALA H 302 14.70 64.32 -22.66
N ARG H 303 15.81 63.90 -23.29
CA ARG H 303 16.91 64.79 -23.66
C ARG H 303 17.49 65.50 -22.45
N LYS H 304 17.70 64.75 -21.37
CA LYS H 304 18.28 65.28 -20.15
C LYS H 304 19.36 64.31 -19.67
N GLN H 305 19.94 64.63 -18.51
CA GLN H 305 20.97 63.82 -17.90
C GLN H 305 20.43 63.16 -16.64
N LEU H 306 20.78 61.89 -16.44
CA LEU H 306 20.37 61.15 -15.24
C LEU H 306 20.95 61.82 -14.00
N PHE H 307 20.25 62.85 -13.50
CA PHE H 307 20.75 63.62 -12.36
C PHE H 307 20.77 62.74 -11.12
N GLY H 308 21.98 62.43 -10.64
CA GLY H 308 22.13 61.56 -9.49
C GLY H 308 22.85 60.28 -9.82
N TYR H 309 24.09 60.17 -9.37
CA TYR H 309 24.91 58.97 -9.54
C TYR H 309 25.57 58.54 -8.25
N LYS H 310 25.97 59.50 -7.40
CA LYS H 310 26.50 59.16 -6.09
C LYS H 310 25.44 58.59 -5.17
N ALA H 311 24.15 58.75 -5.50
CA ALA H 311 23.06 58.22 -4.71
C ALA H 311 22.10 57.36 -5.54
N MET H 312 22.44 57.09 -6.80
CA MET H 312 21.68 56.16 -7.64
C MET H 312 22.47 54.91 -7.96
N VAL H 313 23.73 55.07 -8.39
CA VAL H 313 24.63 53.92 -8.50
C VAL H 313 25.09 53.50 -7.10
N GLY H 314 25.27 54.46 -6.20
CA GLY H 314 25.49 54.12 -4.81
C GLY H 314 24.28 53.42 -4.20
N SER H 315 23.10 53.69 -4.74
CA SER H 315 21.89 52.97 -4.34
C SER H 315 21.74 51.64 -5.07
N ILE H 316 22.43 51.45 -6.19
CA ILE H 316 22.36 50.18 -6.90
C ILE H 316 23.29 49.15 -6.28
N ILE H 317 24.30 49.58 -5.52
CA ILE H 317 25.13 48.66 -4.77
C ILE H 317 24.49 48.27 -3.43
N ALA H 318 23.62 49.13 -2.90
CA ALA H 318 22.95 48.82 -1.64
C ALA H 318 22.08 47.58 -1.77
N ILE H 319 21.13 47.60 -2.71
CA ILE H 319 20.27 46.45 -2.93
C ILE H 319 21.01 45.25 -3.49
N SER H 320 22.28 45.43 -3.86
CA SER H 320 23.08 44.30 -4.34
C SER H 320 23.58 43.43 -3.19
N VAL H 321 23.93 44.05 -2.07
CA VAL H 321 24.45 43.31 -0.92
C VAL H 321 23.34 43.12 0.10
N LEU H 322 22.37 44.04 0.12
CA LEU H 322 21.24 43.95 1.04
C LEU H 322 20.11 43.06 0.50
N SER H 323 20.33 42.34 -0.58
CA SER H 323 19.34 41.41 -1.10
C SER H 323 19.44 40.03 -0.48
N PHE H 324 20.53 39.74 0.24
CA PHE H 324 20.73 38.47 0.91
C PHE H 324 20.49 38.57 2.42
N LEU H 325 20.02 39.72 2.90
CA LEU H 325 19.72 39.91 4.31
C LEU H 325 18.23 40.19 4.50
N VAL H 326 17.40 39.67 3.61
CA VAL H 326 16.00 40.06 3.54
C VAL H 326 15.17 38.87 3.09
N TRP H 327 15.82 37.86 2.50
CA TRP H 327 15.11 36.72 1.92
C TRP H 327 14.21 36.01 2.90
N THR H 328 14.40 36.21 4.22
CA THR H 328 13.55 35.59 5.24
C THR H 328 12.28 36.38 5.50
N HIS H 329 11.77 37.10 4.49
CA HIS H 329 10.51 37.81 4.58
C HIS H 329 9.36 37.06 3.93
N HIS H 330 9.66 36.11 3.04
CA HIS H 330 8.62 35.24 2.50
C HIS H 330 8.15 34.20 3.50
N PHE H 331 8.84 34.07 4.65
CA PHE H 331 8.42 33.16 5.71
C PHE H 331 7.46 33.85 6.67
N PHE H 332 7.99 34.29 7.81
CA PHE H 332 7.24 35.01 8.84
C PHE H 332 6.10 34.19 9.41
N THR H 333 5.23 33.65 8.54
CA THR H 333 4.04 32.94 9.01
C THR H 333 4.38 31.65 9.75
N MET H 334 5.50 31.02 9.41
CA MET H 334 5.83 29.72 9.99
C MET H 334 6.41 29.83 11.40
N GLY H 335 6.09 30.90 12.11
CA GLY H 335 6.47 31.07 13.50
C GLY H 335 7.95 30.91 13.77
N ASN H 336 8.74 31.93 13.48
CA ASN H 336 10.18 31.88 13.68
C ASN H 336 10.50 32.38 15.10
N SER H 337 11.74 32.83 15.33
CA SER H 337 12.18 33.20 16.65
C SER H 337 11.81 34.63 17.01
N ALA H 338 10.70 35.12 16.46
CA ALA H 338 10.18 36.46 16.75
C ALA H 338 11.20 37.56 16.44
N SER H 339 12.33 37.57 17.16
CA SER H 339 13.38 38.55 16.90
C SER H 339 13.89 38.43 15.47
N VAL H 340 14.04 37.20 14.96
CA VAL H 340 14.46 37.01 13.58
C VAL H 340 13.34 37.37 12.61
N ASN H 341 12.09 37.40 13.07
CA ASN H 341 10.99 37.91 12.26
C ASN H 341 10.89 39.42 12.29
N SER H 342 11.60 40.08 13.22
CA SER H 342 11.72 41.53 13.24
C SER H 342 13.01 42.02 12.60
N PHE H 343 14.06 41.19 12.62
CA PHE H 343 15.29 41.52 11.92
C PHE H 343 15.04 41.72 10.43
N PHE H 344 14.49 40.69 9.78
CA PHE H 344 14.18 40.76 8.36
C PHE H 344 12.93 41.59 8.08
N SER H 345 12.20 42.02 9.11
CA SER H 345 11.12 42.97 8.90
C SER H 345 11.64 44.40 8.88
N ILE H 346 12.56 44.72 9.80
CA ILE H 346 13.21 46.03 9.76
C ILE H 346 14.15 46.13 8.57
N THR H 347 14.88 45.05 8.27
CA THR H 347 15.82 45.08 7.16
C THR H 347 15.11 45.25 5.83
N THR H 348 13.95 44.61 5.66
CA THR H 348 13.20 44.78 4.42
C THR H 348 12.77 46.23 4.21
N MET H 349 12.52 46.95 5.31
CA MET H 349 12.24 48.38 5.18
C MET H 349 13.47 49.15 4.73
N ALA H 350 14.66 48.64 5.05
CA ALA H 350 15.90 49.25 4.59
C ALA H 350 16.23 48.90 3.15
N ILE H 351 15.37 48.16 2.45
CA ILE H 351 15.58 47.88 1.04
C ILE H 351 14.67 48.72 0.15
N SER H 352 13.54 49.19 0.66
CA SER H 352 12.65 50.06 -0.10
C SER H 352 13.12 51.51 -0.10
N ILE H 353 14.28 51.79 0.50
CA ILE H 353 14.85 53.13 0.50
C ILE H 353 15.89 53.23 -0.63
N PRO H 354 16.82 52.28 -0.79
CA PRO H 354 17.67 52.32 -1.98
C PRO H 354 16.90 52.11 -3.27
N THR H 355 15.78 51.39 -3.22
CA THR H 355 14.91 51.30 -4.38
C THR H 355 14.00 52.51 -4.49
N GLY H 356 13.58 53.09 -3.35
CA GLY H 356 12.66 54.21 -3.39
C GLY H 356 13.28 55.47 -3.97
N VAL H 357 14.57 55.69 -3.71
CA VAL H 357 15.25 56.86 -4.27
C VAL H 357 15.37 56.75 -5.79
N LYS H 358 15.30 55.55 -6.34
CA LYS H 358 15.45 55.36 -7.78
C LYS H 358 14.21 55.77 -8.56
N ILE H 359 13.06 55.92 -7.88
CA ILE H 359 11.89 56.45 -8.56
C ILE H 359 11.92 57.97 -8.57
N PHE H 360 12.44 58.59 -7.51
CA PHE H 360 12.63 60.04 -7.48
C PHE H 360 13.75 60.50 -8.39
N ASN H 361 14.42 59.60 -9.10
CA ASN H 361 15.47 59.97 -10.04
C ASN H 361 15.00 60.01 -11.49
N TRP H 362 13.85 59.41 -11.79
CA TRP H 362 13.29 59.48 -13.13
C TRP H 362 12.36 60.68 -13.31
N LEU H 363 11.68 61.12 -12.25
CA LEU H 363 10.76 62.23 -12.37
C LEU H 363 11.49 63.58 -12.42
N PHE H 364 12.67 63.68 -11.81
CA PHE H 364 13.49 64.88 -11.91
C PHE H 364 14.52 64.80 -13.01
N THR H 365 14.62 63.65 -13.70
CA THR H 365 15.29 63.58 -14.99
C THR H 365 14.32 63.85 -16.14
N MET H 366 13.01 63.89 -15.84
CA MET H 366 11.99 64.16 -16.83
C MET H 366 11.44 65.58 -16.74
N TYR H 367 11.77 66.32 -15.70
CA TYR H 367 11.30 67.68 -15.50
C TYR H 367 12.34 68.70 -15.95
N LYS H 368 11.86 69.92 -16.22
CA LYS H 368 12.64 71.02 -16.80
C LYS H 368 13.01 70.72 -18.25
N GLY H 369 13.31 69.45 -18.57
CA GLY H 369 13.61 69.07 -19.92
C GLY H 369 12.36 68.79 -20.74
N ARG H 370 12.53 68.80 -22.06
CA ARG H 370 11.45 68.55 -22.98
C ARG H 370 11.14 67.06 -23.04
N ILE H 371 10.04 66.71 -23.71
CA ILE H 371 9.60 65.33 -23.79
C ILE H 371 8.68 65.17 -24.99
N SER H 372 8.58 63.94 -25.50
CA SER H 372 7.67 63.61 -26.60
C SER H 372 7.18 62.19 -26.37
N PHE H 373 5.86 62.05 -26.19
CA PHE H 373 5.27 60.76 -25.79
C PHE H 373 5.15 59.86 -27.01
N THR H 374 6.11 58.97 -27.18
CA THR H 374 6.05 57.93 -28.20
C THR H 374 5.65 56.60 -27.54
N THR H 375 5.74 55.51 -28.30
CA THR H 375 5.38 54.21 -27.74
C THR H 375 6.35 53.77 -26.64
N PRO H 376 7.67 53.82 -26.82
CA PRO H 376 8.55 53.46 -25.69
C PRO H 376 8.42 54.38 -24.49
N MET H 377 7.97 55.63 -24.69
CA MET H 377 7.76 56.52 -23.56
C MET H 377 6.53 56.12 -22.76
N LEU H 378 5.47 55.65 -23.45
CA LEU H 378 4.27 55.24 -22.74
C LEU H 378 4.54 54.06 -21.82
N TRP H 379 5.44 53.16 -22.24
CA TRP H 379 5.83 52.07 -21.34
C TRP H 379 6.60 52.60 -20.14
N ALA H 380 7.34 53.68 -20.30
CA ALA H 380 8.00 54.32 -19.16
C ALA H 380 7.08 55.26 -18.41
N LEU H 381 6.06 55.80 -19.09
CA LEU H 381 5.08 56.65 -18.41
C LEU H 381 4.26 55.84 -17.42
N ALA H 382 3.73 54.70 -17.86
CA ALA H 382 2.92 53.86 -16.99
C ALA H 382 3.76 53.08 -15.97
N PHE H 383 5.06 52.96 -16.21
CA PHE H 383 5.92 52.24 -15.28
C PHE H 383 6.10 53.00 -13.97
N ILE H 384 6.03 54.32 -14.00
CA ILE H 384 6.27 55.14 -12.82
C ILE H 384 5.17 54.93 -11.78
N PRO H 385 3.86 55.09 -12.12
CA PRO H 385 2.83 54.93 -11.08
C PRO H 385 2.57 53.48 -10.74
N ASN H 386 2.38 52.65 -11.77
CA ASN H 386 1.97 51.27 -11.56
C ASN H 386 2.96 50.50 -10.69
N PHE H 387 4.26 50.76 -10.88
CA PHE H 387 5.25 50.13 -10.02
C PHE H 387 5.18 50.66 -8.59
N VAL H 388 4.84 51.94 -8.43
CA VAL H 388 4.71 52.50 -7.08
C VAL H 388 3.44 52.00 -6.41
N ILE H 389 2.34 51.94 -7.16
CA ILE H 389 1.08 51.44 -6.60
C ILE H 389 1.25 50.00 -6.11
N GLY H 390 2.11 49.23 -6.76
CA GLY H 390 2.46 47.92 -6.24
C GLY H 390 3.49 47.98 -5.14
N GLY H 391 4.39 48.98 -5.18
CA GLY H 391 5.38 49.12 -4.13
C GLY H 391 4.80 49.64 -2.83
N VAL H 392 3.71 50.39 -2.90
CA VAL H 392 3.08 50.93 -1.70
C VAL H 392 2.20 49.86 -1.06
N THR H 393 2.28 48.64 -1.59
CA THR H 393 1.61 47.49 -1.00
C THR H 393 2.59 46.46 -0.44
N GLY H 394 3.71 46.22 -1.11
CA GLY H 394 4.74 45.35 -0.58
C GLY H 394 5.40 45.89 0.67
N VAL H 395 5.38 47.20 0.87
CA VAL H 395 5.85 47.78 2.12
C VAL H 395 5.04 47.23 3.29
N MET H 396 3.74 47.01 3.08
CA MET H 396 2.92 46.39 4.11
C MET H 396 3.29 44.94 4.32
N LEU H 397 3.74 44.25 3.26
CA LEU H 397 4.14 42.85 3.39
C LEU H 397 5.39 42.71 4.25
N ALA H 398 6.26 43.73 4.26
CA ALA H 398 7.47 43.66 5.07
C ALA H 398 7.15 43.70 6.56
N MET H 399 6.04 44.33 6.94
CA MET H 399 5.62 44.40 8.33
C MET H 399 5.18 43.03 8.81
N ALA H 400 6.10 42.29 9.43
CA ALA H 400 5.81 40.92 9.85
C ALA H 400 4.68 40.86 10.87
N ALA H 401 4.47 41.94 11.63
CA ALA H 401 3.38 41.97 12.59
C ALA H 401 2.02 41.89 11.91
N ALA H 402 1.93 42.40 10.67
CA ALA H 402 0.69 42.35 9.91
C ALA H 402 0.75 41.40 8.73
N ASP H 403 1.91 40.79 8.46
CA ASP H 403 2.03 39.85 7.35
C ASP H 403 1.19 38.60 7.59
N TYR H 404 0.94 38.26 8.86
CA TYR H 404 0.16 37.07 9.17
C TYR H 404 -1.28 37.18 8.67
N GLN H 405 -1.80 38.40 8.56
CA GLN H 405 -3.19 38.59 8.14
C GLN H 405 -3.35 38.41 6.64
N TYR H 406 -2.47 39.02 5.85
CA TYR H 406 -2.56 38.99 4.39
C TYR H 406 -1.48 38.13 3.75
N HIS H 407 -1.04 37.09 4.45
CA HIS H 407 -0.17 36.10 3.82
C HIS H 407 -0.97 35.27 2.83
N ASN H 408 -0.43 35.10 1.62
CA ASN H 408 -1.15 34.48 0.50
C ASN H 408 -2.37 35.34 0.21
N THR H 409 -3.58 34.79 0.26
CA THR H 409 -4.86 35.49 0.00
C THR H 409 -4.76 36.65 -0.99
N TYR H 410 -4.41 36.34 -2.24
CA TYR H 410 -4.54 37.26 -3.37
C TYR H 410 -3.89 38.63 -3.18
N PHE H 411 -4.09 39.25 -2.01
CA PHE H 411 -3.40 40.50 -1.71
C PHE H 411 -1.89 40.36 -1.89
N LEU H 412 -1.35 39.17 -1.62
CA LEU H 412 0.03 38.88 -2.00
C LEU H 412 0.17 38.84 -3.52
N VAL H 413 -0.73 38.11 -4.19
CA VAL H 413 -0.69 38.02 -5.64
C VAL H 413 -0.93 39.38 -6.28
N SER H 414 -1.84 40.17 -5.70
CA SER H 414 -2.13 41.49 -6.25
C SER H 414 -0.97 42.45 -6.08
N HIS H 415 -0.21 42.32 -4.99
CA HIS H 415 0.96 43.18 -4.79
C HIS H 415 1.99 42.97 -5.88
N PHE H 416 2.40 41.72 -6.08
CA PHE H 416 3.55 41.45 -6.94
C PHE H 416 3.21 41.61 -8.41
N HIS H 417 1.99 41.22 -8.81
CA HIS H 417 1.58 41.41 -10.20
C HIS H 417 1.62 42.89 -10.58
N TYR H 418 1.40 43.79 -9.62
CA TYR H 418 1.60 45.20 -9.88
C TYR H 418 3.08 45.55 -9.97
N VAL H 419 3.93 44.83 -9.25
CA VAL H 419 5.35 45.18 -9.17
C VAL H 419 6.10 44.69 -10.40
N LEU H 420 5.82 43.47 -10.85
CA LEU H 420 6.65 42.86 -11.88
C LEU H 420 6.10 43.07 -13.29
N ILE H 421 4.78 43.09 -13.46
CA ILE H 421 4.23 43.32 -14.80
C ILE H 421 4.47 44.76 -15.22
N ALA H 422 4.39 45.69 -14.27
CA ALA H 422 4.74 47.08 -14.56
C ALA H 422 6.25 47.28 -14.64
N GLY H 423 7.01 46.55 -13.85
CA GLY H 423 8.46 46.68 -13.85
C GLY H 423 9.15 46.05 -15.04
N THR H 424 9.04 44.73 -15.16
CA THR H 424 9.80 44.00 -16.17
C THR H 424 9.02 43.81 -17.47
N VAL H 425 7.75 43.41 -17.38
CA VAL H 425 6.97 43.15 -18.59
C VAL H 425 6.83 44.41 -19.42
N PHE H 426 6.67 45.57 -18.76
CA PHE H 426 6.70 46.82 -19.51
C PHE H 426 8.09 47.12 -20.05
N ALA H 427 9.13 46.83 -19.26
CA ALA H 427 10.50 46.98 -19.75
C ALA H 427 10.77 45.98 -20.87
N CYS H 428 10.19 44.78 -20.78
CA CYS H 428 10.29 43.83 -21.88
C CYS H 428 9.57 44.33 -23.11
N PHE H 429 8.51 45.12 -22.93
CA PHE H 429 7.82 45.75 -24.05
C PHE H 429 8.46 47.06 -24.46
N ALA H 430 9.04 47.80 -23.51
CA ALA H 430 9.76 49.02 -23.85
C ALA H 430 10.98 48.71 -24.69
N GLY H 431 11.86 47.85 -24.19
CA GLY H 431 13.01 47.42 -24.96
C GLY H 431 12.67 46.66 -26.22
N PHE H 432 11.46 46.11 -26.31
CA PHE H 432 11.03 45.42 -27.52
C PHE H 432 10.87 46.41 -28.66
N ILE H 433 10.22 47.54 -28.40
CA ILE H 433 9.95 48.53 -29.44
C ILE H 433 11.08 49.56 -29.54
N PHE H 434 11.60 50.02 -28.40
CA PHE H 434 12.64 51.06 -28.42
C PHE H 434 13.92 50.58 -29.10
N TRP H 435 14.18 49.27 -29.07
CA TRP H 435 15.36 48.70 -29.72
C TRP H 435 14.96 47.68 -30.79
N TYR H 436 13.82 47.90 -31.44
CA TYR H 436 13.39 47.06 -32.54
C TYR H 436 14.11 47.41 -33.85
N PRO H 437 14.33 48.69 -34.16
CA PRO H 437 15.14 49.01 -35.35
C PRO H 437 16.52 48.38 -35.34
N LYS H 438 17.06 48.08 -34.14
CA LYS H 438 18.31 47.32 -34.07
C LYS H 438 18.16 45.93 -34.67
N MET H 439 16.98 45.33 -34.53
CA MET H 439 16.79 43.94 -34.92
C MET H 439 16.54 43.79 -36.42
N PHE H 440 15.78 44.71 -37.01
CA PHE H 440 15.51 44.67 -38.44
C PHE H 440 15.15 46.07 -38.91
N GLY H 441 14.86 46.19 -40.20
CA GLY H 441 14.58 47.50 -40.77
C GLY H 441 13.30 48.11 -40.24
N HIS H 442 13.24 49.44 -40.27
CA HIS H 442 12.10 50.21 -39.78
C HIS H 442 11.78 49.87 -38.33
N LYS H 443 10.55 50.11 -37.92
CA LYS H 443 10.12 49.82 -36.55
C LYS H 443 8.63 49.55 -36.55
N LEU H 444 8.04 49.56 -35.37
CA LEU H 444 6.61 49.29 -35.22
C LEU H 444 5.79 50.53 -35.59
N ASN H 445 4.60 50.29 -36.13
CA ASN H 445 3.68 51.37 -36.41
C ASN H 445 3.21 51.98 -35.10
N GLU H 446 3.42 53.29 -34.95
CA GLU H 446 3.26 53.95 -33.65
C GLU H 446 1.79 54.14 -33.29
N ARG H 447 0.97 54.62 -34.23
CA ARG H 447 -0.38 55.01 -33.89
C ARG H 447 -1.22 53.82 -33.44
N ILE H 448 -1.17 52.71 -34.18
CA ILE H 448 -1.87 51.51 -33.73
C ILE H 448 -1.14 50.84 -32.58
N GLY H 449 0.13 51.17 -32.35
CA GLY H 449 0.82 50.71 -31.15
C GLY H 449 0.28 51.37 -29.90
N LYS H 450 -0.22 52.60 -30.01
CA LYS H 450 -0.88 53.23 -28.88
C LYS H 450 -2.16 52.51 -28.50
N TRP H 451 -2.84 51.88 -29.46
CA TRP H 451 -4.01 51.07 -29.16
C TRP H 451 -3.65 49.90 -28.25
N PHE H 452 -2.48 49.28 -28.50
CA PHE H 452 -2.04 48.18 -27.65
C PHE H 452 -1.72 48.66 -26.24
N PHE H 453 -1.14 49.85 -26.12
CA PHE H 453 -0.75 50.35 -24.80
C PHE H 453 -1.96 50.65 -23.93
N TRP H 454 -2.93 51.39 -24.47
CA TRP H 454 -4.06 51.85 -23.66
C TRP H 454 -4.89 50.69 -23.13
N ILE H 455 -5.25 49.74 -24.01
CA ILE H 455 -6.10 48.64 -23.59
C ILE H 455 -5.36 47.73 -22.62
N PHE H 456 -4.05 47.52 -22.85
CA PHE H 456 -3.26 46.70 -21.94
C PHE H 456 -3.00 47.41 -20.62
N MET H 457 -3.07 48.74 -20.60
CA MET H 457 -2.83 49.50 -19.36
C MET H 457 -4.09 49.57 -18.50
N ILE H 458 -5.23 49.89 -19.12
CA ILE H 458 -6.47 50.02 -18.35
C ILE H 458 -6.95 48.66 -17.85
N GLY H 459 -6.73 47.60 -18.63
CA GLY H 459 -7.09 46.27 -18.19
C GLY H 459 -6.17 45.73 -17.11
N PHE H 460 -4.98 46.31 -16.95
CA PHE H 460 -4.06 45.87 -15.92
C PHE H 460 -4.51 46.27 -14.53
N ASN H 461 -5.17 47.43 -14.41
CA ASN H 461 -5.62 47.89 -13.09
C ASN H 461 -6.89 47.20 -12.65
N ILE H 462 -7.86 47.04 -13.55
CA ILE H 462 -9.14 46.44 -13.20
C ILE H 462 -9.00 44.92 -13.11
N CYS H 463 -7.78 44.43 -13.16
CA CYS H 463 -7.48 43.00 -13.02
C CYS H 463 -6.89 42.65 -11.66
N PHE H 464 -6.01 43.49 -11.12
CA PHE H 464 -5.33 43.21 -9.87
C PHE H 464 -5.65 44.20 -8.75
N PHE H 465 -6.30 45.32 -9.05
CA PHE H 465 -6.72 46.23 -7.98
C PHE H 465 -7.96 45.69 -7.28
N PRO H 466 -8.93 45.12 -8.01
CA PRO H 466 -9.98 44.35 -7.31
C PRO H 466 -9.43 43.14 -6.58
N GLN H 467 -8.27 42.62 -6.98
CA GLN H 467 -7.64 41.55 -6.22
C GLN H 467 -7.15 42.05 -4.86
N TYR H 468 -6.79 43.33 -4.77
CA TYR H 468 -6.49 43.91 -3.46
C TYR H 468 -7.71 43.84 -2.55
N PHE H 469 -8.91 44.00 -3.12
CA PHE H 469 -10.13 43.84 -2.33
C PHE H 469 -10.52 42.38 -2.21
N LEU H 470 -10.28 41.58 -3.26
CA LEU H 470 -10.54 40.15 -3.19
C LEU H 470 -9.75 39.51 -2.05
N GLY H 471 -8.47 39.85 -1.93
CA GLY H 471 -7.64 39.24 -0.92
C GLY H 471 -7.92 39.75 0.48
N LEU H 472 -8.20 41.06 0.60
CA LEU H 472 -8.46 41.63 1.92
C LEU H 472 -9.82 41.19 2.45
N GLN H 473 -10.79 40.95 1.56
CA GLN H 473 -12.11 40.53 2.03
C GLN H 473 -12.08 39.07 2.49
N GLY H 474 -11.28 38.22 1.86
CA GLY H 474 -11.14 36.86 2.32
C GLY H 474 -11.08 35.79 1.24
N MET H 475 -10.41 36.10 0.13
CA MET H 475 -10.24 35.12 -0.95
C MET H 475 -8.79 34.63 -0.97
N PRO H 476 -8.51 33.42 -0.49
CA PRO H 476 -7.14 32.91 -0.53
C PRO H 476 -6.69 32.64 -1.96
N ARG H 477 -5.41 32.31 -2.09
CA ARG H 477 -4.82 31.99 -3.38
C ARG H 477 -4.83 30.49 -3.62
N ARG H 478 -4.62 30.10 -4.87
CA ARG H 478 -4.58 28.70 -5.29
C ARG H 478 -5.89 27.99 -4.95
N ILE H 479 -6.99 28.59 -5.42
CA ILE H 479 -8.34 28.11 -5.15
C ILE H 479 -9.15 28.19 -6.44
N TYR H 480 -9.84 27.12 -6.78
CA TYR H 480 -10.59 27.04 -8.03
C TYR H 480 -12.05 27.44 -7.91
N THR H 481 -12.57 27.62 -6.70
CA THR H 481 -13.94 28.09 -6.53
C THR H 481 -14.05 28.85 -5.21
N TYR H 482 -14.65 30.04 -5.27
CA TYR H 482 -14.73 30.90 -4.10
C TYR H 482 -16.02 30.70 -3.31
N GLY H 483 -17.16 30.72 -3.99
CA GLY H 483 -18.43 30.53 -3.34
C GLY H 483 -19.09 31.84 -2.98
N PRO H 484 -20.43 31.84 -2.87
CA PRO H 484 -21.14 33.07 -2.50
C PRO H 484 -20.83 33.52 -1.09
N ASN H 485 -19.73 34.24 -0.92
CA ASN H 485 -19.28 34.73 0.39
C ASN H 485 -19.45 36.24 0.43
N ASP H 486 -20.49 36.70 1.12
CA ASP H 486 -20.75 38.13 1.34
C ASP H 486 -20.83 38.90 0.03
N GLY H 487 -21.34 38.26 -1.02
CA GLY H 487 -21.47 38.93 -2.31
C GLY H 487 -20.16 39.34 -2.94
N TRP H 488 -19.08 38.62 -2.65
CA TRP H 488 -17.76 38.91 -3.21
C TRP H 488 -17.52 38.18 -4.52
N THR H 489 -18.56 38.04 -5.35
CA THR H 489 -18.46 37.40 -6.65
C THR H 489 -18.02 38.37 -7.74
N THR H 490 -18.59 39.57 -7.75
CA THR H 490 -18.28 40.53 -8.81
C THR H 490 -16.82 40.97 -8.79
N LEU H 491 -16.21 41.08 -7.61
CA LEU H 491 -14.81 41.44 -7.54
C LEU H 491 -13.93 40.38 -8.19
N ASN H 492 -14.32 39.12 -8.09
CA ASN H 492 -13.60 38.06 -8.78
C ASN H 492 -13.91 38.05 -10.28
N PHE H 493 -15.10 38.51 -10.66
CA PHE H 493 -15.46 38.60 -12.08
C PHE H 493 -14.85 39.85 -12.72
N ILE H 494 -14.85 40.97 -12.00
CA ILE H 494 -14.20 42.18 -12.52
C ILE H 494 -12.71 41.95 -12.72
N SER H 495 -12.08 41.23 -11.79
CA SER H 495 -10.68 40.85 -11.97
C SER H 495 -10.49 40.01 -13.21
N THR H 496 -11.47 39.17 -13.54
CA THR H 496 -11.39 38.34 -14.74
C THR H 496 -11.62 39.19 -15.99
N VAL H 497 -12.56 40.14 -15.92
CA VAL H 497 -12.80 41.02 -17.06
C VAL H 497 -11.53 41.82 -17.37
N GLY H 498 -10.91 42.40 -16.34
CA GLY H 498 -9.62 43.03 -16.54
C GLY H 498 -8.54 42.05 -16.94
N ALA H 499 -8.64 40.81 -16.46
CA ALA H 499 -7.71 39.76 -16.89
C ALA H 499 -7.86 39.48 -18.38
N PHE H 500 -9.10 39.41 -18.86
CA PHE H 500 -9.35 39.16 -20.28
C PHE H 500 -9.17 40.41 -21.13
N MET H 501 -9.21 41.60 -20.53
CA MET H 501 -8.95 42.82 -21.29
C MET H 501 -7.48 42.91 -21.69
N MET H 502 -6.58 42.44 -20.81
CA MET H 502 -5.17 42.36 -21.19
C MET H 502 -4.94 41.30 -22.25
N GLY H 503 -5.78 40.27 -22.30
CA GLY H 503 -5.68 39.30 -23.38
C GLY H 503 -5.88 39.94 -24.74
N VAL H 504 -6.88 40.80 -24.87
CA VAL H 504 -7.04 41.59 -26.09
C VAL H 504 -5.87 42.55 -26.19
N GLY H 505 -5.06 42.38 -27.23
CA GLY H 505 -3.84 43.15 -27.37
C GLY H 505 -2.67 42.30 -27.85
N PHE H 506 -2.55 41.09 -27.29
CA PHE H 506 -1.52 40.17 -27.80
C PHE H 506 -1.75 39.84 -29.27
N LEU H 507 -3.01 39.89 -29.72
CA LEU H 507 -3.27 39.84 -31.15
C LEU H 507 -2.72 41.08 -31.85
N ILE H 508 -2.97 42.26 -31.27
CA ILE H 508 -2.43 43.49 -31.83
C ILE H 508 -0.91 43.46 -31.79
N LEU H 509 -0.35 42.95 -30.70
CA LEU H 509 1.11 42.84 -30.60
C LEU H 509 1.67 41.97 -31.71
N CYS H 510 1.03 40.82 -31.98
CA CYS H 510 1.46 39.98 -33.08
C CYS H 510 1.07 40.57 -34.43
N TYR H 511 -0.01 41.36 -34.47
CA TYR H 511 -0.37 42.05 -35.71
C TYR H 511 0.65 43.11 -36.06
N ASN H 512 1.25 43.75 -35.06
CA ASN H 512 2.27 44.76 -35.32
C ASN H 512 3.55 44.13 -35.84
N ILE H 513 3.88 42.92 -35.40
CA ILE H 513 5.06 42.23 -35.90
C ILE H 513 4.84 41.72 -37.32
N TYR H 514 3.58 41.61 -37.75
CA TYR H 514 3.29 41.14 -39.10
C TYR H 514 3.82 42.08 -40.17
N TYR H 515 4.09 43.34 -39.82
CA TYR H 515 4.68 44.30 -40.76
C TYR H 515 6.14 43.92 -40.99
N SER H 516 6.33 42.94 -41.87
CA SER H 516 7.67 42.44 -42.17
C SER H 516 7.72 41.79 -43.55
N GLY H 530 14.41 59.30 -33.99
CA GLY H 530 14.99 58.79 -32.77
C GLY H 530 15.91 59.78 -32.09
N VAL H 531 15.88 59.79 -30.75
CA VAL H 531 16.70 60.70 -29.96
C VAL H 531 17.69 59.89 -29.12
N GLY H 532 18.60 59.18 -29.78
CA GLY H 532 19.57 58.38 -29.06
C GLY H 532 20.58 59.24 -28.32
N ARG H 533 21.04 58.72 -27.18
CA ARG H 533 22.04 59.40 -26.38
C ARG H 533 23.21 58.51 -26.00
N THR H 534 23.25 57.27 -26.45
CA THR H 534 24.37 56.37 -26.19
C THR H 534 24.76 55.72 -27.52
N LEU H 535 25.51 54.63 -27.44
CA LEU H 535 25.99 53.94 -28.63
C LEU H 535 24.89 53.10 -29.27
N ASP H 536 23.63 53.49 -29.06
CA ASP H 536 22.50 52.79 -29.67
C ASP H 536 22.49 53.01 -31.18
N TRP H 537 22.20 54.24 -31.60
CA TRP H 537 22.17 54.59 -33.02
C TRP H 537 23.52 55.05 -33.54
N ALA H 538 24.57 54.92 -32.74
CA ALA H 538 25.92 55.26 -33.18
C ALA H 538 26.49 54.26 -34.18
N THR H 539 25.74 53.21 -34.51
CA THR H 539 26.19 52.22 -35.48
C THR H 539 26.28 52.85 -36.87
N SER H 540 26.91 52.11 -37.78
CA SER H 540 27.11 52.61 -39.14
C SER H 540 25.77 52.77 -39.87
N SER H 541 24.78 51.96 -39.54
CA SER H 541 23.48 52.01 -40.17
C SER H 541 22.51 51.18 -39.34
N ALA H 542 21.29 51.04 -39.85
CA ALA H 542 20.33 50.12 -39.25
C ALA H 542 20.81 48.68 -39.44
N ILE H 543 20.19 47.78 -38.67
CA ILE H 543 20.64 46.39 -38.46
C ILE H 543 22.16 46.34 -38.52
N PRO H 544 22.84 46.65 -37.42
CA PRO H 544 24.30 46.83 -37.44
C PRO H 544 25.01 45.58 -37.91
N PRO H 545 26.22 45.72 -38.46
CA PRO H 545 26.91 44.56 -39.03
C PRO H 545 27.42 43.59 -37.98
N HIS H 546 28.22 42.61 -38.42
CA HIS H 546 28.71 41.58 -37.50
C HIS H 546 29.80 42.12 -36.58
N TYR H 547 30.79 42.82 -37.16
CA TYR H 547 31.91 43.30 -36.37
C TYR H 547 31.54 44.44 -35.42
N ASN H 548 30.36 45.06 -35.62
CA ASN H 548 29.83 46.17 -34.84
C ASN H 548 30.86 47.24 -34.49
N PHE H 549 30.76 48.40 -35.13
CA PHE H 549 31.69 49.52 -34.99
C PHE H 549 33.04 49.17 -35.59
N ALA H 550 33.38 49.79 -36.73
CA ALA H 550 34.67 49.54 -37.36
C ALA H 550 35.82 50.04 -36.50
N VAL H 551 35.63 51.19 -35.85
CA VAL H 551 36.60 51.73 -34.91
C VAL H 551 35.94 51.87 -33.55
N LEU H 552 36.74 51.80 -32.50
CA LEU H 552 36.20 51.93 -31.16
C LEU H 552 36.06 53.39 -30.78
N PRO H 553 34.89 53.82 -30.29
CA PRO H 553 34.71 55.22 -29.93
C PRO H 553 35.55 55.61 -28.72
N GLU H 554 36.08 56.82 -28.74
CA GLU H 554 36.87 57.32 -27.62
C GLU H 554 35.97 57.73 -26.45
N VAL H 555 34.74 58.17 -26.73
CA VAL H 555 33.78 58.57 -25.71
C VAL H 555 34.37 59.67 -24.83
N LYS H 556 35.08 59.27 -23.77
CA LYS H 556 35.67 60.20 -22.82
C LYS H 556 34.63 61.18 -22.25
N SER H 557 33.40 60.70 -22.10
CA SER H 557 32.32 61.51 -21.55
C SER H 557 31.24 60.57 -21.03
N GLN H 558 30.27 61.14 -20.32
CA GLN H 558 29.21 60.32 -19.76
C GLN H 558 28.25 59.83 -20.84
N ASP H 559 27.89 60.70 -21.78
CA ASP H 559 27.01 60.36 -22.89
C ASP H 559 27.79 60.59 -24.18
N ALA H 560 28.05 59.51 -24.91
CA ALA H 560 28.90 59.59 -26.09
C ALA H 560 28.16 60.18 -27.29
N PHE H 561 26.94 59.72 -27.55
CA PHE H 561 26.25 60.07 -28.78
C PHE H 561 25.94 61.56 -28.86
N LEU H 562 25.46 62.15 -27.77
CA LEU H 562 25.16 63.58 -27.79
C LEU H 562 26.42 64.41 -27.93
N HIS H 563 27.51 64.00 -27.29
CA HIS H 563 28.79 64.67 -27.46
C HIS H 563 29.44 64.35 -28.80
N MET H 564 28.97 63.34 -29.51
CA MET H 564 29.46 62.99 -30.84
C MET H 564 28.44 63.32 -31.92
N LYS H 565 27.69 64.40 -31.74
CA LYS H 565 26.72 64.84 -32.74
C LYS H 565 26.81 66.35 -32.92
N GLU H 566 26.25 67.10 -31.97
CA GLU H 566 26.32 68.56 -32.05
C GLU H 566 27.74 69.04 -31.80
N GLU H 567 28.39 68.52 -30.76
CA GLU H 567 29.78 68.85 -30.47
C GLU H 567 30.68 68.08 -31.43
N LYS H 568 31.29 68.79 -32.37
CA LYS H 568 32.16 68.20 -33.41
C LYS H 568 31.32 67.20 -34.20
N THR H 569 31.90 66.08 -34.64
CA THR H 569 31.14 65.09 -35.40
C THR H 569 31.54 63.67 -34.98
N GLU H 570 32.76 63.26 -35.31
CA GLU H 570 33.30 61.94 -35.00
C GLU H 570 32.51 60.84 -35.68
N LEU H 571 33.14 60.14 -36.62
CA LEU H 571 32.49 59.10 -37.41
C LEU H 571 33.44 57.92 -37.50
N TYR H 572 33.24 57.09 -38.53
CA TYR H 572 34.11 55.95 -38.81
C TYR H 572 34.89 56.25 -40.09
N PRO H 573 36.04 56.92 -40.00
CA PRO H 573 36.77 57.28 -41.21
C PRO H 573 37.50 56.09 -41.81
N GLU H 574 37.48 56.04 -43.14
CA GLU H 574 38.18 54.97 -43.85
C GLU H 574 39.69 55.11 -43.67
N SER H 575 40.40 54.05 -44.06
CA SER H 575 41.86 53.95 -43.96
C SER H 575 42.32 53.81 -42.51
N LYS H 576 41.38 53.96 -41.56
CA LYS H 576 41.66 53.71 -40.15
C LYS H 576 41.13 52.36 -39.70
N PHE H 577 40.66 51.53 -40.63
CA PHE H 577 40.18 50.20 -40.31
C PHE H 577 41.35 49.28 -40.00
N LYS H 578 41.03 48.05 -39.58
CA LYS H 578 42.07 47.07 -39.25
C LYS H 578 41.49 45.69 -39.50
N LYS H 579 42.07 44.68 -38.84
CA LYS H 579 41.73 43.29 -39.10
C LYS H 579 40.39 42.93 -38.43
N ILE H 580 40.01 41.67 -38.56
CA ILE H 580 38.76 41.16 -38.02
C ILE H 580 39.01 40.46 -36.70
N HIS H 581 37.95 39.99 -36.06
CA HIS H 581 38.04 39.30 -34.77
C HIS H 581 38.20 37.79 -34.94
N MET H 582 37.40 37.19 -35.82
CA MET H 582 37.40 35.76 -36.12
C MET H 582 37.10 34.89 -34.92
N PRO H 583 35.91 34.98 -34.32
CA PRO H 583 35.46 33.91 -33.41
C PRO H 583 34.33 33.10 -34.03
N SER H 584 34.68 32.15 -34.90
CA SER H 584 33.67 31.50 -35.73
C SER H 584 32.83 30.53 -34.90
N ASN H 585 31.92 29.83 -35.57
CA ASN H 585 30.93 28.99 -34.91
C ASN H 585 31.48 27.61 -34.62
N SER H 586 30.93 26.99 -33.57
CA SER H 586 31.24 25.61 -33.20
C SER H 586 29.93 24.91 -32.87
N GLY H 587 29.74 23.73 -33.46
CA GLY H 587 28.50 22.98 -33.30
C GLY H 587 28.36 22.18 -32.04
N ARG H 588 29.30 22.30 -31.10
CA ARG H 588 29.27 21.53 -29.86
C ARG H 588 28.19 22.01 -28.88
N PRO H 589 28.00 23.33 -28.67
CA PRO H 589 26.94 23.77 -27.74
C PRO H 589 25.57 23.18 -28.01
N PHE H 590 25.21 22.97 -29.27
CA PHE H 590 23.93 22.35 -29.58
C PHE H 590 23.91 20.89 -29.14
N PHE H 591 24.97 20.14 -29.46
CA PHE H 591 25.07 18.77 -29.01
C PHE H 591 25.26 18.67 -27.51
N MET H 592 25.91 19.66 -26.89
CA MET H 592 26.11 19.64 -25.45
C MET H 592 24.79 19.84 -24.71
N SER H 593 23.93 20.74 -25.21
CA SER H 593 22.65 20.98 -24.56
C SER H 593 21.66 19.86 -24.84
N VAL H 594 21.77 19.20 -26.00
CA VAL H 594 20.93 18.03 -26.27
C VAL H 594 21.26 16.92 -25.28
N ALA H 595 22.54 16.74 -24.97
CA ALA H 595 22.93 15.74 -23.98
C ALA H 595 22.33 16.06 -22.62
N PHE H 596 22.33 17.33 -22.23
CA PHE H 596 21.65 17.72 -20.99
C PHE H 596 20.13 17.53 -21.11
N GLY H 597 19.57 17.88 -22.27
CA GLY H 597 18.16 17.63 -22.49
C GLY H 597 17.82 16.16 -22.57
N LEU H 598 18.72 15.36 -23.11
CA LEU H 598 18.49 13.92 -23.18
C LEU H 598 18.63 13.28 -21.80
N ALA H 599 19.64 13.69 -21.03
CA ALA H 599 19.79 13.16 -19.68
C ALA H 599 18.68 13.63 -18.76
N GLY H 600 18.27 14.89 -18.89
CA GLY H 600 17.18 15.38 -18.06
C GLY H 600 15.85 14.73 -18.38
N PHE H 601 15.53 14.61 -19.67
CA PHE H 601 14.26 13.98 -20.05
C PHE H 601 14.22 12.51 -19.66
N GLY H 602 15.36 11.83 -19.74
CA GLY H 602 15.38 10.42 -19.36
C GLY H 602 15.12 10.21 -17.88
N LEU H 603 15.65 11.10 -17.04
CA LEU H 603 15.44 10.99 -15.60
C LEU H 603 14.04 11.40 -15.19
N VAL H 604 13.40 12.29 -15.96
CA VAL H 604 12.07 12.79 -15.62
C VAL H 604 11.01 11.78 -16.04
N PHE H 605 10.84 11.59 -17.33
CA PHE H 605 9.82 10.69 -17.87
C PHE H 605 10.08 9.26 -17.40
N GLU H 606 9.39 8.85 -16.34
CA GLU H 606 9.60 7.54 -15.69
C GLU H 606 11.06 7.47 -15.23
N TRP H 607 11.62 6.26 -15.19
CA TRP H 607 12.99 6.04 -14.70
C TRP H 607 13.17 6.63 -13.31
N TYR H 608 12.42 6.07 -12.36
CA TYR H 608 12.41 6.62 -11.00
C TYR H 608 13.75 6.45 -10.31
N TRP H 609 14.20 5.21 -10.15
CA TRP H 609 15.40 4.96 -9.36
C TRP H 609 16.65 5.43 -10.09
N MET H 610 16.88 4.94 -11.31
CA MET H 610 18.05 5.33 -12.08
C MET H 610 17.65 5.49 -13.54
N GLY H 611 18.56 6.05 -14.34
CA GLY H 611 18.29 6.31 -15.73
C GLY H 611 19.22 5.59 -16.69
N VAL H 612 18.64 4.89 -17.66
CA VAL H 612 19.45 4.21 -18.67
C VAL H 612 20.09 5.24 -19.60
N VAL H 613 19.31 6.21 -20.07
CA VAL H 613 19.82 7.26 -20.95
C VAL H 613 20.28 8.49 -20.18
N GLY H 614 19.91 8.62 -18.91
CA GLY H 614 20.39 9.74 -18.12
C GLY H 614 21.88 9.71 -17.87
N LEU H 615 22.45 8.51 -17.76
CA LEU H 615 23.90 8.39 -17.62
C LEU H 615 24.61 8.65 -18.94
N ILE H 616 23.93 8.41 -20.06
CA ILE H 616 24.53 8.66 -21.36
C ILE H 616 24.70 10.16 -21.59
N GLY H 617 23.74 10.96 -21.13
CA GLY H 617 23.86 12.40 -21.26
C GLY H 617 25.08 12.95 -20.53
N VAL H 618 25.33 12.45 -19.33
CA VAL H 618 26.56 12.81 -18.62
C VAL H 618 27.77 12.26 -19.35
N LEU H 619 27.64 11.07 -19.94
CA LEU H 619 28.74 10.51 -20.74
C LEU H 619 29.03 11.38 -21.94
N LEU H 620 27.98 11.83 -22.64
CA LEU H 620 28.18 12.72 -23.78
C LEU H 620 28.67 14.10 -23.35
N CYS H 621 28.25 14.55 -22.17
CA CYS H 621 28.69 15.85 -21.68
C CYS H 621 30.16 15.84 -21.30
N MET H 622 30.59 14.81 -20.55
CA MET H 622 31.99 14.73 -20.15
C MET H 622 32.91 14.48 -21.34
N VAL H 623 32.40 13.81 -22.38
CA VAL H 623 33.18 13.67 -23.61
C VAL H 623 33.32 15.02 -24.30
N LEU H 624 32.24 15.81 -24.32
CA LEU H 624 32.31 17.13 -24.93
C LEU H 624 33.10 18.12 -24.07
N ARG H 625 33.15 17.90 -22.75
CA ARG H 625 34.00 18.71 -21.90
C ARG H 625 35.48 18.39 -22.10
N SER H 626 35.80 17.20 -22.60
CA SER H 626 37.15 16.94 -23.06
C SER H 626 37.43 17.63 -24.39
N PHE H 627 36.41 17.69 -25.25
CA PHE H 627 36.50 18.48 -26.48
C PHE H 627 36.61 19.97 -26.19
N GLU H 628 36.19 20.41 -25.00
CA GLU H 628 36.27 21.82 -24.64
C GLU H 628 37.72 22.31 -24.66
N TYR H 629 38.62 21.56 -24.04
CA TYR H 629 40.04 21.92 -24.01
C TYR H 629 40.87 21.02 -24.92
N ASP H 630 40.31 20.61 -26.05
CA ASP H 630 41.05 19.89 -27.08
C ASP H 630 40.91 20.54 -28.44
N ASN H 631 40.34 21.74 -28.51
CA ASN H 631 40.13 22.47 -29.76
C ASN H 631 40.93 23.76 -29.70
N GLY H 632 41.79 23.98 -30.68
CA GLY H 632 42.61 25.17 -30.74
C GLY H 632 42.03 26.17 -31.74
N TYR H 633 41.84 27.39 -31.27
CA TYR H 633 41.26 28.45 -32.10
C TYR H 633 41.88 29.80 -31.79
FE HEA I . -6.05 -37.06 -5.61
CHA HEA I . -4.53 -34.32 -4.37
CHB HEA I . -3.49 -37.91 -7.73
CHC HEA I . -8.20 -39.10 -7.33
CHD HEA I . -8.05 -37.27 -2.79
NA HEA I . -4.41 -36.10 -6.16
C1A HEA I . -3.75 -35.32 -5.11
C2A HEA I . -2.29 -35.60 -4.94
C3A HEA I . -2.03 -36.66 -5.94
C4A HEA I . -3.31 -36.94 -6.63
CMA HEA I . -0.72 -37.31 -6.19
OMA HEA I . -0.40 -37.67 -7.33
CAA HEA I . -1.32 -34.96 -3.97
CBA HEA I . -1.09 -33.50 -4.31
CGA HEA I . 0.32 -33.10 -3.93
O1A HEA I . 0.98 -32.39 -4.71
O2A HEA I . 0.77 -33.51 -2.84
NB HEA I . -5.86 -38.31 -7.28
C1B HEA I . -4.77 -38.55 -8.03
C2B HEA I . -4.96 -39.50 -9.15
C3B HEA I . -6.38 -39.88 -9.04
C4B HEA I . -6.82 -39.07 -7.86
CMB HEA I . -3.96 -39.98 -10.16
NC HEA I . -7.85 -38.04 -5.13
C1C HEA I . -8.59 -38.83 -5.94
C2C HEA I . -9.82 -39.40 -5.34
C3C HEA I . -9.75 -38.84 -3.98
C4C HEA I . -8.51 -38.04 -3.96
CMC HEA I . -10.84 -40.32 -5.98
CAC HEA I . -10.70 -39.02 -2.83
CBC HEA I . -11.98 -39.28 -3.00
ND HEA I . -6.24 -35.93 -3.83
C1D HEA I . -7.10 -36.14 -2.80
C2D HEA I . -6.99 -35.17 -1.68
C3D HEA I . -5.93 -34.25 -2.15
C4D HEA I . -5.57 -34.84 -3.47
CMD HEA I . -7.78 -35.11 -0.41
CAD HEA I . -5.34 -33.05 -1.46
CBD HEA I . -6.37 -31.92 -1.42
CGD HEA I . -5.66 -30.61 -1.22
O1D HEA I . -5.03 -30.41 -0.16
O2D HEA I . -5.73 -29.75 -2.13
C11 HEA I . -7.14 -40.80 -9.91
O11 HEA I . -8.17 -41.46 -9.17
C12 HEA I . -7.75 -40.00 -11.06
C13 HEA I . -9.21 -40.40 -11.30
C14 HEA I . -9.60 -39.95 -12.69
C15 HEA I . -10.70 -40.44 -13.28
C16 HEA I . -11.04 -39.97 -14.68
C17 HEA I . -9.79 -40.02 -15.55
C18 HEA I . -9.73 -38.80 -16.44
C19 HEA I . -9.66 -38.92 -17.77
C20 HEA I . -9.60 -37.69 -18.62
C21 HEA I . -8.53 -37.83 -19.70
C22 HEA I . -8.85 -36.89 -20.84
C23 HEA I . -8.06 -35.84 -21.11
C24 HEA I . -8.41 -34.94 -22.26
C25 HEA I . -6.84 -35.58 -20.30
C26 HEA I . -11.57 -41.43 -12.58
C27 HEA I . -9.64 -40.28 -18.40
FE HEA J . -6.38 -41.13 8.09
CHA HEA J . -4.35 -38.51 7.23
CHB HEA J . -4.33 -42.15 10.69
CHC HEA J . -8.44 -43.89 8.71
CHD HEA J . -8.75 -39.95 5.79
NA HEA J . -4.55 -40.60 8.65
C1A HEA J . -4.18 -39.20 8.51
C2A HEA J . -3.55 -38.57 9.71
C3A HEA J . -3.55 -39.66 10.70
C4A HEA J . -4.17 -40.84 10.04
CMA HEA J . -3.05 -39.57 12.09
OMA HEA J . -3.43 -40.34 12.95
CAA HEA J . -3.04 -37.15 9.86
CBA HEA J . -1.62 -37.10 9.30
CGA HEA J . -1.06 -35.70 9.45
O1A HEA J . -0.84 -35.27 10.60
O2A HEA J . -0.85 -35.03 8.42
NB HEA J . -6.37 -42.73 9.47
C1B HEA J . -5.49 -43.00 10.45
C2B HEA J . -5.75 -44.21 11.27
C3B HEA J . -6.99 -44.73 10.67
C4B HEA J . -7.26 -43.74 9.59
CMB HEA J . -4.97 -44.76 12.42
NC HEA J . -8.26 -41.80 7.38
C1C HEA J . -8.94 -42.92 7.74
C2C HEA J . -10.25 -43.14 7.08
C3C HEA J . -10.32 -41.96 6.20
C4C HEA J . -9.07 -41.21 6.48
CMC HEA J . -11.21 -44.28 7.27
CAC HEA J . -11.40 -41.55 5.27
CBC HEA J . -12.16 -42.45 4.67
ND HEA J . -6.52 -39.50 6.75
C1D HEA J . -7.52 -39.16 5.90
C2D HEA J . -7.32 -37.94 5.08
C3D HEA J . -5.99 -37.49 5.51
C4D HEA J . -5.62 -38.52 6.52
CMD HEA J . -8.25 -37.32 4.07
CAD HEA J . -5.18 -36.29 5.06
CBD HEA J . -5.91 -34.99 5.39
CGD HEA J . -5.10 -33.82 4.89
O1D HEA J . -4.12 -33.44 5.56
O2D HEA J . -5.44 -33.28 3.81
C11 HEA J . -7.76 -45.93 11.06
O11 HEA J . -9.16 -45.64 11.10
C12 HEA J . -7.50 -47.06 10.08
C13 HEA J . -7.98 -48.38 10.66
C14 HEA J . -7.40 -49.52 9.86
C15 HEA J . -6.45 -50.30 10.39
C16 HEA J . -5.88 -51.43 9.59
C17 HEA J . -6.87 -52.59 9.59
C18 HEA J . -6.82 -53.29 10.93
C19 HEA J . -6.45 -54.58 11.01
C20 HEA J . -6.40 -55.24 12.36
C21 HEA J . -4.95 -55.56 12.72
C22 HEA J . -4.13 -54.29 12.69
C23 HEA J . -3.66 -53.75 13.83
C24 HEA J . -2.85 -52.48 13.77
C25 HEA J . -3.93 -54.40 15.15
C26 HEA J . -5.95 -50.03 11.79
C27 HEA J . -6.07 -55.34 9.77
CU CU K . -8.01 -37.78 11.30
C1 MQ7 L . -13.84 -29.62 -21.12
O1 MQ7 L . -14.06 -29.64 -22.36
C2 MQ7 L . -14.98 -29.48 -20.18
C2M MQ7 L . -16.38 -29.36 -20.72
C3 MQ7 L . -14.73 -29.48 -18.71
C4 MQ7 L . -13.34 -29.60 -18.19
O4 MQ7 L . -13.11 -29.59 -16.97
C5 MQ7 L . -12.20 -29.73 -19.15
C6 MQ7 L . -10.89 -29.85 -18.70
C7 MQ7 L . -9.85 -29.98 -19.61
C8 MQ7 L . -10.08 -29.99 -20.98
C9 MQ7 L . -11.38 -29.88 -21.48
C10 MQ7 L . -12.45 -29.75 -20.62
C11 MQ7 L . -15.88 -29.34 -17.73
C12 MQ7 L . -16.63 -30.64 -17.61
C13 MQ7 L . -17.34 -30.93 -16.50
C14 MQ7 L . -17.42 -29.95 -15.36
C15 MQ7 L . -18.08 -32.24 -16.42
C16 MQ7 L . -19.06 -32.38 -17.57
C17 MQ7 L . -20.16 -31.34 -17.43
C18 MQ7 L . -21.12 -31.20 -18.36
C19 MQ7 L . -21.12 -32.08 -19.58
C20 MQ7 L . -22.21 -30.17 -18.20
C21 MQ7 L . -22.34 -29.78 -16.73
C22 MQ7 L . -23.66 -29.08 -16.50
C23 MQ7 L . -24.49 -29.49 -15.53
C24 MQ7 L . -24.11 -30.64 -14.64
C25 MQ7 L . -25.81 -28.78 -15.31
C26 MQ7 L . -26.40 -28.35 -16.64
C27 MQ7 L . -27.60 -27.48 -16.40
FE HEA M . -0.06 35.35 -13.33
CHA HEA M . -0.43 32.89 -11.07
CHB HEA M . -3.41 35.97 -13.69
CHC HEA M . 0.60 37.03 -16.27
CHD HEA M . 3.18 35.91 -12.25
NA HEA M . -1.65 34.38 -12.71
C1A HEA M . -1.54 33.79 -11.36
C2A HEA M . -2.65 34.15 -10.43
C3A HEA M . -3.50 35.06 -11.24
C4A HEA M . -2.87 35.18 -12.57
CMA HEA M . -4.74 35.72 -10.78
OMA HEA M . -5.68 35.92 -11.56
CAA HEA M . -2.84 33.72 -8.99
CBA HEA M . -3.14 32.22 -8.92
CGA HEA M . -4.04 31.94 -7.74
O1A HEA M . -4.97 31.12 -7.89
O2A HEA M . -3.81 32.53 -6.67
NB HEA M . -1.24 36.35 -14.77
C1B HEA M . -2.57 36.51 -14.77
C2B HEA M . -3.12 37.27 -15.92
C3B HEA M . -1.92 37.60 -16.70
C4B HEA M . -0.83 36.97 -15.90
CMB HEA M . -4.54 37.62 -16.22
NC HEA M . 1.63 36.32 -14.14
C1C HEA M . 1.73 36.96 -15.33
C2C HEA M . 3.05 37.56 -15.63
C3C HEA M . 3.81 37.21 -14.41
C4C HEA M . 2.84 36.46 -13.57
CMC HEA M . 3.48 38.32 -16.86
CAC HEA M . 5.22 37.51 -14.06
CBC HEA M . 6.17 37.68 -14.97
ND HEA M . 1.19 34.50 -11.86
C1D HEA M . 2.47 34.82 -11.56
C2D HEA M . 3.07 34.03 -10.45
C3D HEA M . 1.99 33.10 -10.08
C4D HEA M . 0.91 33.49 -11.02
CMD HEA M . 4.46 34.14 -9.88
CAD HEA M . 1.99 32.03 -9.03
CBD HEA M . 2.94 30.92 -9.42
CGD HEA M . 2.59 29.65 -8.70
O1D HEA M . 2.69 29.62 -7.46
O2D HEA M . 2.22 28.66 -9.37
C11 HEA M . -1.85 38.35 -17.97
O11 HEA M . -0.63 39.09 -18.07
C12 HEA M . -1.96 37.37 -19.14
C13 HEA M . -0.93 37.69 -20.22
C14 HEA M . -1.37 37.03 -21.51
C15 HEA M . -0.85 37.39 -22.69
C16 HEA M . -1.34 36.70 -23.95
C17 HEA M . -2.86 36.66 -23.93
C18 HEA M . -3.34 35.31 -24.44
C19 HEA M . -4.17 35.23 -25.48
C20 HEA M . -4.63 33.88 -25.97
C21 HEA M . -6.13 33.91 -26.23
C22 HEA M . -6.49 32.81 -27.20
C23 HEA M . -7.24 31.77 -26.82
C24 HEA M . -7.58 30.69 -27.80
C25 HEA M . -7.74 31.68 -25.41
C26 HEA M . 0.20 38.46 -22.77
C27 HEA M . -4.64 36.48 -26.18
FE HEA N . 7.94 41.47 -3.16
CHA HEA N . 5.94 38.84 -2.31
CHB HEA N . 7.74 42.93 -0.03
CHC HEA N . 9.85 44.19 -4.24
CHD HEA N . 8.60 39.89 -6.23
NA HEA N . 6.81 41.11 -1.58
C1A HEA N . 6.49 39.71 -1.28
C2A HEA N . 6.70 39.28 0.13
C3A HEA N . 7.23 40.51 0.77
C4A HEA N . 7.30 41.55 -0.27
CMA HEA N . 7.64 40.64 2.20
OMA HEA N . 8.41 41.51 2.55
CAA HEA N . 6.44 37.93 0.75
CBA HEA N . 4.98 37.84 1.13
CGA HEA N . 4.69 36.50 1.77
O1A HEA N . 5.19 36.25 2.88
O2A HEA N . 3.95 35.70 1.15
NB HEA N . 8.66 43.26 -2.28
C1B HEA N . 8.51 43.70 -1.01
C2B HEA N . 9.14 45.00 -0.68
C3B HEA N . 9.77 45.37 -1.95
C4B HEA N . 9.41 44.23 -2.83
CMB HEA N . 9.14 45.74 0.63
NC HEA N . 9.03 41.95 -4.91
C1C HEA N . 9.74 43.08 -5.17
C2C HEA N . 10.41 43.15 -6.50
C3C HEA N . 10.02 41.86 -7.08
C4C HEA N . 9.20 41.21 -6.03
CMC HEA N . 11.26 44.27 -7.05
CAC HEA N . 10.37 41.29 -8.40
CBC HEA N . 10.60 42.05 -9.44
ND HEA N . 7.35 39.66 -4.09
C1D HEA N . 7.70 39.17 -5.30
C2D HEA N . 7.12 37.85 -5.67
C3D HEA N . 6.31 37.52 -4.50
C4D HEA N . 6.54 38.70 -3.62
CMD HEA N . 7.32 37.06 -6.94
CAD HEA N . 5.45 36.30 -4.25
CBD HEA N . 6.31 35.03 -4.23
CGD HEA N . 5.41 33.83 -4.03
O1D HEA N . 5.03 33.56 -2.87
O2D HEA N . 5.11 33.14 -5.02
C11 HEA N . 10.57 46.58 -2.26
O11 HEA N . 11.75 46.22 -3.00
C12 HEA N . 9.73 47.56 -3.06
C13 HEA N . 10.38 48.94 -3.08
C14 HEA N . 9.36 49.95 -3.53
C15 HEA N . 8.86 50.84 -2.67
C16 HEA N . 7.84 51.85 -3.14
C17 HEA N . 8.53 52.96 -3.92
C18 HEA N . 9.24 53.88 -2.96
C19 HEA N . 8.88 55.17 -2.85
C20 HEA N . 9.61 56.06 -1.87
C21 HEA N . 8.66 56.46 -0.74
C22 HEA N . 8.14 55.21 -0.05
C23 HEA N . 8.52 54.91 1.19
C24 HEA N . 7.99 53.67 1.84
C25 HEA N . 9.46 55.80 1.95
C26 HEA N . 9.31 50.83 -1.24
C27 HEA N . 7.78 55.73 -3.69
CU CU O . 11.00 38.84 -1.74
C1 MQ7 P . -2.14 25.46 -29.26
O1 MQ7 P . -2.67 25.30 -30.38
C2 MQ7 P . -0.66 25.42 -29.12
C2M MQ7 P . 0.18 25.17 -30.35
C3 MQ7 P . -0.03 25.62 -27.79
C4 MQ7 P . -0.87 25.87 -26.59
O4 MQ7 P . -0.34 26.04 -25.47
C5 MQ7 P . -2.36 25.91 -26.73
C6 MQ7 P . -3.17 26.13 -25.63
C7 MQ7 P . -4.55 26.18 -25.78
C8 MQ7 P . -5.14 25.99 -27.03
C9 MQ7 P . -4.37 25.76 -28.17
C10 MQ7 P . -2.99 25.71 -28.05
C11 MQ7 P . 1.48 25.57 -27.65
C12 MQ7 P . 2.09 26.86 -28.15
C13 MQ7 P . 3.29 27.29 -27.73
C14 MQ7 P . 4.06 26.48 -26.72
C15 MQ7 P . 3.86 28.57 -28.26
C16 MQ7 P . 3.97 28.49 -29.78
C17 MQ7 P . 4.98 27.43 -30.16
C18 MQ7 P . 5.22 27.11 -31.44
C19 MQ7 P . 4.46 27.80 -32.54
C20 MQ7 P . 6.24 26.05 -31.77
C21 MQ7 P . 7.20 25.88 -30.61
C22 MQ7 P . 8.44 25.14 -31.07
C23 MQ7 P . 9.66 25.64 -30.82
C24 MQ7 P . 9.80 26.94 -30.07
C25 MQ7 P . 10.90 24.91 -31.28
C26 MQ7 P . 10.63 24.25 -32.63
C27 MQ7 P . 11.79 23.36 -32.98
#